data_7BLK
# 
_entry.id   7BLK 
# 
_audit_conform.dict_name       mmcif_pdbx.dic 
_audit_conform.dict_version    5.384 
_audit_conform.dict_location   http://mmcif.pdb.org/dictionaries/ascii/mmcif_pdbx.dic 
# 
loop_
_database_2.database_id 
_database_2.database_code 
_database_2.pdbx_database_accession 
_database_2.pdbx_DOI 
PDB   7BLK         pdb_00007blk 10.2210/pdb7blk/pdb 
WWPDB D_1292113560 ?            ?                   
# 
loop_
_pdbx_audit_revision_history.ordinal 
_pdbx_audit_revision_history.data_content_type 
_pdbx_audit_revision_history.major_revision 
_pdbx_audit_revision_history.minor_revision 
_pdbx_audit_revision_history.revision_date 
1 'Structure model' 1 0 2022-03-02 
2 'Structure model' 1 1 2024-01-31 
# 
_pdbx_audit_revision_details.ordinal             1 
_pdbx_audit_revision_details.revision_ordinal    1 
_pdbx_audit_revision_details.data_content_type   'Structure model' 
_pdbx_audit_revision_details.provider            repository 
_pdbx_audit_revision_details.type                'Initial release' 
_pdbx_audit_revision_details.description         ? 
_pdbx_audit_revision_details.details             ? 
# 
loop_
_pdbx_audit_revision_group.ordinal 
_pdbx_audit_revision_group.revision_ordinal 
_pdbx_audit_revision_group.data_content_type 
_pdbx_audit_revision_group.group 
1 2 'Structure model' 'Data collection'        
2 2 'Structure model' 'Refinement description' 
# 
loop_
_pdbx_audit_revision_category.ordinal 
_pdbx_audit_revision_category.revision_ordinal 
_pdbx_audit_revision_category.data_content_type 
_pdbx_audit_revision_category.category 
1 2 'Structure model' chem_comp_atom                
2 2 'Structure model' chem_comp_bond                
3 2 'Structure model' pdbx_initial_refinement_model 
# 
_pdbx_database_status.status_code                     REL 
_pdbx_database_status.status_code_sf                  REL 
_pdbx_database_status.status_code_mr                  ? 
_pdbx_database_status.entry_id                        7BLK 
_pdbx_database_status.recvd_initial_deposition_date   2021-01-18 
_pdbx_database_status.SG_entry                        N 
_pdbx_database_status.deposit_site                    PDBE 
_pdbx_database_status.process_site                    PDBE 
_pdbx_database_status.status_code_cs                  ? 
_pdbx_database_status.status_code_nmr_data            ? 
_pdbx_database_status.methods_development_category    ? 
_pdbx_database_status.pdb_format_compatible           Y 
# 
_pdbx_database_related.db_name        PDB 
_pdbx_database_related.details        '7BLG contains BT3015C in complex with galactose' 
_pdbx_database_related.db_id          7BLG 
_pdbx_database_related.content_type   unspecified 
# 
_audit_author.name               'Costa, R.L.' 
_audit_author.pdbx_ordinal       1 
_audit_author.identifier_ORCID   0000-0002-7973-0721 
# 
_citation.abstract                  ? 
_citation.abstract_id_CAS           ? 
_citation.book_id_ISBN              ? 
_citation.book_publisher            ? 
_citation.book_publisher_city       ? 
_citation.book_title                ? 
_citation.coordinate_linkage        ? 
_citation.country                   ? 
_citation.database_id_Medline       ? 
_citation.details                   ? 
_citation.id                        primary 
_citation.journal_abbrev            'To Be Published' 
_citation.journal_id_ASTM           ? 
_citation.journal_id_CSD            0353 
_citation.journal_id_ISSN           ? 
_citation.journal_full              ? 
_citation.journal_issue             ? 
_citation.journal_volume            ? 
_citation.language                  ? 
_citation.page_first                ? 
_citation.page_last                 ? 
_citation.title                     
'Structural basis for mucin-type O-glycan recognition by proteins of a Bacteroides thetaiotaomicron polysaccharide utilization loci' 
_citation.year                      ? 
_citation.database_id_CSD           ? 
_citation.pdbx_database_id_DOI      ? 
_citation.pdbx_database_id_PubMed   ? 
_citation.pdbx_database_id_patent   ? 
_citation.unpublished_flag          ? 
# 
loop_
_citation_author.citation_id 
_citation_author.name 
_citation_author.ordinal 
_citation_author.identifier_ORCID 
primary 'Costa, R.L.'   1 0000-0002-7973-0721 
primary 'Correia, V.G.' 2 0000-0001-9251-7100 
# 
loop_
_entity.id 
_entity.type 
_entity.src_method 
_entity.pdbx_description 
_entity.formula_weight 
_entity.pdbx_number_of_molecules 
_entity.pdbx_ec 
_entity.pdbx_mutation 
_entity.pdbx_fragment 
_entity.details 
1 polymer     man 'family 32 carbohydrate-binding module from Bacteroides thetaiotaomicron' 17917.562 1   ? ? ? ? 
2 non-polymer syn 'CALCIUM ION'                                                             40.078    1   ? ? ? ? 
3 water       nat water                                                                     18.015    186 ? ? ? ? 
# 
_entity_poly.entity_id                      1 
_entity_poly.type                           'polypeptide(L)' 
_entity_poly.nstd_linkage                   no 
_entity_poly.nstd_monomer                   no 
_entity_poly.pdbx_seq_one_letter_code       
;MGSSHHHHHHSSGPQQGLRKGDIKIKIVSGTASSFQSGSNIEKSFDGDYSTLYHSSWSNGASNYFPITLTYNFETVTDVD
YLIYHPRNNGNNGRFKETEIQYSADGHTFTKLIDKDFQGSATAGKVTFDQTIQAKSFRFIVKSGSGDGQGFASCAEMEFF
AK
;
_entity_poly.pdbx_seq_one_letter_code_can   
;MGSSHHHHHHSSGPQQGLRKGDIKIKIVSGTASSFQSGSNIEKSFDGDYSTLYHSSWSNGASNYFPITLTYNFETVTDVD
YLIYHPRNNGNNGRFKETEIQYSADGHTFTKLIDKDFQGSATAGKVTFDQTIQAKSFRFIVKSGSGDGQGFASCAEMEFF
AK
;
_entity_poly.pdbx_strand_id                 A 
_entity_poly.pdbx_target_identifier         ? 
# 
loop_
_pdbx_entity_nonpoly.entity_id 
_pdbx_entity_nonpoly.name 
_pdbx_entity_nonpoly.comp_id 
2 'CALCIUM ION' CA  
3 water         HOH 
# 
loop_
_entity_poly_seq.entity_id 
_entity_poly_seq.num 
_entity_poly_seq.mon_id 
_entity_poly_seq.hetero 
1 1   MET n 
1 2   GLY n 
1 3   SER n 
1 4   SER n 
1 5   HIS n 
1 6   HIS n 
1 7   HIS n 
1 8   HIS n 
1 9   HIS n 
1 10  HIS n 
1 11  SER n 
1 12  SER n 
1 13  GLY n 
1 14  PRO n 
1 15  GLN n 
1 16  GLN n 
1 17  GLY n 
1 18  LEU n 
1 19  ARG n 
1 20  LYS n 
1 21  GLY n 
1 22  ASP n 
1 23  ILE n 
1 24  LYS n 
1 25  ILE n 
1 26  LYS n 
1 27  ILE n 
1 28  VAL n 
1 29  SER n 
1 30  GLY n 
1 31  THR n 
1 32  ALA n 
1 33  SER n 
1 34  SER n 
1 35  PHE n 
1 36  GLN n 
1 37  SER n 
1 38  GLY n 
1 39  SER n 
1 40  ASN n 
1 41  ILE n 
1 42  GLU n 
1 43  LYS n 
1 44  SER n 
1 45  PHE n 
1 46  ASP n 
1 47  GLY n 
1 48  ASP n 
1 49  TYR n 
1 50  SER n 
1 51  THR n 
1 52  LEU n 
1 53  TYR n 
1 54  HIS n 
1 55  SER n 
1 56  SER n 
1 57  TRP n 
1 58  SER n 
1 59  ASN n 
1 60  GLY n 
1 61  ALA n 
1 62  SER n 
1 63  ASN n 
1 64  TYR n 
1 65  PHE n 
1 66  PRO n 
1 67  ILE n 
1 68  THR n 
1 69  LEU n 
1 70  THR n 
1 71  TYR n 
1 72  ASN n 
1 73  PHE n 
1 74  GLU n 
1 75  THR n 
1 76  VAL n 
1 77  THR n 
1 78  ASP n 
1 79  VAL n 
1 80  ASP n 
1 81  TYR n 
1 82  LEU n 
1 83  ILE n 
1 84  TYR n 
1 85  HIS n 
1 86  PRO n 
1 87  ARG n 
1 88  ASN n 
1 89  ASN n 
1 90  GLY n 
1 91  ASN n 
1 92  ASN n 
1 93  GLY n 
1 94  ARG n 
1 95  PHE n 
1 96  LYS n 
1 97  GLU n 
1 98  THR n 
1 99  GLU n 
1 100 ILE n 
1 101 GLN n 
1 102 TYR n 
1 103 SER n 
1 104 ALA n 
1 105 ASP n 
1 106 GLY n 
1 107 HIS n 
1 108 THR n 
1 109 PHE n 
1 110 THR n 
1 111 LYS n 
1 112 LEU n 
1 113 ILE n 
1 114 ASP n 
1 115 LYS n 
1 116 ASP n 
1 117 PHE n 
1 118 GLN n 
1 119 GLY n 
1 120 SER n 
1 121 ALA n 
1 122 THR n 
1 123 ALA n 
1 124 GLY n 
1 125 LYS n 
1 126 VAL n 
1 127 THR n 
1 128 PHE n 
1 129 ASP n 
1 130 GLN n 
1 131 THR n 
1 132 ILE n 
1 133 GLN n 
1 134 ALA n 
1 135 LYS n 
1 136 SER n 
1 137 PHE n 
1 138 ARG n 
1 139 PHE n 
1 140 ILE n 
1 141 VAL n 
1 142 LYS n 
1 143 SER n 
1 144 GLY n 
1 145 SER n 
1 146 GLY n 
1 147 ASP n 
1 148 GLY n 
1 149 GLN n 
1 150 GLY n 
1 151 PHE n 
1 152 ALA n 
1 153 SER n 
1 154 CYS n 
1 155 ALA n 
1 156 GLU n 
1 157 MET n 
1 158 GLU n 
1 159 PHE n 
1 160 PHE n 
1 161 ALA n 
1 162 LYS n 
# 
_entity_src_gen.entity_id                          1 
_entity_src_gen.pdbx_src_id                        1 
_entity_src_gen.pdbx_alt_source_flag               sample 
_entity_src_gen.pdbx_seq_type                      'Biological sequence' 
_entity_src_gen.pdbx_beg_seq_num                   1 
_entity_src_gen.pdbx_end_seq_num                   162 
_entity_src_gen.gene_src_common_name               ? 
_entity_src_gen.gene_src_genus                     ? 
_entity_src_gen.pdbx_gene_src_gene                 BT_3015 
_entity_src_gen.gene_src_species                   ? 
_entity_src_gen.gene_src_strain                    'ATCC 29148 / DSM 2079 / NCTC 10582 / E50 / VPI-5482' 
_entity_src_gen.gene_src_tissue                    ? 
_entity_src_gen.gene_src_tissue_fraction           ? 
_entity_src_gen.gene_src_details                   ? 
_entity_src_gen.pdbx_gene_src_fragment             ? 
_entity_src_gen.pdbx_gene_src_scientific_name      
'Bacteroides thetaiotaomicron (strain ATCC 29148 / DSM 2079 / NCTC 10582 / E50 / VPI-5482)' 
_entity_src_gen.pdbx_gene_src_ncbi_taxonomy_id     226186 
_entity_src_gen.pdbx_gene_src_variant              ? 
_entity_src_gen.pdbx_gene_src_cell_line            ? 
_entity_src_gen.pdbx_gene_src_atcc                 ? 
_entity_src_gen.pdbx_gene_src_organ                ? 
_entity_src_gen.pdbx_gene_src_organelle            ? 
_entity_src_gen.pdbx_gene_src_cell                 ? 
_entity_src_gen.pdbx_gene_src_cellular_location    ? 
_entity_src_gen.host_org_common_name               ? 
_entity_src_gen.pdbx_host_org_scientific_name      
;Escherichia coli 'BL21-Gold(DE3)pLysS AG'
;
_entity_src_gen.pdbx_host_org_ncbi_taxonomy_id     866768 
_entity_src_gen.host_org_genus                     ? 
_entity_src_gen.pdbx_host_org_gene                 ? 
_entity_src_gen.pdbx_host_org_organ                ? 
_entity_src_gen.host_org_species                   ? 
_entity_src_gen.pdbx_host_org_tissue               ? 
_entity_src_gen.pdbx_host_org_tissue_fraction      ? 
_entity_src_gen.pdbx_host_org_strain               ? 
_entity_src_gen.pdbx_host_org_variant              ? 
_entity_src_gen.pdbx_host_org_cell_line            ? 
_entity_src_gen.pdbx_host_org_atcc                 ? 
_entity_src_gen.pdbx_host_org_culture_collection   ? 
_entity_src_gen.pdbx_host_org_cell                 ? 
_entity_src_gen.pdbx_host_org_organelle            ? 
_entity_src_gen.pdbx_host_org_cellular_location    ? 
_entity_src_gen.pdbx_host_org_vector_type          ? 
_entity_src_gen.pdbx_host_org_vector               ? 
_entity_src_gen.host_org_details                   ? 
_entity_src_gen.expression_system_id               ? 
_entity_src_gen.plasmid_name                       ? 
_entity_src_gen.plasmid_details                    ? 
_entity_src_gen.pdbx_description                   ? 
# 
loop_
_chem_comp.id 
_chem_comp.type 
_chem_comp.mon_nstd_flag 
_chem_comp.name 
_chem_comp.pdbx_synonyms 
_chem_comp.formula 
_chem_comp.formula_weight 
ALA 'L-peptide linking' y ALANINE         ? 'C3 H7 N O2'     89.093  
ARG 'L-peptide linking' y ARGININE        ? 'C6 H15 N4 O2 1' 175.209 
ASN 'L-peptide linking' y ASPARAGINE      ? 'C4 H8 N2 O3'    132.118 
ASP 'L-peptide linking' y 'ASPARTIC ACID' ? 'C4 H7 N O4'     133.103 
CA  non-polymer         . 'CALCIUM ION'   ? 'Ca 2'           40.078  
CYS 'L-peptide linking' y CYSTEINE        ? 'C3 H7 N O2 S'   121.158 
GLN 'L-peptide linking' y GLUTAMINE       ? 'C5 H10 N2 O3'   146.144 
GLU 'L-peptide linking' y 'GLUTAMIC ACID' ? 'C5 H9 N O4'     147.129 
GLY 'peptide linking'   y GLYCINE         ? 'C2 H5 N O2'     75.067  
HIS 'L-peptide linking' y HISTIDINE       ? 'C6 H10 N3 O2 1' 156.162 
HOH non-polymer         . WATER           ? 'H2 O'           18.015  
ILE 'L-peptide linking' y ISOLEUCINE      ? 'C6 H13 N O2'    131.173 
LEU 'L-peptide linking' y LEUCINE         ? 'C6 H13 N O2'    131.173 
LYS 'L-peptide linking' y LYSINE          ? 'C6 H15 N2 O2 1' 147.195 
MET 'L-peptide linking' y METHIONINE      ? 'C5 H11 N O2 S'  149.211 
PHE 'L-peptide linking' y PHENYLALANINE   ? 'C9 H11 N O2'    165.189 
PRO 'L-peptide linking' y PROLINE         ? 'C5 H9 N O2'     115.130 
SER 'L-peptide linking' y SERINE          ? 'C3 H7 N O3'     105.093 
THR 'L-peptide linking' y THREONINE       ? 'C4 H9 N O3'     119.119 
TRP 'L-peptide linking' y TRYPTOPHAN      ? 'C11 H12 N2 O2'  204.225 
TYR 'L-peptide linking' y TYROSINE        ? 'C9 H11 N O3'    181.189 
VAL 'L-peptide linking' y VALINE          ? 'C5 H11 N O2'    117.146 
# 
loop_
_pdbx_poly_seq_scheme.asym_id 
_pdbx_poly_seq_scheme.entity_id 
_pdbx_poly_seq_scheme.seq_id 
_pdbx_poly_seq_scheme.mon_id 
_pdbx_poly_seq_scheme.ndb_seq_num 
_pdbx_poly_seq_scheme.pdb_seq_num 
_pdbx_poly_seq_scheme.auth_seq_num 
_pdbx_poly_seq_scheme.pdb_mon_id 
_pdbx_poly_seq_scheme.auth_mon_id 
_pdbx_poly_seq_scheme.pdb_strand_id 
_pdbx_poly_seq_scheme.pdb_ins_code 
_pdbx_poly_seq_scheme.hetero 
A 1 1   MET 1   1   ?   ?   ?   A . n 
A 1 2   GLY 2   2   ?   ?   ?   A . n 
A 1 3   SER 3   3   ?   ?   ?   A . n 
A 1 4   SER 4   4   ?   ?   ?   A . n 
A 1 5   HIS 5   5   ?   ?   ?   A . n 
A 1 6   HIS 6   6   ?   ?   ?   A . n 
A 1 7   HIS 7   7   ?   ?   ?   A . n 
A 1 8   HIS 8   8   ?   ?   ?   A . n 
A 1 9   HIS 9   9   ?   ?   ?   A . n 
A 1 10  HIS 10  10  ?   ?   ?   A . n 
A 1 11  SER 11  11  ?   ?   ?   A . n 
A 1 12  SER 12  12  ?   ?   ?   A . n 
A 1 13  GLY 13  13  ?   ?   ?   A . n 
A 1 14  PRO 14  14  ?   ?   ?   A . n 
A 1 15  GLN 15  15  ?   ?   ?   A . n 
A 1 16  GLN 16  16  ?   ?   ?   A . n 
A 1 17  GLY 17  17  ?   ?   ?   A . n 
A 1 18  LEU 18  18  ?   ?   ?   A . n 
A 1 19  ARG 19  19  ?   ?   ?   A . n 
A 1 20  LYS 20  20  ?   ?   ?   A . n 
A 1 21  GLY 21  21  21  GLY GLY A . n 
A 1 22  ASP 22  22  22  ASP ASP A . n 
A 1 23  ILE 23  23  23  ILE ILE A . n 
A 1 24  LYS 24  24  24  LYS LYS A . n 
A 1 25  ILE 25  25  25  ILE ILE A . n 
A 1 26  LYS 26  26  26  LYS LYS A . n 
A 1 27  ILE 27  27  27  ILE ILE A . n 
A 1 28  VAL 28  28  28  VAL VAL A . n 
A 1 29  SER 29  29  29  SER SER A . n 
A 1 30  GLY 30  30  30  GLY GLY A . n 
A 1 31  THR 31  31  31  THR THR A . n 
A 1 32  ALA 32  32  32  ALA ALA A . n 
A 1 33  SER 33  33  33  SER SER A . n 
A 1 34  SER 34  34  34  SER SER A . n 
A 1 35  PHE 35  35  35  PHE PHE A . n 
A 1 36  GLN 36  36  36  GLN GLN A . n 
A 1 37  SER 37  37  37  SER SER A . n 
A 1 38  GLY 38  38  38  GLY GLY A . n 
A 1 39  SER 39  39  39  SER SER A . n 
A 1 40  ASN 40  40  40  ASN ASN A . n 
A 1 41  ILE 41  41  41  ILE ILE A . n 
A 1 42  GLU 42  42  42  GLU GLU A . n 
A 1 43  LYS 43  43  43  LYS LYS A . n 
A 1 44  SER 44  44  44  SER SER A . n 
A 1 45  PHE 45  45  45  PHE PHE A . n 
A 1 46  ASP 46  46  46  ASP ASP A . n 
A 1 47  GLY 47  47  47  GLY GLY A . n 
A 1 48  ASP 48  48  48  ASP ASP A . n 
A 1 49  TYR 49  49  49  TYR TYR A . n 
A 1 50  SER 50  50  50  SER SER A . n 
A 1 51  THR 51  51  51  THR THR A . n 
A 1 52  LEU 52  52  52  LEU LEU A . n 
A 1 53  TYR 53  53  53  TYR TYR A . n 
A 1 54  HIS 54  54  54  HIS HIS A . n 
A 1 55  SER 55  55  55  SER SER A . n 
A 1 56  SER 56  56  56  SER SER A . n 
A 1 57  TRP 57  57  57  TRP TRP A . n 
A 1 58  SER 58  58  58  SER SER A . n 
A 1 59  ASN 59  59  59  ASN ASN A . n 
A 1 60  GLY 60  60  60  GLY GLY A . n 
A 1 61  ALA 61  61  61  ALA ALA A . n 
A 1 62  SER 62  62  62  SER SER A . n 
A 1 63  ASN 63  63  63  ASN ASN A . n 
A 1 64  TYR 64  64  64  TYR TYR A . n 
A 1 65  PHE 65  65  65  PHE PHE A . n 
A 1 66  PRO 66  66  66  PRO PRO A . n 
A 1 67  ILE 67  67  67  ILE ILE A . n 
A 1 68  THR 68  68  68  THR THR A . n 
A 1 69  LEU 69  69  69  LEU LEU A . n 
A 1 70  THR 70  70  70  THR THR A . n 
A 1 71  TYR 71  71  71  TYR TYR A . n 
A 1 72  ASN 72  72  72  ASN ASN A . n 
A 1 73  PHE 73  73  73  PHE PHE A . n 
A 1 74  GLU 74  74  74  GLU GLU A . n 
A 1 75  THR 75  75  75  THR THR A . n 
A 1 76  VAL 76  76  76  VAL VAL A . n 
A 1 77  THR 77  77  77  THR THR A . n 
A 1 78  ASP 78  78  78  ASP ASP A . n 
A 1 79  VAL 79  79  79  VAL VAL A . n 
A 1 80  ASP 80  80  80  ASP ASP A . n 
A 1 81  TYR 81  81  81  TYR TYR A . n 
A 1 82  LEU 82  82  82  LEU LEU A . n 
A 1 83  ILE 83  83  83  ILE ILE A . n 
A 1 84  TYR 84  84  84  TYR TYR A . n 
A 1 85  HIS 85  85  85  HIS HIS A . n 
A 1 86  PRO 86  86  86  PRO PRO A . n 
A 1 87  ARG 87  87  87  ARG ARG A . n 
A 1 88  ASN 88  88  88  ASN ASN A . n 
A 1 89  ASN 89  89  89  ASN ASN A . n 
A 1 90  GLY 90  90  90  GLY GLY A . n 
A 1 91  ASN 91  91  91  ASN ASN A . n 
A 1 92  ASN 92  92  92  ASN ASN A . n 
A 1 93  GLY 93  93  93  GLY GLY A . n 
A 1 94  ARG 94  94  94  ARG ARG A . n 
A 1 95  PHE 95  95  95  PHE PHE A . n 
A 1 96  LYS 96  96  96  LYS LYS A . n 
A 1 97  GLU 97  97  97  GLU GLU A . n 
A 1 98  THR 98  98  98  THR THR A . n 
A 1 99  GLU 99  99  99  GLU GLU A . n 
A 1 100 ILE 100 100 100 ILE ILE A . n 
A 1 101 GLN 101 101 101 GLN GLN A . n 
A 1 102 TYR 102 102 102 TYR TYR A . n 
A 1 103 SER 103 103 103 SER SER A . n 
A 1 104 ALA 104 104 104 ALA ALA A . n 
A 1 105 ASP 105 105 105 ASP ASP A . n 
A 1 106 GLY 106 106 106 GLY GLY A . n 
A 1 107 HIS 107 107 107 HIS HIS A . n 
A 1 108 THR 108 108 108 THR THR A . n 
A 1 109 PHE 109 109 109 PHE PHE A . n 
A 1 110 THR 110 110 110 THR THR A . n 
A 1 111 LYS 111 111 111 LYS LYS A . n 
A 1 112 LEU 112 112 112 LEU LEU A . n 
A 1 113 ILE 113 113 113 ILE ILE A . n 
A 1 114 ASP 114 114 114 ASP ASP A . n 
A 1 115 LYS 115 115 115 LYS LYS A . n 
A 1 116 ASP 116 116 116 ASP ASP A . n 
A 1 117 PHE 117 117 117 PHE PHE A . n 
A 1 118 GLN 118 118 118 GLN GLN A . n 
A 1 119 GLY 119 119 119 GLY GLY A . n 
A 1 120 SER 120 120 120 SER SER A . n 
A 1 121 ALA 121 121 121 ALA ALA A . n 
A 1 122 THR 122 122 122 THR THR A . n 
A 1 123 ALA 123 123 123 ALA ALA A . n 
A 1 124 GLY 124 124 124 GLY GLY A . n 
A 1 125 LYS 125 125 125 LYS LYS A . n 
A 1 126 VAL 126 126 126 VAL VAL A . n 
A 1 127 THR 127 127 127 THR THR A . n 
A 1 128 PHE 128 128 128 PHE PHE A . n 
A 1 129 ASP 129 129 129 ASP ASP A . n 
A 1 130 GLN 130 130 130 GLN GLN A . n 
A 1 131 THR 131 131 131 THR THR A . n 
A 1 132 ILE 132 132 132 ILE ILE A . n 
A 1 133 GLN 133 133 133 GLN GLN A . n 
A 1 134 ALA 134 134 134 ALA ALA A . n 
A 1 135 LYS 135 135 135 LYS LYS A . n 
A 1 136 SER 136 136 136 SER SER A . n 
A 1 137 PHE 137 137 137 PHE PHE A . n 
A 1 138 ARG 138 138 138 ARG ARG A . n 
A 1 139 PHE 139 139 139 PHE PHE A . n 
A 1 140 ILE 140 140 140 ILE ILE A . n 
A 1 141 VAL 141 141 141 VAL VAL A . n 
A 1 142 LYS 142 142 142 LYS LYS A . n 
A 1 143 SER 143 143 143 SER SER A . n 
A 1 144 GLY 144 144 144 GLY GLY A . n 
A 1 145 SER 145 145 145 SER SER A . n 
A 1 146 GLY 146 146 146 GLY GLY A . n 
A 1 147 ASP 147 147 147 ASP ASP A . n 
A 1 148 GLY 148 148 148 GLY GLY A . n 
A 1 149 GLN 149 149 149 GLN GLN A . n 
A 1 150 GLY 150 150 150 GLY GLY A . n 
A 1 151 PHE 151 151 151 PHE PHE A . n 
A 1 152 ALA 152 152 152 ALA ALA A . n 
A 1 153 SER 153 153 153 SER SER A . n 
A 1 154 CYS 154 154 154 CYS CYS A . n 
A 1 155 ALA 155 155 155 ALA ALA A . n 
A 1 156 GLU 156 156 156 GLU GLU A . n 
A 1 157 MET 157 157 157 MET MET A . n 
A 1 158 GLU 158 158 158 GLU GLU A . n 
A 1 159 PHE 159 159 159 PHE PHE A . n 
A 1 160 PHE 160 160 160 PHE PHE A . n 
A 1 161 ALA 161 161 161 ALA ALA A . n 
A 1 162 LYS 162 162 162 LYS LYS A . n 
# 
loop_
_pdbx_nonpoly_scheme.asym_id 
_pdbx_nonpoly_scheme.entity_id 
_pdbx_nonpoly_scheme.mon_id 
_pdbx_nonpoly_scheme.ndb_seq_num 
_pdbx_nonpoly_scheme.pdb_seq_num 
_pdbx_nonpoly_scheme.auth_seq_num 
_pdbx_nonpoly_scheme.pdb_mon_id 
_pdbx_nonpoly_scheme.auth_mon_id 
_pdbx_nonpoly_scheme.pdb_strand_id 
_pdbx_nonpoly_scheme.pdb_ins_code 
B 2 CA  1   201 1   CA  CA  A . 
C 3 HOH 1   301 81  HOH HOH A . 
C 3 HOH 2   302 90  HOH HOH A . 
C 3 HOH 3   303 138 HOH HOH A . 
C 3 HOH 4   304 18  HOH HOH A . 
C 3 HOH 5   305 188 HOH HOH A . 
C 3 HOH 6   306 161 HOH HOH A . 
C 3 HOH 7   307 108 HOH HOH A . 
C 3 HOH 8   308 61  HOH HOH A . 
C 3 HOH 9   309 83  HOH HOH A . 
C 3 HOH 10  310 36  HOH HOH A . 
C 3 HOH 11  311 8   HOH HOH A . 
C 3 HOH 12  312 99  HOH HOH A . 
C 3 HOH 13  313 166 HOH HOH A . 
C 3 HOH 14  314 98  HOH HOH A . 
C 3 HOH 15  315 184 HOH HOH A . 
C 3 HOH 16  316 25  HOH HOH A . 
C 3 HOH 17  317 20  HOH HOH A . 
C 3 HOH 18  318 181 HOH HOH A . 
C 3 HOH 19  319 97  HOH HOH A . 
C 3 HOH 20  320 28  HOH HOH A . 
C 3 HOH 21  321 60  HOH HOH A . 
C 3 HOH 22  322 54  HOH HOH A . 
C 3 HOH 23  323 130 HOH HOH A . 
C 3 HOH 24  324 167 HOH HOH A . 
C 3 HOH 25  325 21  HOH HOH A . 
C 3 HOH 26  326 32  HOH HOH A . 
C 3 HOH 27  327 41  HOH HOH A . 
C 3 HOH 28  328 148 HOH HOH A . 
C 3 HOH 29  329 145 HOH HOH A . 
C 3 HOH 30  330 115 HOH HOH A . 
C 3 HOH 31  331 34  HOH HOH A . 
C 3 HOH 32  332 126 HOH HOH A . 
C 3 HOH 33  333 38  HOH HOH A . 
C 3 HOH 34  334 165 HOH HOH A . 
C 3 HOH 35  335 48  HOH HOH A . 
C 3 HOH 36  336 132 HOH HOH A . 
C 3 HOH 37  337 10  HOH HOH A . 
C 3 HOH 38  338 180 HOH HOH A . 
C 3 HOH 39  339 33  HOH HOH A . 
C 3 HOH 40  340 3   HOH HOH A . 
C 3 HOH 41  341 158 HOH HOH A . 
C 3 HOH 42  342 22  HOH HOH A . 
C 3 HOH 43  343 14  HOH HOH A . 
C 3 HOH 44  344 24  HOH HOH A . 
C 3 HOH 45  345 51  HOH HOH A . 
C 3 HOH 46  346 110 HOH HOH A . 
C 3 HOH 47  347 92  HOH HOH A . 
C 3 HOH 48  348 19  HOH HOH A . 
C 3 HOH 49  349 1   HOH HOH A . 
C 3 HOH 50  350 6   HOH HOH A . 
C 3 HOH 51  351 86  HOH HOH A . 
C 3 HOH 52  352 16  HOH HOH A . 
C 3 HOH 53  353 4   HOH HOH A . 
C 3 HOH 54  354 7   HOH HOH A . 
C 3 HOH 55  355 37  HOH HOH A . 
C 3 HOH 56  356 55  HOH HOH A . 
C 3 HOH 57  357 2   HOH HOH A . 
C 3 HOH 58  358 82  HOH HOH A . 
C 3 HOH 59  359 11  HOH HOH A . 
C 3 HOH 60  360 15  HOH HOH A . 
C 3 HOH 61  361 58  HOH HOH A . 
C 3 HOH 62  362 96  HOH HOH A . 
C 3 HOH 63  363 43  HOH HOH A . 
C 3 HOH 64  364 52  HOH HOH A . 
C 3 HOH 65  365 155 HOH HOH A . 
C 3 HOH 66  366 31  HOH HOH A . 
C 3 HOH 67  367 76  HOH HOH A . 
C 3 HOH 68  368 95  HOH HOH A . 
C 3 HOH 69  369 149 HOH HOH A . 
C 3 HOH 70  370 17  HOH HOH A . 
C 3 HOH 71  371 59  HOH HOH A . 
C 3 HOH 72  372 26  HOH HOH A . 
C 3 HOH 73  373 13  HOH HOH A . 
C 3 HOH 74  374 182 HOH HOH A . 
C 3 HOH 75  375 141 HOH HOH A . 
C 3 HOH 76  376 12  HOH HOH A . 
C 3 HOH 77  377 44  HOH HOH A . 
C 3 HOH 78  378 56  HOH HOH A . 
C 3 HOH 79  379 144 HOH HOH A . 
C 3 HOH 80  380 100 HOH HOH A . 
C 3 HOH 81  381 192 HOH HOH A . 
C 3 HOH 82  382 5   HOH HOH A . 
C 3 HOH 83  383 164 HOH HOH A . 
C 3 HOH 84  384 94  HOH HOH A . 
C 3 HOH 85  385 9   HOH HOH A . 
C 3 HOH 86  386 142 HOH HOH A . 
C 3 HOH 87  387 103 HOH HOH A . 
C 3 HOH 88  388 124 HOH HOH A . 
C 3 HOH 89  389 102 HOH HOH A . 
C 3 HOH 90  390 151 HOH HOH A . 
C 3 HOH 91  391 23  HOH HOH A . 
C 3 HOH 92  392 174 HOH HOH A . 
C 3 HOH 93  393 84  HOH HOH A . 
C 3 HOH 94  394 53  HOH HOH A . 
C 3 HOH 95  395 30  HOH HOH A . 
C 3 HOH 96  396 78  HOH HOH A . 
C 3 HOH 97  397 119 HOH HOH A . 
C 3 HOH 98  398 122 HOH HOH A . 
C 3 HOH 99  399 87  HOH HOH A . 
C 3 HOH 100 400 74  HOH HOH A . 
C 3 HOH 101 401 129 HOH HOH A . 
C 3 HOH 102 402 88  HOH HOH A . 
C 3 HOH 103 403 135 HOH HOH A . 
C 3 HOH 104 404 70  HOH HOH A . 
C 3 HOH 105 405 190 HOH HOH A . 
C 3 HOH 106 406 89  HOH HOH A . 
C 3 HOH 107 407 198 HOH HOH A . 
C 3 HOH 108 408 42  HOH HOH A . 
C 3 HOH 109 409 178 HOH HOH A . 
C 3 HOH 110 410 139 HOH HOH A . 
C 3 HOH 111 411 62  HOH HOH A . 
C 3 HOH 112 412 66  HOH HOH A . 
C 3 HOH 113 413 105 HOH HOH A . 
C 3 HOH 114 414 35  HOH HOH A . 
C 3 HOH 115 415 47  HOH HOH A . 
C 3 HOH 116 416 171 HOH HOH A . 
C 3 HOH 117 417 85  HOH HOH A . 
C 3 HOH 118 418 168 HOH HOH A . 
C 3 HOH 119 419 39  HOH HOH A . 
C 3 HOH 120 420 143 HOH HOH A . 
C 3 HOH 121 421 104 HOH HOH A . 
C 3 HOH 122 422 29  HOH HOH A . 
C 3 HOH 123 423 57  HOH HOH A . 
C 3 HOH 124 424 77  HOH HOH A . 
C 3 HOH 125 425 67  HOH HOH A . 
C 3 HOH 126 426 50  HOH HOH A . 
C 3 HOH 127 427 46  HOH HOH A . 
C 3 HOH 128 428 106 HOH HOH A . 
C 3 HOH 129 429 185 HOH HOH A . 
C 3 HOH 130 430 137 HOH HOH A . 
C 3 HOH 131 431 114 HOH HOH A . 
C 3 HOH 132 432 27  HOH HOH A . 
C 3 HOH 133 433 68  HOH HOH A . 
C 3 HOH 134 434 40  HOH HOH A . 
C 3 HOH 135 435 169 HOH HOH A . 
C 3 HOH 136 436 73  HOH HOH A . 
C 3 HOH 137 437 152 HOH HOH A . 
C 3 HOH 138 438 120 HOH HOH A . 
C 3 HOH 139 439 199 HOH HOH A . 
C 3 HOH 140 440 79  HOH HOH A . 
C 3 HOH 141 441 101 HOH HOH A . 
C 3 HOH 142 442 109 HOH HOH A . 
C 3 HOH 143 443 194 HOH HOH A . 
C 3 HOH 144 444 113 HOH HOH A . 
C 3 HOH 145 445 153 HOH HOH A . 
C 3 HOH 146 446 127 HOH HOH A . 
C 3 HOH 147 447 157 HOH HOH A . 
C 3 HOH 148 448 197 HOH HOH A . 
C 3 HOH 149 449 75  HOH HOH A . 
C 3 HOH 150 450 177 HOH HOH A . 
C 3 HOH 151 451 200 HOH HOH A . 
C 3 HOH 152 452 71  HOH HOH A . 
C 3 HOH 153 453 49  HOH HOH A . 
C 3 HOH 154 454 111 HOH HOH A . 
C 3 HOH 155 455 191 HOH HOH A . 
C 3 HOH 156 456 175 HOH HOH A . 
C 3 HOH 157 457 65  HOH HOH A . 
C 3 HOH 158 458 125 HOH HOH A . 
C 3 HOH 159 459 72  HOH HOH A . 
C 3 HOH 160 460 173 HOH HOH A . 
C 3 HOH 161 461 159 HOH HOH A . 
C 3 HOH 162 462 201 HOH HOH A . 
C 3 HOH 163 463 147 HOH HOH A . 
C 3 HOH 164 464 160 HOH HOH A . 
C 3 HOH 165 465 133 HOH HOH A . 
C 3 HOH 166 466 183 HOH HOH A . 
C 3 HOH 167 467 69  HOH HOH A . 
C 3 HOH 168 468 107 HOH HOH A . 
C 3 HOH 169 469 176 HOH HOH A . 
C 3 HOH 170 470 146 HOH HOH A . 
C 3 HOH 171 471 63  HOH HOH A . 
C 3 HOH 172 472 131 HOH HOH A . 
C 3 HOH 173 473 187 HOH HOH A . 
C 3 HOH 174 474 154 HOH HOH A . 
C 3 HOH 175 475 150 HOH HOH A . 
C 3 HOH 176 476 156 HOH HOH A . 
C 3 HOH 177 477 117 HOH HOH A . 
C 3 HOH 178 478 128 HOH HOH A . 
C 3 HOH 179 479 172 HOH HOH A . 
C 3 HOH 180 480 116 HOH HOH A . 
C 3 HOH 181 481 93  HOH HOH A . 
C 3 HOH 182 482 162 HOH HOH A . 
C 3 HOH 183 483 136 HOH HOH A . 
C 3 HOH 184 484 80  HOH HOH A . 
C 3 HOH 185 485 163 HOH HOH A . 
C 3 HOH 186 486 179 HOH HOH A . 
# 
loop_
_pdbx_unobs_or_zero_occ_atoms.id 
_pdbx_unobs_or_zero_occ_atoms.PDB_model_num 
_pdbx_unobs_or_zero_occ_atoms.polymer_flag 
_pdbx_unobs_or_zero_occ_atoms.occupancy_flag 
_pdbx_unobs_or_zero_occ_atoms.auth_asym_id 
_pdbx_unobs_or_zero_occ_atoms.auth_comp_id 
_pdbx_unobs_or_zero_occ_atoms.auth_seq_id 
_pdbx_unobs_or_zero_occ_atoms.PDB_ins_code 
_pdbx_unobs_or_zero_occ_atoms.auth_atom_id 
_pdbx_unobs_or_zero_occ_atoms.label_alt_id 
_pdbx_unobs_or_zero_occ_atoms.label_asym_id 
_pdbx_unobs_or_zero_occ_atoms.label_comp_id 
_pdbx_unobs_or_zero_occ_atoms.label_seq_id 
_pdbx_unobs_or_zero_occ_atoms.label_atom_id 
1 1 Y 1 A GLU 74 ? CG  ? A GLU 74 CG  
2 1 Y 1 A GLU 74 ? CD  ? A GLU 74 CD  
3 1 Y 1 A GLU 74 ? OE1 ? A GLU 74 OE1 
4 1 Y 1 A GLU 74 ? OE2 ? A GLU 74 OE2 
# 
loop_
_software.citation_id 
_software.classification 
_software.compiler_name 
_software.compiler_version 
_software.contact_author 
_software.contact_author_email 
_software.date 
_software.description 
_software.dependencies 
_software.hardware 
_software.language 
_software.location 
_software.mods 
_software.name 
_software.os 
_software.os_version 
_software.type 
_software.version 
_software.pdbx_ordinal 
? refinement       ? ? ? ? ? ? ? ? ? ? ? PHENIX ? ? ? 1.19.1_4122 1 
? 'data reduction' ? ? ? ? ? ? ? ? ? ? ? XDS    ? ? ? .           2 
? 'data scaling'   ? ? ? ? ? ? ? ? ? ? ? XDS    ? ? ? .           3 
? phasing          ? ? ? ? ? ? ? ? ? ? ? PHASER ? ? ? .           4 
# 
_cell.angle_alpha                  90.000 
_cell.angle_alpha_esd              ? 
_cell.angle_beta                   98.920 
_cell.angle_beta_esd               ? 
_cell.angle_gamma                  90.000 
_cell.angle_gamma_esd              ? 
_cell.entry_id                     7BLK 
_cell.details                      ? 
_cell.formula_units_Z              ? 
_cell.length_a                     36.682 
_cell.length_a_esd                 ? 
_cell.length_b                     34.291 
_cell.length_b_esd                 ? 
_cell.length_c                     47.587 
_cell.length_c_esd                 ? 
_cell.volume                       ? 
_cell.volume_esd                   ? 
_cell.Z_PDB                        2 
_cell.reciprocal_angle_alpha       ? 
_cell.reciprocal_angle_beta        ? 
_cell.reciprocal_angle_gamma       ? 
_cell.reciprocal_angle_alpha_esd   ? 
_cell.reciprocal_angle_beta_esd    ? 
_cell.reciprocal_angle_gamma_esd   ? 
_cell.reciprocal_length_a          ? 
_cell.reciprocal_length_b          ? 
_cell.reciprocal_length_c          ? 
_cell.reciprocal_length_a_esd      ? 
_cell.reciprocal_length_b_esd      ? 
_cell.reciprocal_length_c_esd      ? 
_cell.pdbx_unique_axis             ? 
# 
_symmetry.entry_id                         7BLK 
_symmetry.cell_setting                     ? 
_symmetry.Int_Tables_number                4 
_symmetry.space_group_name_Hall            ? 
_symmetry.space_group_name_H-M             'P 1 21 1' 
_symmetry.pdbx_full_space_group_name_H-M   ? 
# 
_exptl.absorpt_coefficient_mu     ? 
_exptl.absorpt_correction_T_max   ? 
_exptl.absorpt_correction_T_min   ? 
_exptl.absorpt_correction_type    ? 
_exptl.absorpt_process_details    ? 
_exptl.entry_id                   7BLK 
_exptl.crystals_number            1 
_exptl.details                    ? 
_exptl.method                     'X-RAY DIFFRACTION' 
_exptl.method_details             ? 
# 
_exptl_crystal.colour                      ? 
_exptl_crystal.density_diffrn              ? 
_exptl_crystal.density_Matthews            1.65 
_exptl_crystal.density_method              ? 
_exptl_crystal.density_percent_sol         25.46 
_exptl_crystal.description                 ? 
_exptl_crystal.F_000                       ? 
_exptl_crystal.id                          1 
_exptl_crystal.preparation                 ? 
_exptl_crystal.size_max                    ? 
_exptl_crystal.size_mid                    ? 
_exptl_crystal.size_min                    ? 
_exptl_crystal.size_rad                    ? 
_exptl_crystal.colour_lustre               ? 
_exptl_crystal.colour_modifier             ? 
_exptl_crystal.colour_primary              ? 
_exptl_crystal.density_meas                ? 
_exptl_crystal.density_meas_esd            ? 
_exptl_crystal.density_meas_gt             ? 
_exptl_crystal.density_meas_lt             ? 
_exptl_crystal.density_meas_temp           ? 
_exptl_crystal.density_meas_temp_esd       ? 
_exptl_crystal.density_meas_temp_gt        ? 
_exptl_crystal.density_meas_temp_lt        ? 
_exptl_crystal.pdbx_crystal_image_url      ? 
_exptl_crystal.pdbx_crystal_image_format   ? 
_exptl_crystal.pdbx_mosaicity              ? 
_exptl_crystal.pdbx_mosaicity_esd          ? 
# 
_exptl_crystal_grow.apparatus       ? 
_exptl_crystal_grow.atmosphere      ? 
_exptl_crystal_grow.crystal_id      1 
_exptl_crystal_grow.details         ? 
_exptl_crystal_grow.method          'VAPOR DIFFUSION, SITTING DROP' 
_exptl_crystal_grow.method_ref      ? 
_exptl_crystal_grow.pH              ? 
_exptl_crystal_grow.pressure        ? 
_exptl_crystal_grow.pressure_esd    ? 
_exptl_crystal_grow.seeding         ? 
_exptl_crystal_grow.seeding_ref     ? 
_exptl_crystal_grow.temp            293 
_exptl_crystal_grow.temp_details    ? 
_exptl_crystal_grow.temp_esd        ? 
_exptl_crystal_grow.time            ? 
_exptl_crystal_grow.pdbx_details    
;8 mg/ml
30% w/v PEG 2000 monomethyl ether and 0.1 M potassium thiocyanate
;
_exptl_crystal_grow.pdbx_pH_range   ? 
# 
_diffrn.ambient_environment              ? 
_diffrn.ambient_temp                     100 
_diffrn.ambient_temp_details             ? 
_diffrn.ambient_temp_esd                 ? 
_diffrn.crystal_id                       1 
_diffrn.crystal_support                  ? 
_diffrn.crystal_treatment                ? 
_diffrn.details                          ? 
_diffrn.id                               1 
_diffrn.ambient_pressure                 ? 
_diffrn.ambient_pressure_esd             ? 
_diffrn.ambient_pressure_gt              ? 
_diffrn.ambient_pressure_lt              ? 
_diffrn.ambient_temp_gt                  ? 
_diffrn.ambient_temp_lt                  ? 
_diffrn.pdbx_serial_crystal_experiment   N 
# 
_diffrn_detector.details                      ? 
_diffrn_detector.detector                     PIXEL 
_diffrn_detector.diffrn_id                    1 
_diffrn_detector.type                         'DECTRIS PILATUS3 S 6M' 
_diffrn_detector.area_resol_mean              ? 
_diffrn_detector.dtime                        ? 
_diffrn_detector.pdbx_frames_total            ? 
_diffrn_detector.pdbx_collection_time_total   ? 
_diffrn_detector.pdbx_collection_date         2018-10-02 
_diffrn_detector.pdbx_frequency               ? 
# 
_diffrn_radiation.collimation                      ? 
_diffrn_radiation.diffrn_id                        1 
_diffrn_radiation.filter_edge                      ? 
_diffrn_radiation.inhomogeneity                    ? 
_diffrn_radiation.monochromator                    ? 
_diffrn_radiation.polarisn_norm                    ? 
_diffrn_radiation.polarisn_ratio                   ? 
_diffrn_radiation.probe                            ? 
_diffrn_radiation.type                             ? 
_diffrn_radiation.xray_symbol                      ? 
_diffrn_radiation.wavelength_id                    1 
_diffrn_radiation.pdbx_monochromatic_or_laue_m_l   M 
_diffrn_radiation.pdbx_wavelength_list             ? 
_diffrn_radiation.pdbx_wavelength                  ? 
_diffrn_radiation.pdbx_diffrn_protocol             'SINGLE WAVELENGTH' 
_diffrn_radiation.pdbx_analyzer                    ? 
_diffrn_radiation.pdbx_scattering_type             x-ray 
# 
_diffrn_radiation_wavelength.id           1 
_diffrn_radiation_wavelength.wavelength   0.9763 
_diffrn_radiation_wavelength.wt           1.0 
# 
_diffrn_source.current                     ? 
_diffrn_source.details                     ? 
_diffrn_source.diffrn_id                   1 
_diffrn_source.power                       ? 
_diffrn_source.size                        ? 
_diffrn_source.source                      SYNCHROTRON 
_diffrn_source.target                      ? 
_diffrn_source.type                        'ESRF BEAMLINE ID30B' 
_diffrn_source.voltage                     ? 
_diffrn_source.take-off_angle              ? 
_diffrn_source.pdbx_wavelength_list        0.9763 
_diffrn_source.pdbx_wavelength             ? 
_diffrn_source.pdbx_synchrotron_beamline   ID30B 
_diffrn_source.pdbx_synchrotron_site       ESRF 
# 
_reflns.B_iso_Wilson_estimate            12.64 
_reflns.entry_id                         7BLK 
_reflns.data_reduction_details           ? 
_reflns.data_reduction_method            ? 
_reflns.d_resolution_high                1.06 
_reflns.d_resolution_low                 36.24 
_reflns.details                          ? 
_reflns.limit_h_max                      ? 
_reflns.limit_h_min                      ? 
_reflns.limit_k_max                      ? 
_reflns.limit_k_min                      ? 
_reflns.limit_l_max                      ? 
_reflns.limit_l_min                      ? 
_reflns.number_all                       ? 
_reflns.number_obs                       84450 
_reflns.observed_criterion               ? 
_reflns.observed_criterion_F_max         ? 
_reflns.observed_criterion_F_min         ? 
_reflns.observed_criterion_I_max         ? 
_reflns.observed_criterion_I_min         ? 
_reflns.observed_criterion_sigma_F       ? 
_reflns.observed_criterion_sigma_I       ? 
_reflns.percent_possible_obs             98.6 
_reflns.R_free_details                   ? 
_reflns.Rmerge_F_all                     ? 
_reflns.Rmerge_F_obs                     ? 
_reflns.Friedel_coverage                 ? 
_reflns.number_gt                        ? 
_reflns.threshold_expression             ? 
_reflns.pdbx_redundancy                  3 
_reflns.pdbx_Rmerge_I_obs                ? 
_reflns.pdbx_Rmerge_I_all                ? 
_reflns.pdbx_Rsym_value                  ? 
_reflns.pdbx_netI_over_av_sigmaI         ? 
_reflns.pdbx_netI_over_sigmaI            10.5 
_reflns.pdbx_res_netI_over_av_sigmaI_2   ? 
_reflns.pdbx_res_netI_over_sigmaI_2      ? 
_reflns.pdbx_chi_squared                 ? 
_reflns.pdbx_scaling_rejects             ? 
_reflns.pdbx_d_res_high_opt              ? 
_reflns.pdbx_d_res_low_opt               ? 
_reflns.pdbx_d_res_opt_method            ? 
_reflns.phase_calculation_details        ? 
_reflns.pdbx_Rrim_I_all                  ? 
_reflns.pdbx_Rpim_I_all                  ? 
_reflns.pdbx_d_opt                       ? 
_reflns.pdbx_number_measured_all         ? 
_reflns.pdbx_diffrn_id                   1 
_reflns.pdbx_ordinal                     1 
_reflns.pdbx_CC_half                     0.99 
_reflns.pdbx_CC_star                     ? 
_reflns.pdbx_R_split                     ? 
# 
_reflns_shell.d_res_high                  1.06 
_reflns_shell.d_res_low                   1.08 
_reflns_shell.meanI_over_sigI_all         ? 
_reflns_shell.meanI_over_sigI_obs         ? 
_reflns_shell.number_measured_all         ? 
_reflns_shell.number_measured_obs         ? 
_reflns_shell.number_possible             ? 
_reflns_shell.number_unique_all           ? 
_reflns_shell.number_unique_obs           2611 
_reflns_shell.percent_possible_all        ? 
_reflns_shell.percent_possible_obs        ? 
_reflns_shell.Rmerge_F_all                ? 
_reflns_shell.Rmerge_F_obs                ? 
_reflns_shell.Rmerge_I_all                ? 
_reflns_shell.Rmerge_I_obs                ? 
_reflns_shell.meanI_over_sigI_gt          ? 
_reflns_shell.meanI_over_uI_all           ? 
_reflns_shell.meanI_over_uI_gt            ? 
_reflns_shell.number_measured_gt          ? 
_reflns_shell.number_unique_gt            ? 
_reflns_shell.percent_possible_gt         ? 
_reflns_shell.Rmerge_F_gt                 ? 
_reflns_shell.Rmerge_I_gt                 ? 
_reflns_shell.pdbx_redundancy             ? 
_reflns_shell.pdbx_Rsym_value             ? 
_reflns_shell.pdbx_chi_squared            ? 
_reflns_shell.pdbx_netI_over_sigmaI_all   ? 
_reflns_shell.pdbx_netI_over_sigmaI_obs   ? 
_reflns_shell.pdbx_Rrim_I_all             ? 
_reflns_shell.pdbx_Rpim_I_all             ? 
_reflns_shell.pdbx_rejects                ? 
_reflns_shell.pdbx_ordinal                1 
_reflns_shell.pdbx_diffrn_id              1 
_reflns_shell.pdbx_CC_half                0.92 
_reflns_shell.pdbx_CC_star                ? 
_reflns_shell.pdbx_R_split                ? 
# 
_refine.aniso_B[1][1]                            ? 
_refine.aniso_B[1][2]                            ? 
_refine.aniso_B[1][3]                            ? 
_refine.aniso_B[2][2]                            ? 
_refine.aniso_B[2][3]                            ? 
_refine.aniso_B[3][3]                            ? 
_refine.B_iso_max                                58.230 
_refine.B_iso_mean                               16.6276 
_refine.B_iso_min                                8.860 
_refine.correlation_coeff_Fo_to_Fc               ? 
_refine.correlation_coeff_Fo_to_Fc_free          ? 
_refine.details                                  ? 
_refine.diff_density_max                         ? 
_refine.diff_density_max_esd                     ? 
_refine.diff_density_min                         ? 
_refine.diff_density_min_esd                     ? 
_refine.diff_density_rms                         ? 
_refine.diff_density_rms_esd                     ? 
_refine.entry_id                                 7BLK 
_refine.pdbx_refine_id                           'X-RAY DIFFRACTION' 
_refine.ls_abs_structure_details                 ? 
_refine.ls_abs_structure_Flack                   ? 
_refine.ls_abs_structure_Flack_esd               ? 
_refine.ls_abs_structure_Rogers                  ? 
_refine.ls_abs_structure_Rogers_esd              ? 
_refine.ls_d_res_high                            1.0600 
_refine.ls_d_res_low                             36.2400 
_refine.ls_extinction_coef                       ? 
_refine.ls_extinction_coef_esd                   ? 
_refine.ls_extinction_expression                 ? 
_refine.ls_extinction_method                     ? 
_refine.ls_goodness_of_fit_all                   ? 
_refine.ls_goodness_of_fit_all_esd               ? 
_refine.ls_goodness_of_fit_obs                   ? 
_refine.ls_goodness_of_fit_obs_esd               ? 
_refine.ls_hydrogen_treatment                    ? 
_refine.ls_matrix_type                           ? 
_refine.ls_number_constraints                    ? 
_refine.ls_number_parameters                     ? 
_refine.ls_number_reflns_all                     ? 
_refine.ls_number_reflns_obs                     84450 
_refine.ls_number_reflns_R_free                  4044 
_refine.ls_number_reflns_R_work                  80406 
_refine.ls_number_restraints                     ? 
_refine.ls_percent_reflns_obs                    81.0800 
_refine.ls_percent_reflns_R_free                 4.7900 
_refine.ls_R_factor_all                          ? 
_refine.ls_R_factor_obs                          0.1685 
_refine.ls_R_factor_R_free                       0.1748 
_refine.ls_R_factor_R_free_error                 ? 
_refine.ls_R_factor_R_free_error_details         ? 
_refine.ls_R_factor_R_work                       0.1682 
_refine.ls_R_Fsqd_factor_obs                     ? 
_refine.ls_R_I_factor_obs                        ? 
_refine.ls_redundancy_reflns_all                 ? 
_refine.ls_redundancy_reflns_obs                 ? 
_refine.ls_restrained_S_all                      ? 
_refine.ls_restrained_S_obs                      ? 
_refine.ls_shift_over_esd_max                    ? 
_refine.ls_shift_over_esd_mean                   ? 
_refine.ls_structure_factor_coef                 ? 
_refine.ls_weighting_details                     ? 
_refine.ls_weighting_scheme                      ? 
_refine.ls_wR_factor_all                         ? 
_refine.ls_wR_factor_obs                         ? 
_refine.ls_wR_factor_R_free                      ? 
_refine.ls_wR_factor_R_work                      ? 
_refine.occupancy_max                            ? 
_refine.occupancy_min                            ? 
_refine.solvent_model_details                    'FLAT BULK SOLVENT MODEL' 
_refine.solvent_model_param_bsol                 ? 
_refine.solvent_model_param_ksol                 ? 
_refine.pdbx_R_complete                          ? 
_refine.ls_R_factor_gt                           ? 
_refine.ls_goodness_of_fit_gt                    ? 
_refine.ls_goodness_of_fit_ref                   ? 
_refine.ls_shift_over_su_max                     ? 
_refine.ls_shift_over_su_max_lt                  ? 
_refine.ls_shift_over_su_mean                    ? 
_refine.ls_shift_over_su_mean_lt                 ? 
_refine.pdbx_ls_sigma_I                          ? 
_refine.pdbx_ls_sigma_F                          1.940 
_refine.pdbx_ls_sigma_Fsqd                       ? 
_refine.pdbx_data_cutoff_high_absF               ? 
_refine.pdbx_data_cutoff_high_rms_absF           ? 
_refine.pdbx_data_cutoff_low_absF                ? 
_refine.pdbx_isotropic_thermal_model             ? 
_refine.pdbx_ls_cross_valid_method               THROUGHOUT 
_refine.pdbx_method_to_determine_struct          'MOLECULAR REPLACEMENT' 
_refine.pdbx_starting_model                      7BLG 
_refine.pdbx_stereochemistry_target_values       ML 
_refine.pdbx_R_Free_selection_details            ? 
_refine.pdbx_stereochem_target_val_spec_case     ? 
_refine.pdbx_overall_ESU_R                       ? 
_refine.pdbx_overall_ESU_R_Free                  ? 
_refine.pdbx_solvent_vdw_probe_radii             1.1100 
_refine.pdbx_solvent_ion_probe_radii             ? 
_refine.pdbx_solvent_shrinkage_radii             0.9000 
_refine.pdbx_real_space_R                        ? 
_refine.pdbx_density_correlation                 ? 
_refine.pdbx_pd_number_of_powder_patterns        ? 
_refine.pdbx_pd_number_of_points                 ? 
_refine.pdbx_pd_meas_number_of_points            ? 
_refine.pdbx_pd_proc_ls_prof_R_factor            ? 
_refine.pdbx_pd_proc_ls_prof_wR_factor           ? 
_refine.pdbx_pd_Marquardt_correlation_coeff      ? 
_refine.pdbx_pd_Fsqrd_R_factor                   ? 
_refine.pdbx_pd_ls_matrix_band_width             ? 
_refine.pdbx_overall_phase_error                 19.7800 
_refine.pdbx_overall_SU_R_free_Cruickshank_DPI   ? 
_refine.pdbx_overall_SU_R_free_Blow_DPI          ? 
_refine.pdbx_overall_SU_R_Blow_DPI               ? 
_refine.pdbx_TLS_residual_ADP_flag               ? 
_refine.pdbx_diffrn_id                           1 
_refine.overall_SU_B                             ? 
_refine.overall_SU_ML                            0.0900 
_refine.overall_SU_R_Cruickshank_DPI             ? 
_refine.overall_SU_R_free                        ? 
_refine.overall_FOM_free_R_set                   ? 
_refine.overall_FOM_work_R_set                   ? 
_refine.pdbx_average_fsc_overall                 ? 
_refine.pdbx_average_fsc_work                    ? 
_refine.pdbx_average_fsc_free                    ? 
# 
_refine_hist.pdbx_refine_id                   'X-RAY DIFFRACTION' 
_refine_hist.cycle_id                         final 
_refine_hist.details                          ? 
_refine_hist.d_res_high                       1.0600 
_refine_hist.d_res_low                        36.2400 
_refine_hist.number_atoms_solvent             186 
_refine_hist.number_atoms_total               1291 
_refine_hist.number_reflns_all                ? 
_refine_hist.number_reflns_obs                ? 
_refine_hist.number_reflns_R_free             ? 
_refine_hist.number_reflns_R_work             ? 
_refine_hist.R_factor_all                     ? 
_refine_hist.R_factor_obs                     ? 
_refine_hist.R_factor_R_free                  ? 
_refine_hist.R_factor_R_work                  ? 
_refine_hist.pdbx_number_residues_total       142 
_refine_hist.pdbx_B_iso_mean_ligand           10.81 
_refine_hist.pdbx_B_iso_mean_solvent          25.34 
_refine_hist.pdbx_number_atoms_protein        1104 
_refine_hist.pdbx_number_atoms_nucleic_acid   0 
_refine_hist.pdbx_number_atoms_ligand         1 
_refine_hist.pdbx_number_atoms_lipid          ? 
_refine_hist.pdbx_number_atoms_carb           ? 
_refine_hist.pdbx_pseudo_atom_details         ? 
# 
loop_
_refine_ls_shell.pdbx_refine_id 
_refine_ls_shell.d_res_high 
_refine_ls_shell.d_res_low 
_refine_ls_shell.number_reflns_all 
_refine_ls_shell.number_reflns_obs 
_refine_ls_shell.number_reflns_R_free 
_refine_ls_shell.number_reflns_R_work 
_refine_ls_shell.percent_reflns_obs 
_refine_ls_shell.percent_reflns_R_free 
_refine_ls_shell.R_factor_all 
_refine_ls_shell.R_factor_obs 
_refine_ls_shell.R_factor_R_free 
_refine_ls_shell.R_factor_R_free_error 
_refine_ls_shell.R_factor_R_work 
_refine_ls_shell.redundancy_reflns_all 
_refine_ls_shell.redundancy_reflns_obs 
_refine_ls_shell.wR_factor_all 
_refine_ls_shell.wR_factor_obs 
_refine_ls_shell.wR_factor_R_free 
_refine_ls_shell.wR_factor_R_work 
_refine_ls_shell.pdbx_R_complete 
_refine_ls_shell.pdbx_total_number_of_bins_used 
_refine_ls_shell.pdbx_phase_error 
_refine_ls_shell.pdbx_fsc_work 
_refine_ls_shell.pdbx_fsc_free 
'X-RAY DIFFRACTION' 1.0600 1.0700  2806 . 146 2660 76.0000 . . . 0.2754 0.0000 0.2591 . . . . . . . 29 . . . 
'X-RAY DIFFRACTION' 1.0700 1.0900  2679 . 129 2550 76.0000 . . . 0.2797 0.0000 0.2497 . . . . . . . 29 . . . 
'X-RAY DIFFRACTION' 1.0900 1.1000  2738 . 158 2580 77.0000 . . . 0.2243 0.0000 0.2391 . . . . . . . 29 . . . 
'X-RAY DIFFRACTION' 1.1000 1.1100  2779 . 129 2650 77.0000 . . . 0.2619 0.0000 0.2324 . . . . . . . 29 . . . 
'X-RAY DIFFRACTION' 1.1100 1.1300  2713 . 105 2608 76.0000 . . . 0.2717 0.0000 0.2170 . . . . . . . 29 . . . 
'X-RAY DIFFRACTION' 1.1300 1.1400  2776 . 149 2627 76.0000 . . . 0.2199 0.0000 0.2148 . . . . . . . 29 . . . 
'X-RAY DIFFRACTION' 1.1400 1.1600  2781 . 127 2654 79.0000 . . . 0.1831 0.0000 0.2124 . . . . . . . 29 . . . 
'X-RAY DIFFRACTION' 1.1600 1.1800  2872 . 153 2719 80.0000 . . . 0.2033 0.0000 0.2088 . . . . . . . 29 . . . 
'X-RAY DIFFRACTION' 1.1800 1.2000  2809 . 124 2685 79.0000 . . . 0.2100 0.0000 0.2121 . . . . . . . 29 . . . 
'X-RAY DIFFRACTION' 1.2000 1.2200  2959 . 153 2806 80.0000 . . . 0.2148 0.0000 0.2036 . . . . . . . 29 . . . 
'X-RAY DIFFRACTION' 1.2200 1.2400  2827 . 133 2694 80.0000 . . . 0.2243 0.0000 0.2080 . . . . . . . 29 . . . 
'X-RAY DIFFRACTION' 1.2400 1.2700  2946 . 142 2804 81.0000 . . . 0.1906 0.0000 0.2010 . . . . . . . 29 . . . 
'X-RAY DIFFRACTION' 1.2700 1.2900  2849 . 120 2729 80.0000 . . . 0.2184 0.0000 0.1973 . . . . . . . 29 . . . 
'X-RAY DIFFRACTION' 1.2900 1.3200  2986 . 117 2869 82.0000 . . . 0.1995 0.0000 0.2001 . . . . . . . 29 . . . 
'X-RAY DIFFRACTION' 1.3200 1.3500  2976 . 175 2801 83.0000 . . . 0.2215 0.0000 0.1914 . . . . . . . 29 . . . 
'X-RAY DIFFRACTION' 1.3500 1.3800  2953 . 130 2823 83.0000 . . . 0.1782 0.0000 0.1881 . . . . . . . 29 . . . 
'X-RAY DIFFRACTION' 1.3800 1.4200  3035 . 144 2891 83.0000 . . . 0.2083 0.0000 0.1827 . . . . . . . 29 . . . 
'X-RAY DIFFRACTION' 1.4200 1.4600  2945 . 142 2803 83.0000 . . . 0.1798 0.0000 0.1874 . . . . . . . 29 . . . 
'X-RAY DIFFRACTION' 1.4600 1.5100  2966 . 129 2837 83.0000 . . . 0.2081 0.0000 0.1735 . . . . . . . 29 . . . 
'X-RAY DIFFRACTION' 1.5100 1.5700  2938 . 158 2780 82.0000 . . . 0.1759 0.0000 0.1775 . . . . . . . 29 . . . 
'X-RAY DIFFRACTION' 1.5700 1.6300  3042 . 149 2893 84.0000 . . . 0.1751 0.0000 0.1762 . . . . . . . 29 . . . 
'X-RAY DIFFRACTION' 1.6300 1.7000  2988 . 132 2856 84.0000 . . . 0.1463 0.0000 0.1716 . . . . . . . 29 . . . 
'X-RAY DIFFRACTION' 1.7000 1.7900  3021 . 141 2880 83.0000 . . . 0.1882 0.0000 0.1813 . . . . . . . 29 . . . 
'X-RAY DIFFRACTION' 1.7900 1.9000  2947 . 118 2829 82.0000 . . . 0.1736 0.0000 0.1769 . . . . . . . 29 . . . 
'X-RAY DIFFRACTION' 1.9000 2.0500  2931 . 119 2812 82.0000 . . . 0.1862 0.0000 0.1618 . . . . . . . 29 . . . 
'X-RAY DIFFRACTION' 2.0500 2.2600  2983 . 140 2843 83.0000 . . . 0.1957 0.0000 0.1618 . . . . . . . 29 . . . 
'X-RAY DIFFRACTION' 2.2600 2.5800  3004 . 159 2845 84.0000 . . . 0.1748 0.0000 0.1642 . . . . . . . 29 . . . 
'X-RAY DIFFRACTION' 2.5800 3.2500  3039 . 184 2855 85.0000 . . . 0.1632 0.0000 0.1638 . . . . . . . 29 . . . 
'X-RAY DIFFRACTION' 3.2500 36.2400 3162 . 139 3023 88.0000 . . . 0.1243 0.0000 0.1313 . . . . . . . 29 . . . 
# 
_struct.entry_id                     7BLK 
_struct.title                        'Structure of CBM BT3015C from Bacteroides thetaiotaomicron' 
_struct.pdbx_model_details           ? 
_struct.pdbx_formula_weight          ? 
_struct.pdbx_formula_weight_method   ? 
_struct.pdbx_model_type_details      ? 
_struct.pdbx_CASP_flag               N 
# 
_struct_keywords.entry_id        7BLK 
_struct_keywords.text            
'Bacteroides thetaiotaomicron, carbohydrate-binding module, gut microbiome, mucins, SUGAR BINDING PROTEIN' 
_struct_keywords.pdbx_keywords   'SUGAR BINDING PROTEIN' 
# 
loop_
_struct_asym.id 
_struct_asym.pdbx_blank_PDB_chainid_flag 
_struct_asym.pdbx_modified 
_struct_asym.entity_id 
_struct_asym.details 
A N N 1 ? 
B N N 2 ? 
C N N 3 ? 
# 
_struct_ref.id                         1 
_struct_ref.db_name                    UNP 
_struct_ref.db_code                    Q8A3D9_BACTN 
_struct_ref.pdbx_db_accession          Q8A3D9 
_struct_ref.pdbx_db_isoform            ? 
_struct_ref.entity_id                  1 
_struct_ref.pdbx_seq_one_letter_code   
;KGDIKIKIVSGTASSFQSGSNIEKSFDGDYSTLYHSSWSNGASNYFPITLTYNFETVTDVDYLIYHPRNNGNNGRFKETE
IQYSADGHTFTKLIDKDFQGSATAGKVTFDQTIQAKSFRFIVKSGSGDGQGFASCAEMEFFAK
;
_struct_ref.pdbx_align_begin           225 
# 
_struct_ref_seq.align_id                      1 
_struct_ref_seq.ref_id                        1 
_struct_ref_seq.pdbx_PDB_id_code              7BLK 
_struct_ref_seq.pdbx_strand_id                A 
_struct_ref_seq.seq_align_beg                 20 
_struct_ref_seq.pdbx_seq_align_beg_ins_code   ? 
_struct_ref_seq.seq_align_end                 162 
_struct_ref_seq.pdbx_seq_align_end_ins_code   ? 
_struct_ref_seq.pdbx_db_accession             Q8A3D9 
_struct_ref_seq.db_align_beg                  225 
_struct_ref_seq.pdbx_db_align_beg_ins_code    ? 
_struct_ref_seq.db_align_end                  367 
_struct_ref_seq.pdbx_db_align_end_ins_code    ? 
_struct_ref_seq.pdbx_auth_seq_align_beg       20 
_struct_ref_seq.pdbx_auth_seq_align_end       162 
# 
loop_
_struct_ref_seq_dif.align_id 
_struct_ref_seq_dif.pdbx_pdb_id_code 
_struct_ref_seq_dif.mon_id 
_struct_ref_seq_dif.pdbx_pdb_strand_id 
_struct_ref_seq_dif.seq_num 
_struct_ref_seq_dif.pdbx_pdb_ins_code 
_struct_ref_seq_dif.pdbx_seq_db_name 
_struct_ref_seq_dif.pdbx_seq_db_accession_code 
_struct_ref_seq_dif.db_mon_id 
_struct_ref_seq_dif.pdbx_seq_db_seq_num 
_struct_ref_seq_dif.details 
_struct_ref_seq_dif.pdbx_auth_seq_num 
_struct_ref_seq_dif.pdbx_ordinal 
1 7BLK MET A 1  ? UNP Q8A3D9 ? ? 'initiating methionine' 1  1  
1 7BLK GLY A 2  ? UNP Q8A3D9 ? ? 'expression tag'        2  2  
1 7BLK SER A 3  ? UNP Q8A3D9 ? ? 'expression tag'        3  3  
1 7BLK SER A 4  ? UNP Q8A3D9 ? ? 'expression tag'        4  4  
1 7BLK HIS A 5  ? UNP Q8A3D9 ? ? 'expression tag'        5  5  
1 7BLK HIS A 6  ? UNP Q8A3D9 ? ? 'expression tag'        6  6  
1 7BLK HIS A 7  ? UNP Q8A3D9 ? ? 'expression tag'        7  7  
1 7BLK HIS A 8  ? UNP Q8A3D9 ? ? 'expression tag'        8  8  
1 7BLK HIS A 9  ? UNP Q8A3D9 ? ? 'expression tag'        9  9  
1 7BLK HIS A 10 ? UNP Q8A3D9 ? ? 'expression tag'        10 10 
1 7BLK SER A 11 ? UNP Q8A3D9 ? ? 'expression tag'        11 11 
1 7BLK SER A 12 ? UNP Q8A3D9 ? ? 'expression tag'        12 12 
1 7BLK GLY A 13 ? UNP Q8A3D9 ? ? 'expression tag'        13 13 
1 7BLK PRO A 14 ? UNP Q8A3D9 ? ? 'expression tag'        14 14 
1 7BLK GLN A 15 ? UNP Q8A3D9 ? ? 'expression tag'        15 15 
1 7BLK GLN A 16 ? UNP Q8A3D9 ? ? 'expression tag'        16 16 
1 7BLK GLY A 17 ? UNP Q8A3D9 ? ? 'expression tag'        17 17 
1 7BLK LEU A 18 ? UNP Q8A3D9 ? ? 'expression tag'        18 18 
1 7BLK ARG A 19 ? UNP Q8A3D9 ? ? 'expression tag'        19 19 
# 
_pdbx_struct_assembly.id                   1 
_pdbx_struct_assembly.details              author_and_software_defined_assembly 
_pdbx_struct_assembly.method_details       PISA 
_pdbx_struct_assembly.oligomeric_details   monomeric 
_pdbx_struct_assembly.oligomeric_count     1 
# 
loop_
_pdbx_struct_assembly_prop.biol_id 
_pdbx_struct_assembly_prop.type 
_pdbx_struct_assembly_prop.value 
_pdbx_struct_assembly_prop.details 
1 'ABSA (A^2)' 0    ? 
1 MORE         0    ? 
1 'SSA (A^2)'  7000 ? 
# 
_pdbx_struct_assembly_gen.assembly_id       1 
_pdbx_struct_assembly_gen.oper_expression   1 
_pdbx_struct_assembly_gen.asym_id_list      A,B,C 
# 
_pdbx_struct_assembly_auth_evidence.id                     1 
_pdbx_struct_assembly_auth_evidence.assembly_id            1 
_pdbx_struct_assembly_auth_evidence.experimental_support   'native gel electrophoresis' 
_pdbx_struct_assembly_auth_evidence.details                ? 
# 
_pdbx_struct_oper_list.id                   1 
_pdbx_struct_oper_list.type                 'identity operation' 
_pdbx_struct_oper_list.name                 1_555 
_pdbx_struct_oper_list.symmetry_operation   x,y,z 
_pdbx_struct_oper_list.matrix[1][1]         1.0000000000 
_pdbx_struct_oper_list.matrix[1][2]         0.0000000000 
_pdbx_struct_oper_list.matrix[1][3]         0.0000000000 
_pdbx_struct_oper_list.vector[1]            0.0000000000 
_pdbx_struct_oper_list.matrix[2][1]         0.0000000000 
_pdbx_struct_oper_list.matrix[2][2]         1.0000000000 
_pdbx_struct_oper_list.matrix[2][3]         0.0000000000 
_pdbx_struct_oper_list.vector[2]            0.0000000000 
_pdbx_struct_oper_list.matrix[3][1]         0.0000000000 
_pdbx_struct_oper_list.matrix[3][2]         0.0000000000 
_pdbx_struct_oper_list.matrix[3][3]         1.0000000000 
_pdbx_struct_oper_list.vector[3]            0.0000000000 
# 
_struct_conf.conf_type_id            HELX_P 
_struct_conf.id                      HELX_P1 
_struct_conf.pdbx_PDB_helix_id       AA1 
_struct_conf.beg_label_comp_id       ASN 
_struct_conf.beg_label_asym_id       A 
_struct_conf.beg_label_seq_id        40 
_struct_conf.pdbx_beg_PDB_ins_code   ? 
_struct_conf.end_label_comp_id       PHE 
_struct_conf.end_label_asym_id       A 
_struct_conf.end_label_seq_id        45 
_struct_conf.pdbx_end_PDB_ins_code   ? 
_struct_conf.beg_auth_comp_id        ASN 
_struct_conf.beg_auth_asym_id        A 
_struct_conf.beg_auth_seq_id         40 
_struct_conf.end_auth_comp_id        PHE 
_struct_conf.end_auth_asym_id        A 
_struct_conf.end_auth_seq_id         45 
_struct_conf.pdbx_PDB_helix_class    5 
_struct_conf.details                 ? 
_struct_conf.pdbx_PDB_helix_length   6 
# 
_struct_conf_type.id          HELX_P 
_struct_conf_type.criteria    ? 
_struct_conf_type.reference   ? 
# 
loop_
_struct_conn.id 
_struct_conn.conn_type_id 
_struct_conn.pdbx_leaving_atom_flag 
_struct_conn.pdbx_PDB_id 
_struct_conn.ptnr1_label_asym_id 
_struct_conn.ptnr1_label_comp_id 
_struct_conn.ptnr1_label_seq_id 
_struct_conn.ptnr1_label_atom_id 
_struct_conn.pdbx_ptnr1_label_alt_id 
_struct_conn.pdbx_ptnr1_PDB_ins_code 
_struct_conn.pdbx_ptnr1_standard_comp_id 
_struct_conn.ptnr1_symmetry 
_struct_conn.ptnr2_label_asym_id 
_struct_conn.ptnr2_label_comp_id 
_struct_conn.ptnr2_label_seq_id 
_struct_conn.ptnr2_label_atom_id 
_struct_conn.pdbx_ptnr2_label_alt_id 
_struct_conn.pdbx_ptnr2_PDB_ins_code 
_struct_conn.ptnr1_auth_asym_id 
_struct_conn.ptnr1_auth_comp_id 
_struct_conn.ptnr1_auth_seq_id 
_struct_conn.ptnr2_auth_asym_id 
_struct_conn.ptnr2_auth_comp_id 
_struct_conn.ptnr2_auth_seq_id 
_struct_conn.ptnr2_symmetry 
_struct_conn.pdbx_ptnr3_label_atom_id 
_struct_conn.pdbx_ptnr3_label_seq_id 
_struct_conn.pdbx_ptnr3_label_comp_id 
_struct_conn.pdbx_ptnr3_label_asym_id 
_struct_conn.pdbx_ptnr3_label_alt_id 
_struct_conn.pdbx_ptnr3_PDB_ins_code 
_struct_conn.details 
_struct_conn.pdbx_dist_value 
_struct_conn.pdbx_value_order 
_struct_conn.pdbx_role 
metalc1 metalc ? ? A LYS 43  O   ? ? ? 1_555 B CA . CA ? ? A LYS 43  A CA 201 1_555 ? ? ? ? ? ? ? 2.293 ? ? 
metalc2 metalc ? ? A ASP 46  OD1 ? ? ? 1_555 B CA . CA ? ? A ASP 46  A CA 201 1_555 ? ? ? ? ? ? ? 2.485 ? ? 
metalc3 metalc ? ? A ASP 48  O   ? ? ? 1_555 B CA . CA ? ? A ASP 48  A CA 201 1_555 ? ? ? ? ? ? ? 2.298 ? ? 
metalc4 metalc ? ? A THR 51  O   ? ? ? 1_555 B CA . CA ? ? A THR 51  A CA 201 1_555 ? ? ? ? ? ? ? 2.435 ? ? 
metalc5 metalc ? ? A THR 51  OG1 ? ? ? 1_555 B CA . CA ? ? A THR 51  A CA 201 1_555 ? ? ? ? ? ? ? 2.458 ? ? 
metalc6 metalc ? ? A ALA 155 O   ? ? ? 1_555 B CA . CA ? ? A ALA 155 A CA 201 1_555 ? ? ? ? ? ? ? 2.397 ? ? 
metalc7 metalc ? ? A GLU 156 OE2 ? ? ? 1_555 B CA . CA ? ? A GLU 156 A CA 201 1_555 ? ? ? ? ? ? ? 2.384 ? ? 
# 
_struct_conn_type.id          metalc 
_struct_conn_type.criteria    ? 
_struct_conn_type.reference   ? 
# 
loop_
_pdbx_struct_conn_angle.id 
_pdbx_struct_conn_angle.ptnr1_label_atom_id 
_pdbx_struct_conn_angle.ptnr1_label_alt_id 
_pdbx_struct_conn_angle.ptnr1_label_asym_id 
_pdbx_struct_conn_angle.ptnr1_label_comp_id 
_pdbx_struct_conn_angle.ptnr1_label_seq_id 
_pdbx_struct_conn_angle.ptnr1_auth_atom_id 
_pdbx_struct_conn_angle.ptnr1_auth_asym_id 
_pdbx_struct_conn_angle.ptnr1_auth_comp_id 
_pdbx_struct_conn_angle.ptnr1_auth_seq_id 
_pdbx_struct_conn_angle.ptnr1_PDB_ins_code 
_pdbx_struct_conn_angle.ptnr1_symmetry 
_pdbx_struct_conn_angle.ptnr2_label_atom_id 
_pdbx_struct_conn_angle.ptnr2_label_alt_id 
_pdbx_struct_conn_angle.ptnr2_label_asym_id 
_pdbx_struct_conn_angle.ptnr2_label_comp_id 
_pdbx_struct_conn_angle.ptnr2_label_seq_id 
_pdbx_struct_conn_angle.ptnr2_auth_atom_id 
_pdbx_struct_conn_angle.ptnr2_auth_asym_id 
_pdbx_struct_conn_angle.ptnr2_auth_comp_id 
_pdbx_struct_conn_angle.ptnr2_auth_seq_id 
_pdbx_struct_conn_angle.ptnr2_PDB_ins_code 
_pdbx_struct_conn_angle.ptnr2_symmetry 
_pdbx_struct_conn_angle.ptnr3_label_atom_id 
_pdbx_struct_conn_angle.ptnr3_label_alt_id 
_pdbx_struct_conn_angle.ptnr3_label_asym_id 
_pdbx_struct_conn_angle.ptnr3_label_comp_id 
_pdbx_struct_conn_angle.ptnr3_label_seq_id 
_pdbx_struct_conn_angle.ptnr3_auth_atom_id 
_pdbx_struct_conn_angle.ptnr3_auth_asym_id 
_pdbx_struct_conn_angle.ptnr3_auth_comp_id 
_pdbx_struct_conn_angle.ptnr3_auth_seq_id 
_pdbx_struct_conn_angle.ptnr3_PDB_ins_code 
_pdbx_struct_conn_angle.ptnr3_symmetry 
_pdbx_struct_conn_angle.value 
_pdbx_struct_conn_angle.value_esd 
1  O   ? A LYS 43  ? A LYS 43  ? 1_555 CA ? B CA . ? A CA 201 ? 1_555 OD1 ? A ASP 46  ? A ASP 46  ? 1_555 84.5  ? 
2  O   ? A LYS 43  ? A LYS 43  ? 1_555 CA ? B CA . ? A CA 201 ? 1_555 O   ? A ASP 48  ? A ASP 48  ? 1_555 171.7 ? 
3  OD1 ? A ASP 46  ? A ASP 46  ? 1_555 CA ? B CA . ? A CA 201 ? 1_555 O   ? A ASP 48  ? A ASP 48  ? 1_555 90.2  ? 
4  O   ? A LYS 43  ? A LYS 43  ? 1_555 CA ? B CA . ? A CA 201 ? 1_555 O   ? A THR 51  ? A THR 51  ? 1_555 85.2  ? 
5  OD1 ? A ASP 46  ? A ASP 46  ? 1_555 CA ? B CA . ? A CA 201 ? 1_555 O   ? A THR 51  ? A THR 51  ? 1_555 141.1 ? 
6  O   ? A ASP 48  ? A ASP 48  ? 1_555 CA ? B CA . ? A CA 201 ? 1_555 O   ? A THR 51  ? A THR 51  ? 1_555 95.0  ? 
7  O   ? A LYS 43  ? A LYS 43  ? 1_555 CA ? B CA . ? A CA 201 ? 1_555 OG1 ? A THR 51  ? A THR 51  ? 1_555 88.5  ? 
8  OD1 ? A ASP 46  ? A ASP 46  ? 1_555 CA ? B CA . ? A CA 201 ? 1_555 OG1 ? A THR 51  ? A THR 51  ? 1_555 71.1  ? 
9  O   ? A ASP 48  ? A ASP 48  ? 1_555 CA ? B CA . ? A CA 201 ? 1_555 OG1 ? A THR 51  ? A THR 51  ? 1_555 83.8  ? 
10 O   ? A THR 51  ? A THR 51  ? 1_555 CA ? B CA . ? A CA 201 ? 1_555 OG1 ? A THR 51  ? A THR 51  ? 1_555 71.3  ? 
11 O   ? A LYS 43  ? A LYS 43  ? 1_555 CA ? B CA . ? A CA 201 ? 1_555 O   ? A ALA 155 ? A ALA 155 ? 1_555 92.0  ? 
12 OD1 ? A ASP 46  ? A ASP 46  ? 1_555 CA ? B CA . ? A CA 201 ? 1_555 O   ? A ALA 155 ? A ALA 155 ? 1_555 142.0 ? 
13 O   ? A ASP 48  ? A ASP 48  ? 1_555 CA ? B CA . ? A CA 201 ? 1_555 O   ? A ALA 155 ? A ALA 155 ? 1_555 96.1  ? 
14 O   ? A THR 51  ? A THR 51  ? 1_555 CA ? B CA . ? A CA 201 ? 1_555 O   ? A ALA 155 ? A ALA 155 ? 1_555 75.7  ? 
15 OG1 ? A THR 51  ? A THR 51  ? 1_555 CA ? B CA . ? A CA 201 ? 1_555 O   ? A ALA 155 ? A ALA 155 ? 1_555 146.8 ? 
16 O   ? A LYS 43  ? A LYS 43  ? 1_555 CA ? B CA . ? A CA 201 ? 1_555 OE2 ? A GLU 156 ? A GLU 156 ? 1_555 92.9  ? 
17 OD1 ? A ASP 46  ? A ASP 46  ? 1_555 CA ? B CA . ? A CA 201 ? 1_555 OE2 ? A GLU 156 ? A GLU 156 ? 1_555 67.9  ? 
18 O   ? A ASP 48  ? A ASP 48  ? 1_555 CA ? B CA . ? A CA 201 ? 1_555 OE2 ? A GLU 156 ? A GLU 156 ? 1_555 91.0  ? 
19 O   ? A THR 51  ? A THR 51  ? 1_555 CA ? B CA . ? A CA 201 ? 1_555 OE2 ? A GLU 156 ? A GLU 156 ? 1_555 150.1 ? 
20 OG1 ? A THR 51  ? A THR 51  ? 1_555 CA ? B CA . ? A CA 201 ? 1_555 OE2 ? A GLU 156 ? A GLU 156 ? 1_555 138.6 ? 
21 O   ? A ALA 155 ? A ALA 155 ? 1_555 CA ? B CA . ? A CA 201 ? 1_555 OE2 ? A GLU 156 ? A GLU 156 ? 1_555 74.5  ? 
# 
_struct_mon_prot_cis.pdbx_id                1 
_struct_mon_prot_cis.label_comp_id          PHE 
_struct_mon_prot_cis.label_seq_id           65 
_struct_mon_prot_cis.label_asym_id          A 
_struct_mon_prot_cis.label_alt_id           . 
_struct_mon_prot_cis.pdbx_PDB_ins_code      ? 
_struct_mon_prot_cis.auth_comp_id           PHE 
_struct_mon_prot_cis.auth_seq_id            65 
_struct_mon_prot_cis.auth_asym_id           A 
_struct_mon_prot_cis.pdbx_label_comp_id_2   PRO 
_struct_mon_prot_cis.pdbx_label_seq_id_2    66 
_struct_mon_prot_cis.pdbx_label_asym_id_2   A 
_struct_mon_prot_cis.pdbx_PDB_ins_code_2    ? 
_struct_mon_prot_cis.pdbx_auth_comp_id_2    PRO 
_struct_mon_prot_cis.pdbx_auth_seq_id_2     66 
_struct_mon_prot_cis.pdbx_auth_asym_id_2    A 
_struct_mon_prot_cis.pdbx_PDB_model_num     1 
_struct_mon_prot_cis.pdbx_omega_angle       0.77 
# 
loop_
_struct_sheet.id 
_struct_sheet.type 
_struct_sheet.number_strands 
_struct_sheet.details 
AA1 ? 4 ? 
AA2 ? 6 ? 
AA3 ? 2 ? 
# 
loop_
_struct_sheet_order.sheet_id 
_struct_sheet_order.range_id_1 
_struct_sheet_order.range_id_2 
_struct_sheet_order.offset 
_struct_sheet_order.sense 
AA1 1 2 ? anti-parallel 
AA1 2 3 ? anti-parallel 
AA1 3 4 ? anti-parallel 
AA2 1 2 ? anti-parallel 
AA2 2 3 ? anti-parallel 
AA2 3 4 ? anti-parallel 
AA2 4 5 ? anti-parallel 
AA2 5 6 ? anti-parallel 
AA3 1 2 ? anti-parallel 
# 
loop_
_struct_sheet_range.sheet_id 
_struct_sheet_range.id 
_struct_sheet_range.beg_label_comp_id 
_struct_sheet_range.beg_label_asym_id 
_struct_sheet_range.beg_label_seq_id 
_struct_sheet_range.pdbx_beg_PDB_ins_code 
_struct_sheet_range.end_label_comp_id 
_struct_sheet_range.end_label_asym_id 
_struct_sheet_range.end_label_seq_id 
_struct_sheet_range.pdbx_end_PDB_ins_code 
_struct_sheet_range.beg_auth_comp_id 
_struct_sheet_range.beg_auth_asym_id 
_struct_sheet_range.beg_auth_seq_id 
_struct_sheet_range.end_auth_comp_id 
_struct_sheet_range.end_auth_asym_id 
_struct_sheet_range.end_auth_seq_id 
AA1 1 ILE A 23  ? LYS A 24  ? ILE A 23  LYS A 24  
AA1 2 GLU A 156 ? ALA A 161 ? GLU A 156 ALA A 161 
AA1 3 ILE A 67  ? HIS A 85  ? ILE A 67  HIS A 85  
AA1 4 ILE A 27  ? ALA A 32  ? ILE A 27  ALA A 32  
AA2 1 ILE A 23  ? LYS A 24  ? ILE A 23  LYS A 24  
AA2 2 GLU A 156 ? ALA A 161 ? GLU A 156 ALA A 161 
AA2 3 ILE A 67  ? HIS A 85  ? ILE A 67  HIS A 85  
AA2 4 GLY A 124 ? VAL A 141 ? GLY A 124 VAL A 141 
AA2 5 GLU A 97  ? SER A 103 ? GLU A 97  SER A 103 
AA2 6 THR A 110 ? ASP A 116 ? THR A 110 ASP A 116 
AA3 1 TYR A 53  ? HIS A 54  ? TYR A 53  HIS A 54  
AA3 2 SER A 153 ? CYS A 154 ? SER A 153 CYS A 154 
# 
loop_
_pdbx_struct_sheet_hbond.sheet_id 
_pdbx_struct_sheet_hbond.range_id_1 
_pdbx_struct_sheet_hbond.range_id_2 
_pdbx_struct_sheet_hbond.range_1_label_atom_id 
_pdbx_struct_sheet_hbond.range_1_label_comp_id 
_pdbx_struct_sheet_hbond.range_1_label_asym_id 
_pdbx_struct_sheet_hbond.range_1_label_seq_id 
_pdbx_struct_sheet_hbond.range_1_PDB_ins_code 
_pdbx_struct_sheet_hbond.range_1_auth_atom_id 
_pdbx_struct_sheet_hbond.range_1_auth_comp_id 
_pdbx_struct_sheet_hbond.range_1_auth_asym_id 
_pdbx_struct_sheet_hbond.range_1_auth_seq_id 
_pdbx_struct_sheet_hbond.range_2_label_atom_id 
_pdbx_struct_sheet_hbond.range_2_label_comp_id 
_pdbx_struct_sheet_hbond.range_2_label_asym_id 
_pdbx_struct_sheet_hbond.range_2_label_seq_id 
_pdbx_struct_sheet_hbond.range_2_PDB_ins_code 
_pdbx_struct_sheet_hbond.range_2_auth_atom_id 
_pdbx_struct_sheet_hbond.range_2_auth_comp_id 
_pdbx_struct_sheet_hbond.range_2_auth_asym_id 
_pdbx_struct_sheet_hbond.range_2_auth_seq_id 
AA1 1 2 N ILE A 23  ? N ILE A 23  O ALA A 161 ? O ALA A 161 
AA1 2 3 O PHE A 160 ? O PHE A 160 N ASP A 80  ? N ASP A 80  
AA1 3 4 O ASN A 72  ? O ASN A 72  N SER A 29  ? N SER A 29  
AA2 1 2 N ILE A 23  ? N ILE A 23  O ALA A 161 ? O ALA A 161 
AA2 2 3 O PHE A 160 ? O PHE A 160 N ASP A 80  ? N ASP A 80  
AA2 3 4 N ILE A 67  ? N ILE A 67  O VAL A 141 ? O VAL A 141 
AA2 4 5 O ILE A 140 ? O ILE A 140 N GLU A 99  ? N GLU A 99  
AA2 5 6 N THR A 98  ? N THR A 98  O LYS A 115 ? O LYS A 115 
AA3 1 2 N TYR A 53  ? N TYR A 53  O CYS A 154 ? O CYS A 154 
# 
loop_
_pdbx_validate_torsion.id 
_pdbx_validate_torsion.PDB_model_num 
_pdbx_validate_torsion.auth_comp_id 
_pdbx_validate_torsion.auth_asym_id 
_pdbx_validate_torsion.auth_seq_id 
_pdbx_validate_torsion.PDB_ins_code 
_pdbx_validate_torsion.label_alt_id 
_pdbx_validate_torsion.phi 
_pdbx_validate_torsion.psi 
1 1 LYS A 96 ? A -107.42 -105.13 
2 1 LYS A 96 ? B -112.19 -116.33 
# 
_pdbx_validate_peptide_omega.id               1 
_pdbx_validate_peptide_omega.PDB_model_num    1 
_pdbx_validate_peptide_omega.auth_comp_id_1   LEU 
_pdbx_validate_peptide_omega.auth_asym_id_1   A 
_pdbx_validate_peptide_omega.auth_seq_id_1    52 
_pdbx_validate_peptide_omega.PDB_ins_code_1   ? 
_pdbx_validate_peptide_omega.label_alt_id_1   ? 
_pdbx_validate_peptide_omega.auth_comp_id_2   TYR 
_pdbx_validate_peptide_omega.auth_asym_id_2   A 
_pdbx_validate_peptide_omega.auth_seq_id_2    53 
_pdbx_validate_peptide_omega.PDB_ins_code_2   ? 
_pdbx_validate_peptide_omega.label_alt_id_2   ? 
_pdbx_validate_peptide_omega.omega            148.63 
# 
loop_
_space_group_symop.id 
_space_group_symop.operation_xyz 
1 x,y,z       
2 -x,y+1/2,-z 
# 
_pdbx_entry_details.entry_id                 7BLK 
_pdbx_entry_details.nonpolymer_details       ? 
_pdbx_entry_details.sequence_details         ? 
_pdbx_entry_details.compound_details         ? 
_pdbx_entry_details.source_details           ? 
_pdbx_entry_details.has_ligand_of_interest   Y 
# 
loop_
_pdbx_unobs_or_zero_occ_residues.id 
_pdbx_unobs_or_zero_occ_residues.PDB_model_num 
_pdbx_unobs_or_zero_occ_residues.polymer_flag 
_pdbx_unobs_or_zero_occ_residues.occupancy_flag 
_pdbx_unobs_or_zero_occ_residues.auth_asym_id 
_pdbx_unobs_or_zero_occ_residues.auth_comp_id 
_pdbx_unobs_or_zero_occ_residues.auth_seq_id 
_pdbx_unobs_or_zero_occ_residues.PDB_ins_code 
_pdbx_unobs_or_zero_occ_residues.label_asym_id 
_pdbx_unobs_or_zero_occ_residues.label_comp_id 
_pdbx_unobs_or_zero_occ_residues.label_seq_id 
1  1 Y 1 A MET 1  ? A MET 1  
2  1 Y 1 A GLY 2  ? A GLY 2  
3  1 Y 1 A SER 3  ? A SER 3  
4  1 Y 1 A SER 4  ? A SER 4  
5  1 Y 1 A HIS 5  ? A HIS 5  
6  1 Y 1 A HIS 6  ? A HIS 6  
7  1 Y 1 A HIS 7  ? A HIS 7  
8  1 Y 1 A HIS 8  ? A HIS 8  
9  1 Y 1 A HIS 9  ? A HIS 9  
10 1 Y 1 A HIS 10 ? A HIS 10 
11 1 Y 1 A SER 11 ? A SER 11 
12 1 Y 1 A SER 12 ? A SER 12 
13 1 Y 1 A GLY 13 ? A GLY 13 
14 1 Y 1 A PRO 14 ? A PRO 14 
15 1 Y 1 A GLN 15 ? A GLN 15 
16 1 Y 1 A GLN 16 ? A GLN 16 
17 1 Y 1 A GLY 17 ? A GLY 17 
18 1 Y 1 A LEU 18 ? A LEU 18 
19 1 Y 1 A ARG 19 ? A ARG 19 
20 1 Y 1 A LYS 20 ? A LYS 20 
# 
loop_
_chem_comp_atom.comp_id 
_chem_comp_atom.atom_id 
_chem_comp_atom.type_symbol 
_chem_comp_atom.pdbx_aromatic_flag 
_chem_comp_atom.pdbx_stereo_config 
_chem_comp_atom.pdbx_ordinal 
ALA N    N  N N 1   
ALA CA   C  N S 2   
ALA C    C  N N 3   
ALA O    O  N N 4   
ALA CB   C  N N 5   
ALA OXT  O  N N 6   
ALA H    H  N N 7   
ALA H2   H  N N 8   
ALA HA   H  N N 9   
ALA HB1  H  N N 10  
ALA HB2  H  N N 11  
ALA HB3  H  N N 12  
ALA HXT  H  N N 13  
ARG N    N  N N 14  
ARG CA   C  N S 15  
ARG C    C  N N 16  
ARG O    O  N N 17  
ARG CB   C  N N 18  
ARG CG   C  N N 19  
ARG CD   C  N N 20  
ARG NE   N  N N 21  
ARG CZ   C  N N 22  
ARG NH1  N  N N 23  
ARG NH2  N  N N 24  
ARG OXT  O  N N 25  
ARG H    H  N N 26  
ARG H2   H  N N 27  
ARG HA   H  N N 28  
ARG HB2  H  N N 29  
ARG HB3  H  N N 30  
ARG HG2  H  N N 31  
ARG HG3  H  N N 32  
ARG HD2  H  N N 33  
ARG HD3  H  N N 34  
ARG HE   H  N N 35  
ARG HH11 H  N N 36  
ARG HH12 H  N N 37  
ARG HH21 H  N N 38  
ARG HH22 H  N N 39  
ARG HXT  H  N N 40  
ASN N    N  N N 41  
ASN CA   C  N S 42  
ASN C    C  N N 43  
ASN O    O  N N 44  
ASN CB   C  N N 45  
ASN CG   C  N N 46  
ASN OD1  O  N N 47  
ASN ND2  N  N N 48  
ASN OXT  O  N N 49  
ASN H    H  N N 50  
ASN H2   H  N N 51  
ASN HA   H  N N 52  
ASN HB2  H  N N 53  
ASN HB3  H  N N 54  
ASN HD21 H  N N 55  
ASN HD22 H  N N 56  
ASN HXT  H  N N 57  
ASP N    N  N N 58  
ASP CA   C  N S 59  
ASP C    C  N N 60  
ASP O    O  N N 61  
ASP CB   C  N N 62  
ASP CG   C  N N 63  
ASP OD1  O  N N 64  
ASP OD2  O  N N 65  
ASP OXT  O  N N 66  
ASP H    H  N N 67  
ASP H2   H  N N 68  
ASP HA   H  N N 69  
ASP HB2  H  N N 70  
ASP HB3  H  N N 71  
ASP HD2  H  N N 72  
ASP HXT  H  N N 73  
CA  CA   CA N N 74  
CYS N    N  N N 75  
CYS CA   C  N R 76  
CYS C    C  N N 77  
CYS O    O  N N 78  
CYS CB   C  N N 79  
CYS SG   S  N N 80  
CYS OXT  O  N N 81  
CYS H    H  N N 82  
CYS H2   H  N N 83  
CYS HA   H  N N 84  
CYS HB2  H  N N 85  
CYS HB3  H  N N 86  
CYS HG   H  N N 87  
CYS HXT  H  N N 88  
GLN N    N  N N 89  
GLN CA   C  N S 90  
GLN C    C  N N 91  
GLN O    O  N N 92  
GLN CB   C  N N 93  
GLN CG   C  N N 94  
GLN CD   C  N N 95  
GLN OE1  O  N N 96  
GLN NE2  N  N N 97  
GLN OXT  O  N N 98  
GLN H    H  N N 99  
GLN H2   H  N N 100 
GLN HA   H  N N 101 
GLN HB2  H  N N 102 
GLN HB3  H  N N 103 
GLN HG2  H  N N 104 
GLN HG3  H  N N 105 
GLN HE21 H  N N 106 
GLN HE22 H  N N 107 
GLN HXT  H  N N 108 
GLU N    N  N N 109 
GLU CA   C  N S 110 
GLU C    C  N N 111 
GLU O    O  N N 112 
GLU CB   C  N N 113 
GLU CG   C  N N 114 
GLU CD   C  N N 115 
GLU OE1  O  N N 116 
GLU OE2  O  N N 117 
GLU OXT  O  N N 118 
GLU H    H  N N 119 
GLU H2   H  N N 120 
GLU HA   H  N N 121 
GLU HB2  H  N N 122 
GLU HB3  H  N N 123 
GLU HG2  H  N N 124 
GLU HG3  H  N N 125 
GLU HE2  H  N N 126 
GLU HXT  H  N N 127 
GLY N    N  N N 128 
GLY CA   C  N N 129 
GLY C    C  N N 130 
GLY O    O  N N 131 
GLY OXT  O  N N 132 
GLY H    H  N N 133 
GLY H2   H  N N 134 
GLY HA2  H  N N 135 
GLY HA3  H  N N 136 
GLY HXT  H  N N 137 
HIS N    N  N N 138 
HIS CA   C  N S 139 
HIS C    C  N N 140 
HIS O    O  N N 141 
HIS CB   C  N N 142 
HIS CG   C  Y N 143 
HIS ND1  N  Y N 144 
HIS CD2  C  Y N 145 
HIS CE1  C  Y N 146 
HIS NE2  N  Y N 147 
HIS OXT  O  N N 148 
HIS H    H  N N 149 
HIS H2   H  N N 150 
HIS HA   H  N N 151 
HIS HB2  H  N N 152 
HIS HB3  H  N N 153 
HIS HD1  H  N N 154 
HIS HD2  H  N N 155 
HIS HE1  H  N N 156 
HIS HE2  H  N N 157 
HIS HXT  H  N N 158 
HOH O    O  N N 159 
HOH H1   H  N N 160 
HOH H2   H  N N 161 
ILE N    N  N N 162 
ILE CA   C  N S 163 
ILE C    C  N N 164 
ILE O    O  N N 165 
ILE CB   C  N S 166 
ILE CG1  C  N N 167 
ILE CG2  C  N N 168 
ILE CD1  C  N N 169 
ILE OXT  O  N N 170 
ILE H    H  N N 171 
ILE H2   H  N N 172 
ILE HA   H  N N 173 
ILE HB   H  N N 174 
ILE HG12 H  N N 175 
ILE HG13 H  N N 176 
ILE HG21 H  N N 177 
ILE HG22 H  N N 178 
ILE HG23 H  N N 179 
ILE HD11 H  N N 180 
ILE HD12 H  N N 181 
ILE HD13 H  N N 182 
ILE HXT  H  N N 183 
LEU N    N  N N 184 
LEU CA   C  N S 185 
LEU C    C  N N 186 
LEU O    O  N N 187 
LEU CB   C  N N 188 
LEU CG   C  N N 189 
LEU CD1  C  N N 190 
LEU CD2  C  N N 191 
LEU OXT  O  N N 192 
LEU H    H  N N 193 
LEU H2   H  N N 194 
LEU HA   H  N N 195 
LEU HB2  H  N N 196 
LEU HB3  H  N N 197 
LEU HG   H  N N 198 
LEU HD11 H  N N 199 
LEU HD12 H  N N 200 
LEU HD13 H  N N 201 
LEU HD21 H  N N 202 
LEU HD22 H  N N 203 
LEU HD23 H  N N 204 
LEU HXT  H  N N 205 
LYS N    N  N N 206 
LYS CA   C  N S 207 
LYS C    C  N N 208 
LYS O    O  N N 209 
LYS CB   C  N N 210 
LYS CG   C  N N 211 
LYS CD   C  N N 212 
LYS CE   C  N N 213 
LYS NZ   N  N N 214 
LYS OXT  O  N N 215 
LYS H    H  N N 216 
LYS H2   H  N N 217 
LYS HA   H  N N 218 
LYS HB2  H  N N 219 
LYS HB3  H  N N 220 
LYS HG2  H  N N 221 
LYS HG3  H  N N 222 
LYS HD2  H  N N 223 
LYS HD3  H  N N 224 
LYS HE2  H  N N 225 
LYS HE3  H  N N 226 
LYS HZ1  H  N N 227 
LYS HZ2  H  N N 228 
LYS HZ3  H  N N 229 
LYS HXT  H  N N 230 
MET N    N  N N 231 
MET CA   C  N S 232 
MET C    C  N N 233 
MET O    O  N N 234 
MET CB   C  N N 235 
MET CG   C  N N 236 
MET SD   S  N N 237 
MET CE   C  N N 238 
MET OXT  O  N N 239 
MET H    H  N N 240 
MET H2   H  N N 241 
MET HA   H  N N 242 
MET HB2  H  N N 243 
MET HB3  H  N N 244 
MET HG2  H  N N 245 
MET HG3  H  N N 246 
MET HE1  H  N N 247 
MET HE2  H  N N 248 
MET HE3  H  N N 249 
MET HXT  H  N N 250 
PHE N    N  N N 251 
PHE CA   C  N S 252 
PHE C    C  N N 253 
PHE O    O  N N 254 
PHE CB   C  N N 255 
PHE CG   C  Y N 256 
PHE CD1  C  Y N 257 
PHE CD2  C  Y N 258 
PHE CE1  C  Y N 259 
PHE CE2  C  Y N 260 
PHE CZ   C  Y N 261 
PHE OXT  O  N N 262 
PHE H    H  N N 263 
PHE H2   H  N N 264 
PHE HA   H  N N 265 
PHE HB2  H  N N 266 
PHE HB3  H  N N 267 
PHE HD1  H  N N 268 
PHE HD2  H  N N 269 
PHE HE1  H  N N 270 
PHE HE2  H  N N 271 
PHE HZ   H  N N 272 
PHE HXT  H  N N 273 
PRO N    N  N N 274 
PRO CA   C  N S 275 
PRO C    C  N N 276 
PRO O    O  N N 277 
PRO CB   C  N N 278 
PRO CG   C  N N 279 
PRO CD   C  N N 280 
PRO OXT  O  N N 281 
PRO H    H  N N 282 
PRO HA   H  N N 283 
PRO HB2  H  N N 284 
PRO HB3  H  N N 285 
PRO HG2  H  N N 286 
PRO HG3  H  N N 287 
PRO HD2  H  N N 288 
PRO HD3  H  N N 289 
PRO HXT  H  N N 290 
SER N    N  N N 291 
SER CA   C  N S 292 
SER C    C  N N 293 
SER O    O  N N 294 
SER CB   C  N N 295 
SER OG   O  N N 296 
SER OXT  O  N N 297 
SER H    H  N N 298 
SER H2   H  N N 299 
SER HA   H  N N 300 
SER HB2  H  N N 301 
SER HB3  H  N N 302 
SER HG   H  N N 303 
SER HXT  H  N N 304 
THR N    N  N N 305 
THR CA   C  N S 306 
THR C    C  N N 307 
THR O    O  N N 308 
THR CB   C  N R 309 
THR OG1  O  N N 310 
THR CG2  C  N N 311 
THR OXT  O  N N 312 
THR H    H  N N 313 
THR H2   H  N N 314 
THR HA   H  N N 315 
THR HB   H  N N 316 
THR HG1  H  N N 317 
THR HG21 H  N N 318 
THR HG22 H  N N 319 
THR HG23 H  N N 320 
THR HXT  H  N N 321 
TRP N    N  N N 322 
TRP CA   C  N S 323 
TRP C    C  N N 324 
TRP O    O  N N 325 
TRP CB   C  N N 326 
TRP CG   C  Y N 327 
TRP CD1  C  Y N 328 
TRP CD2  C  Y N 329 
TRP NE1  N  Y N 330 
TRP CE2  C  Y N 331 
TRP CE3  C  Y N 332 
TRP CZ2  C  Y N 333 
TRP CZ3  C  Y N 334 
TRP CH2  C  Y N 335 
TRP OXT  O  N N 336 
TRP H    H  N N 337 
TRP H2   H  N N 338 
TRP HA   H  N N 339 
TRP HB2  H  N N 340 
TRP HB3  H  N N 341 
TRP HD1  H  N N 342 
TRP HE1  H  N N 343 
TRP HE3  H  N N 344 
TRP HZ2  H  N N 345 
TRP HZ3  H  N N 346 
TRP HH2  H  N N 347 
TRP HXT  H  N N 348 
TYR N    N  N N 349 
TYR CA   C  N S 350 
TYR C    C  N N 351 
TYR O    O  N N 352 
TYR CB   C  N N 353 
TYR CG   C  Y N 354 
TYR CD1  C  Y N 355 
TYR CD2  C  Y N 356 
TYR CE1  C  Y N 357 
TYR CE2  C  Y N 358 
TYR CZ   C  Y N 359 
TYR OH   O  N N 360 
TYR OXT  O  N N 361 
TYR H    H  N N 362 
TYR H2   H  N N 363 
TYR HA   H  N N 364 
TYR HB2  H  N N 365 
TYR HB3  H  N N 366 
TYR HD1  H  N N 367 
TYR HD2  H  N N 368 
TYR HE1  H  N N 369 
TYR HE2  H  N N 370 
TYR HH   H  N N 371 
TYR HXT  H  N N 372 
VAL N    N  N N 373 
VAL CA   C  N S 374 
VAL C    C  N N 375 
VAL O    O  N N 376 
VAL CB   C  N N 377 
VAL CG1  C  N N 378 
VAL CG2  C  N N 379 
VAL OXT  O  N N 380 
VAL H    H  N N 381 
VAL H2   H  N N 382 
VAL HA   H  N N 383 
VAL HB   H  N N 384 
VAL HG11 H  N N 385 
VAL HG12 H  N N 386 
VAL HG13 H  N N 387 
VAL HG21 H  N N 388 
VAL HG22 H  N N 389 
VAL HG23 H  N N 390 
VAL HXT  H  N N 391 
# 
loop_
_chem_comp_bond.comp_id 
_chem_comp_bond.atom_id_1 
_chem_comp_bond.atom_id_2 
_chem_comp_bond.value_order 
_chem_comp_bond.pdbx_aromatic_flag 
_chem_comp_bond.pdbx_stereo_config 
_chem_comp_bond.pdbx_ordinal 
ALA N   CA   sing N N 1   
ALA N   H    sing N N 2   
ALA N   H2   sing N N 3   
ALA CA  C    sing N N 4   
ALA CA  CB   sing N N 5   
ALA CA  HA   sing N N 6   
ALA C   O    doub N N 7   
ALA C   OXT  sing N N 8   
ALA CB  HB1  sing N N 9   
ALA CB  HB2  sing N N 10  
ALA CB  HB3  sing N N 11  
ALA OXT HXT  sing N N 12  
ARG N   CA   sing N N 13  
ARG N   H    sing N N 14  
ARG N   H2   sing N N 15  
ARG CA  C    sing N N 16  
ARG CA  CB   sing N N 17  
ARG CA  HA   sing N N 18  
ARG C   O    doub N N 19  
ARG C   OXT  sing N N 20  
ARG CB  CG   sing N N 21  
ARG CB  HB2  sing N N 22  
ARG CB  HB3  sing N N 23  
ARG CG  CD   sing N N 24  
ARG CG  HG2  sing N N 25  
ARG CG  HG3  sing N N 26  
ARG CD  NE   sing N N 27  
ARG CD  HD2  sing N N 28  
ARG CD  HD3  sing N N 29  
ARG NE  CZ   sing N N 30  
ARG NE  HE   sing N N 31  
ARG CZ  NH1  sing N N 32  
ARG CZ  NH2  doub N N 33  
ARG NH1 HH11 sing N N 34  
ARG NH1 HH12 sing N N 35  
ARG NH2 HH21 sing N N 36  
ARG NH2 HH22 sing N N 37  
ARG OXT HXT  sing N N 38  
ASN N   CA   sing N N 39  
ASN N   H    sing N N 40  
ASN N   H2   sing N N 41  
ASN CA  C    sing N N 42  
ASN CA  CB   sing N N 43  
ASN CA  HA   sing N N 44  
ASN C   O    doub N N 45  
ASN C   OXT  sing N N 46  
ASN CB  CG   sing N N 47  
ASN CB  HB2  sing N N 48  
ASN CB  HB3  sing N N 49  
ASN CG  OD1  doub N N 50  
ASN CG  ND2  sing N N 51  
ASN ND2 HD21 sing N N 52  
ASN ND2 HD22 sing N N 53  
ASN OXT HXT  sing N N 54  
ASP N   CA   sing N N 55  
ASP N   H    sing N N 56  
ASP N   H2   sing N N 57  
ASP CA  C    sing N N 58  
ASP CA  CB   sing N N 59  
ASP CA  HA   sing N N 60  
ASP C   O    doub N N 61  
ASP C   OXT  sing N N 62  
ASP CB  CG   sing N N 63  
ASP CB  HB2  sing N N 64  
ASP CB  HB3  sing N N 65  
ASP CG  OD1  doub N N 66  
ASP CG  OD2  sing N N 67  
ASP OD2 HD2  sing N N 68  
ASP OXT HXT  sing N N 69  
CYS N   CA   sing N N 70  
CYS N   H    sing N N 71  
CYS N   H2   sing N N 72  
CYS CA  C    sing N N 73  
CYS CA  CB   sing N N 74  
CYS CA  HA   sing N N 75  
CYS C   O    doub N N 76  
CYS C   OXT  sing N N 77  
CYS CB  SG   sing N N 78  
CYS CB  HB2  sing N N 79  
CYS CB  HB3  sing N N 80  
CYS SG  HG   sing N N 81  
CYS OXT HXT  sing N N 82  
GLN N   CA   sing N N 83  
GLN N   H    sing N N 84  
GLN N   H2   sing N N 85  
GLN CA  C    sing N N 86  
GLN CA  CB   sing N N 87  
GLN CA  HA   sing N N 88  
GLN C   O    doub N N 89  
GLN C   OXT  sing N N 90  
GLN CB  CG   sing N N 91  
GLN CB  HB2  sing N N 92  
GLN CB  HB3  sing N N 93  
GLN CG  CD   sing N N 94  
GLN CG  HG2  sing N N 95  
GLN CG  HG3  sing N N 96  
GLN CD  OE1  doub N N 97  
GLN CD  NE2  sing N N 98  
GLN NE2 HE21 sing N N 99  
GLN NE2 HE22 sing N N 100 
GLN OXT HXT  sing N N 101 
GLU N   CA   sing N N 102 
GLU N   H    sing N N 103 
GLU N   H2   sing N N 104 
GLU CA  C    sing N N 105 
GLU CA  CB   sing N N 106 
GLU CA  HA   sing N N 107 
GLU C   O    doub N N 108 
GLU C   OXT  sing N N 109 
GLU CB  CG   sing N N 110 
GLU CB  HB2  sing N N 111 
GLU CB  HB3  sing N N 112 
GLU CG  CD   sing N N 113 
GLU CG  HG2  sing N N 114 
GLU CG  HG3  sing N N 115 
GLU CD  OE1  doub N N 116 
GLU CD  OE2  sing N N 117 
GLU OE2 HE2  sing N N 118 
GLU OXT HXT  sing N N 119 
GLY N   CA   sing N N 120 
GLY N   H    sing N N 121 
GLY N   H2   sing N N 122 
GLY CA  C    sing N N 123 
GLY CA  HA2  sing N N 124 
GLY CA  HA3  sing N N 125 
GLY C   O    doub N N 126 
GLY C   OXT  sing N N 127 
GLY OXT HXT  sing N N 128 
HIS N   CA   sing N N 129 
HIS N   H    sing N N 130 
HIS N   H2   sing N N 131 
HIS CA  C    sing N N 132 
HIS CA  CB   sing N N 133 
HIS CA  HA   sing N N 134 
HIS C   O    doub N N 135 
HIS C   OXT  sing N N 136 
HIS CB  CG   sing N N 137 
HIS CB  HB2  sing N N 138 
HIS CB  HB3  sing N N 139 
HIS CG  ND1  sing Y N 140 
HIS CG  CD2  doub Y N 141 
HIS ND1 CE1  doub Y N 142 
HIS ND1 HD1  sing N N 143 
HIS CD2 NE2  sing Y N 144 
HIS CD2 HD2  sing N N 145 
HIS CE1 NE2  sing Y N 146 
HIS CE1 HE1  sing N N 147 
HIS NE2 HE2  sing N N 148 
HIS OXT HXT  sing N N 149 
HOH O   H1   sing N N 150 
HOH O   H2   sing N N 151 
ILE N   CA   sing N N 152 
ILE N   H    sing N N 153 
ILE N   H2   sing N N 154 
ILE CA  C    sing N N 155 
ILE CA  CB   sing N N 156 
ILE CA  HA   sing N N 157 
ILE C   O    doub N N 158 
ILE C   OXT  sing N N 159 
ILE CB  CG1  sing N N 160 
ILE CB  CG2  sing N N 161 
ILE CB  HB   sing N N 162 
ILE CG1 CD1  sing N N 163 
ILE CG1 HG12 sing N N 164 
ILE CG1 HG13 sing N N 165 
ILE CG2 HG21 sing N N 166 
ILE CG2 HG22 sing N N 167 
ILE CG2 HG23 sing N N 168 
ILE CD1 HD11 sing N N 169 
ILE CD1 HD12 sing N N 170 
ILE CD1 HD13 sing N N 171 
ILE OXT HXT  sing N N 172 
LEU N   CA   sing N N 173 
LEU N   H    sing N N 174 
LEU N   H2   sing N N 175 
LEU CA  C    sing N N 176 
LEU CA  CB   sing N N 177 
LEU CA  HA   sing N N 178 
LEU C   O    doub N N 179 
LEU C   OXT  sing N N 180 
LEU CB  CG   sing N N 181 
LEU CB  HB2  sing N N 182 
LEU CB  HB3  sing N N 183 
LEU CG  CD1  sing N N 184 
LEU CG  CD2  sing N N 185 
LEU CG  HG   sing N N 186 
LEU CD1 HD11 sing N N 187 
LEU CD1 HD12 sing N N 188 
LEU CD1 HD13 sing N N 189 
LEU CD2 HD21 sing N N 190 
LEU CD2 HD22 sing N N 191 
LEU CD2 HD23 sing N N 192 
LEU OXT HXT  sing N N 193 
LYS N   CA   sing N N 194 
LYS N   H    sing N N 195 
LYS N   H2   sing N N 196 
LYS CA  C    sing N N 197 
LYS CA  CB   sing N N 198 
LYS CA  HA   sing N N 199 
LYS C   O    doub N N 200 
LYS C   OXT  sing N N 201 
LYS CB  CG   sing N N 202 
LYS CB  HB2  sing N N 203 
LYS CB  HB3  sing N N 204 
LYS CG  CD   sing N N 205 
LYS CG  HG2  sing N N 206 
LYS CG  HG3  sing N N 207 
LYS CD  CE   sing N N 208 
LYS CD  HD2  sing N N 209 
LYS CD  HD3  sing N N 210 
LYS CE  NZ   sing N N 211 
LYS CE  HE2  sing N N 212 
LYS CE  HE3  sing N N 213 
LYS NZ  HZ1  sing N N 214 
LYS NZ  HZ2  sing N N 215 
LYS NZ  HZ3  sing N N 216 
LYS OXT HXT  sing N N 217 
MET N   CA   sing N N 218 
MET N   H    sing N N 219 
MET N   H2   sing N N 220 
MET CA  C    sing N N 221 
MET CA  CB   sing N N 222 
MET CA  HA   sing N N 223 
MET C   O    doub N N 224 
MET C   OXT  sing N N 225 
MET CB  CG   sing N N 226 
MET CB  HB2  sing N N 227 
MET CB  HB3  sing N N 228 
MET CG  SD   sing N N 229 
MET CG  HG2  sing N N 230 
MET CG  HG3  sing N N 231 
MET SD  CE   sing N N 232 
MET CE  HE1  sing N N 233 
MET CE  HE2  sing N N 234 
MET CE  HE3  sing N N 235 
MET OXT HXT  sing N N 236 
PHE N   CA   sing N N 237 
PHE N   H    sing N N 238 
PHE N   H2   sing N N 239 
PHE CA  C    sing N N 240 
PHE CA  CB   sing N N 241 
PHE CA  HA   sing N N 242 
PHE C   O    doub N N 243 
PHE C   OXT  sing N N 244 
PHE CB  CG   sing N N 245 
PHE CB  HB2  sing N N 246 
PHE CB  HB3  sing N N 247 
PHE CG  CD1  doub Y N 248 
PHE CG  CD2  sing Y N 249 
PHE CD1 CE1  sing Y N 250 
PHE CD1 HD1  sing N N 251 
PHE CD2 CE2  doub Y N 252 
PHE CD2 HD2  sing N N 253 
PHE CE1 CZ   doub Y N 254 
PHE CE1 HE1  sing N N 255 
PHE CE2 CZ   sing Y N 256 
PHE CE2 HE2  sing N N 257 
PHE CZ  HZ   sing N N 258 
PHE OXT HXT  sing N N 259 
PRO N   CA   sing N N 260 
PRO N   CD   sing N N 261 
PRO N   H    sing N N 262 
PRO CA  C    sing N N 263 
PRO CA  CB   sing N N 264 
PRO CA  HA   sing N N 265 
PRO C   O    doub N N 266 
PRO C   OXT  sing N N 267 
PRO CB  CG   sing N N 268 
PRO CB  HB2  sing N N 269 
PRO CB  HB3  sing N N 270 
PRO CG  CD   sing N N 271 
PRO CG  HG2  sing N N 272 
PRO CG  HG3  sing N N 273 
PRO CD  HD2  sing N N 274 
PRO CD  HD3  sing N N 275 
PRO OXT HXT  sing N N 276 
SER N   CA   sing N N 277 
SER N   H    sing N N 278 
SER N   H2   sing N N 279 
SER CA  C    sing N N 280 
SER CA  CB   sing N N 281 
SER CA  HA   sing N N 282 
SER C   O    doub N N 283 
SER C   OXT  sing N N 284 
SER CB  OG   sing N N 285 
SER CB  HB2  sing N N 286 
SER CB  HB3  sing N N 287 
SER OG  HG   sing N N 288 
SER OXT HXT  sing N N 289 
THR N   CA   sing N N 290 
THR N   H    sing N N 291 
THR N   H2   sing N N 292 
THR CA  C    sing N N 293 
THR CA  CB   sing N N 294 
THR CA  HA   sing N N 295 
THR C   O    doub N N 296 
THR C   OXT  sing N N 297 
THR CB  OG1  sing N N 298 
THR CB  CG2  sing N N 299 
THR CB  HB   sing N N 300 
THR OG1 HG1  sing N N 301 
THR CG2 HG21 sing N N 302 
THR CG2 HG22 sing N N 303 
THR CG2 HG23 sing N N 304 
THR OXT HXT  sing N N 305 
TRP N   CA   sing N N 306 
TRP N   H    sing N N 307 
TRP N   H2   sing N N 308 
TRP CA  C    sing N N 309 
TRP CA  CB   sing N N 310 
TRP CA  HA   sing N N 311 
TRP C   O    doub N N 312 
TRP C   OXT  sing N N 313 
TRP CB  CG   sing N N 314 
TRP CB  HB2  sing N N 315 
TRP CB  HB3  sing N N 316 
TRP CG  CD1  doub Y N 317 
TRP CG  CD2  sing Y N 318 
TRP CD1 NE1  sing Y N 319 
TRP CD1 HD1  sing N N 320 
TRP CD2 CE2  doub Y N 321 
TRP CD2 CE3  sing Y N 322 
TRP NE1 CE2  sing Y N 323 
TRP NE1 HE1  sing N N 324 
TRP CE2 CZ2  sing Y N 325 
TRP CE3 CZ3  doub Y N 326 
TRP CE3 HE3  sing N N 327 
TRP CZ2 CH2  doub Y N 328 
TRP CZ2 HZ2  sing N N 329 
TRP CZ3 CH2  sing Y N 330 
TRP CZ3 HZ3  sing N N 331 
TRP CH2 HH2  sing N N 332 
TRP OXT HXT  sing N N 333 
TYR N   CA   sing N N 334 
TYR N   H    sing N N 335 
TYR N   H2   sing N N 336 
TYR CA  C    sing N N 337 
TYR CA  CB   sing N N 338 
TYR CA  HA   sing N N 339 
TYR C   O    doub N N 340 
TYR C   OXT  sing N N 341 
TYR CB  CG   sing N N 342 
TYR CB  HB2  sing N N 343 
TYR CB  HB3  sing N N 344 
TYR CG  CD1  doub Y N 345 
TYR CG  CD2  sing Y N 346 
TYR CD1 CE1  sing Y N 347 
TYR CD1 HD1  sing N N 348 
TYR CD2 CE2  doub Y N 349 
TYR CD2 HD2  sing N N 350 
TYR CE1 CZ   doub Y N 351 
TYR CE1 HE1  sing N N 352 
TYR CE2 CZ   sing Y N 353 
TYR CE2 HE2  sing N N 354 
TYR CZ  OH   sing N N 355 
TYR OH  HH   sing N N 356 
TYR OXT HXT  sing N N 357 
VAL N   CA   sing N N 358 
VAL N   H    sing N N 359 
VAL N   H2   sing N N 360 
VAL CA  C    sing N N 361 
VAL CA  CB   sing N N 362 
VAL CA  HA   sing N N 363 
VAL C   O    doub N N 364 
VAL C   OXT  sing N N 365 
VAL CB  CG1  sing N N 366 
VAL CB  CG2  sing N N 367 
VAL CB  HB   sing N N 368 
VAL CG1 HG11 sing N N 369 
VAL CG1 HG12 sing N N 370 
VAL CG1 HG13 sing N N 371 
VAL CG2 HG21 sing N N 372 
VAL CG2 HG22 sing N N 373 
VAL CG2 HG23 sing N N 374 
VAL OXT HXT  sing N N 375 
# 
_pdbx_audit_support.funding_organization   'Foundation for Science and Technology (FCT)' 
_pdbx_audit_support.country                Portugal 
_pdbx_audit_support.grant_number           PTDC/BIA-MIB/31730/2017 
_pdbx_audit_support.ordinal                1 
# 
_pdbx_entity_instance_feature.ordinal        1 
_pdbx_entity_instance_feature.comp_id        CA 
_pdbx_entity_instance_feature.asym_id        ? 
_pdbx_entity_instance_feature.seq_num        ? 
_pdbx_entity_instance_feature.auth_comp_id   CA 
_pdbx_entity_instance_feature.auth_asym_id   ? 
_pdbx_entity_instance_feature.auth_seq_num   ? 
_pdbx_entity_instance_feature.feature_type   'SUBJECT OF INVESTIGATION' 
_pdbx_entity_instance_feature.details        ? 
# 
_pdbx_initial_refinement_model.id               1 
_pdbx_initial_refinement_model.entity_id_list   ? 
_pdbx_initial_refinement_model.type             'experimental model' 
_pdbx_initial_refinement_model.source_name      PDB 
_pdbx_initial_refinement_model.accession_code   7BLG 
_pdbx_initial_refinement_model.details          ? 
# 
_space_group.name_H-M_alt     'P 1 21 1' 
_space_group.name_Hall        'P 2yb' 
_space_group.IT_number        4 
_space_group.crystal_system   monoclinic 
_space_group.id               1 
# 
_atom_sites.entry_id                    7BLK 
_atom_sites.Cartn_transf_matrix[1][1]   ? 
_atom_sites.Cartn_transf_matrix[1][2]   ? 
_atom_sites.Cartn_transf_matrix[1][3]   ? 
_atom_sites.Cartn_transf_matrix[2][1]   ? 
_atom_sites.Cartn_transf_matrix[2][2]   ? 
_atom_sites.Cartn_transf_matrix[2][3]   ? 
_atom_sites.Cartn_transf_matrix[3][1]   ? 
_atom_sites.Cartn_transf_matrix[3][2]   ? 
_atom_sites.Cartn_transf_matrix[3][3]   ? 
_atom_sites.Cartn_transf_vector[1]      ? 
_atom_sites.Cartn_transf_vector[2]      ? 
_atom_sites.Cartn_transf_vector[3]      ? 
_atom_sites.fract_transf_matrix[1][1]   0.01844134 
_atom_sites.fract_transf_matrix[1][2]   -0.01329128 
_atom_sites.fract_transf_matrix[1][3]   -0.01564415 
_atom_sites.fract_transf_matrix[2][1]   0.01638067 
_atom_sites.fract_transf_matrix[2][2]   0.02409854 
_atom_sites.fract_transf_matrix[2][3]   -0.00116459 
_atom_sites.fract_transf_matrix[3][1]   0.01245412 
_atom_sites.fract_transf_matrix[3][2]   -0.00772032 
_atom_sites.fract_transf_matrix[3][3]   0.01542042 
_atom_sites.fract_transf_vector[1]      -0.389093 
_atom_sites.fract_transf_vector[2]      -0.063748 
_atom_sites.fract_transf_vector[3]      -0.226889 
_atom_sites.solution_primary            ? 
_atom_sites.solution_secondary          ? 
_atom_sites.solution_hydrogens          ? 
_atom_sites.special_details             ? 
# 
loop_
_atom_type.symbol 
_atom_type.scat_dispersion_real 
_atom_type.scat_dispersion_imag 
_atom_type.scat_Cromer_Mann_a1 
_atom_type.scat_Cromer_Mann_a2 
_atom_type.scat_Cromer_Mann_a3 
_atom_type.scat_Cromer_Mann_a4 
_atom_type.scat_Cromer_Mann_b1 
_atom_type.scat_Cromer_Mann_b2 
_atom_type.scat_Cromer_Mann_b3 
_atom_type.scat_Cromer_Mann_b4 
_atom_type.scat_Cromer_Mann_c 
_atom_type.scat_source 
_atom_type.scat_dispersion_source 
C  ? ? 3.54356 2.42580 ?       ? 25.62398 1.50364  ?        ? 0.0 
;2-Gaussian fit: Grosse-Kunstleve RW, Sauter NK, Adams PD: Newsletter of the IUCr Commission on Crystallographic Computing 2004, 3, 22-31.
;
? 
CA ? ? 8.75937 8.41257 2.76798 ? 9.64476  0.47514  97.39057 ? 0.0 
;3-Gaussian fit: Grosse-Kunstleve RW, Sauter NK, Adams PD: Newsletter of the IUCr Commission on Crystallographic Computing 2004, 3, 22-31.
;
? 
N  ? ? 4.01032 2.96436 ?       ? 19.97189 1.75589  ?        ? 0.0 
;2-Gaussian fit: Grosse-Kunstleve RW, Sauter NK, Adams PD: Newsletter of the IUCr Commission on Crystallographic Computing 2004, 3, 22-31.
;
? 
O  ? ? 4.49882 3.47563 ?       ? 15.80542 1.70748  ?        ? 0.0 
;2-Gaussian fit: Grosse-Kunstleve RW, Sauter NK, Adams PD: Newsletter of the IUCr Commission on Crystallographic Computing 2004, 3, 22-31.
;
? 
S  ? ? 9.55732 6.39887 ?       ? 1.23737  29.19336 ?        ? 0.0 
;2-Gaussian fit: Grosse-Kunstleve RW, Sauter NK, Adams PD: Newsletter of the IUCr Commission on Crystallographic Computing 2004, 3, 22-31.
;
? 
# 
loop_
_atom_site.group_PDB 
_atom_site.id 
_atom_site.type_symbol 
_atom_site.label_atom_id 
_atom_site.label_alt_id 
_atom_site.label_comp_id 
_atom_site.label_asym_id 
_atom_site.label_entity_id 
_atom_site.label_seq_id 
_atom_site.pdbx_PDB_ins_code 
_atom_site.Cartn_x 
_atom_site.Cartn_y 
_atom_site.Cartn_z 
_atom_site.occupancy 
_atom_site.B_iso_or_equiv 
_atom_site.pdbx_formal_charge 
_atom_site.auth_seq_id 
_atom_site.auth_comp_id 
_atom_site.auth_asym_id 
_atom_site.auth_atom_id 
_atom_site.pdbx_PDB_model_num 
ATOM   1    N  N   . GLY A 1 21  ? -4.986  4.682   -23.102 1.00 58.23 ? 21  GLY A N   1 
ATOM   2    C  CA  . GLY A 1 21  ? -5.773  3.538   -22.678 1.00 48.34 ? 21  GLY A CA  1 
ATOM   3    C  C   . GLY A 1 21  ? -5.011  2.566   -21.800 1.00 45.70 ? 21  GLY A C   1 
ATOM   4    O  O   . GLY A 1 21  ? -4.650  1.474   -22.240 1.00 52.95 ? 21  GLY A O   1 
ATOM   5    N  N   . ASP A 1 22  ? -4.760  2.965   -20.554 1.00 36.25 ? 22  ASP A N   1 
ATOM   6    C  CA  . ASP A 1 22  ? -4.099  2.104   -19.581 1.00 40.71 ? 22  ASP A CA  1 
ATOM   7    C  C   . ASP A 1 22  ? -5.149  1.365   -18.762 1.00 30.54 ? 22  ASP A C   1 
ATOM   8    O  O   . ASP A 1 22  ? -6.116  1.970   -18.288 1.00 35.23 ? 22  ASP A O   1 
ATOM   9    C  CB  . ASP A 1 22  ? -3.186  2.919   -18.661 1.00 28.80 ? 22  ASP A CB  1 
ATOM   10   C  CG  . ASP A 1 22  ? -1.898  3.344   -19.346 1.00 37.24 ? 22  ASP A CG  1 
ATOM   11   O  OD1 . ASP A 1 22  ? -1.693  2.968   -20.519 1.00 33.31 ? 22  ASP A OD1 1 
ATOM   12   O  OD2 . ASP A 1 22  ? -1.087  4.051   -18.709 1.00 25.70 ? 22  ASP A OD2 1 
ATOM   13   N  N   . ILE A 1 23  ? -4.956  0.061   -18.603 1.00 18.56 ? 23  ILE A N   1 
ATOM   14   C  CA  . ILE A 1 23  ? -5.922  -0.802  -17.935 1.00 19.18 ? 23  ILE A CA  1 
ATOM   15   C  C   . ILE A 1 23  ? -5.660  -0.751  -16.436 1.00 15.52 ? 23  ILE A C   1 
ATOM   16   O  O   . ILE A 1 23  ? -4.546  -1.028  -15.981 1.00 16.81 ? 23  ILE A O   1 
ATOM   17   C  CB  . ILE A 1 23  ? -5.823  -2.245  -18.453 1.00 21.79 ? 23  ILE A CB  1 
ATOM   18   C  CG1 . ILE A 1 23  ? -6.101  -2.299  -19.957 1.00 29.28 ? 23  ILE A CG1 1 
ATOM   19   C  CG2 . ILE A 1 23  ? -6.780  -3.152  -17.692 1.00 28.25 ? 23  ILE A CG2 1 
ATOM   20   C  CD1 . ILE A 1 23  ? -4.853  -2.370  -20.812 1.00 45.40 ? 23  ILE A CD1 1 
ATOM   21   N  N   . LYS A 1 24  ? -6.684  -0.404  -15.665 1.00 15.55 ? 24  LYS A N   1 
ATOM   22   C  CA  . LYS A 1 24  ? -6.592  -0.428  -14.213 1.00 15.02 ? 24  LYS A CA  1 
ATOM   23   C  C   . LYS A 1 24  ? -6.977  -1.827  -13.746 1.00 16.92 ? 24  LYS A C   1 
ATOM   24   O  O   . LYS A 1 24  ? -8.126  -2.248  -13.907 1.00 21.36 ? 24  LYS A O   1 
ATOM   25   C  CB  . LYS A 1 24  ? -7.518  0.628   -13.627 1.00 16.36 ? 24  LYS A CB  1 
ATOM   26   C  CG  . LYS A 1 24  ? -7.401  0.782   -12.133 1.00 18.88 ? 24  LYS A CG  1 
ATOM   27   C  CD  . LYS A 1 24  ? -8.387  1.822   -11.627 1.00 23.62 ? 24  LYS A CD  1 
ATOM   28   C  CE  . LYS A 1 24  ? -8.483  1.795   -10.113 1.00 32.11 ? 24  LYS A CE  1 
ATOM   29   N  NZ  . LYS A 1 24  ? -9.599  2.654   -9.626  1.00 32.98 ? 24  LYS A NZ  1 
ATOM   30   N  N   . ILE A 1 25  ? -6.018  -2.541  -13.152 1.00 12.79 ? 25  ILE A N   1 
ATOM   31   C  CA  . ILE A 1 25  ? -6.227  -3.938  -12.794 1.00 12.51 ? 25  ILE A CA  1 
ATOM   32   C  C   . ILE A 1 25  ? -7.187  -4.030  -11.616 1.00 12.26 ? 25  ILE A C   1 
ATOM   33   O  O   . ILE A 1 25  ? -7.114  -3.237  -10.666 1.00 14.10 ? 25  ILE A O   1 
ATOM   34   C  CB  . ILE A 1 25  ? -4.876  -4.591  -12.456 1.00 12.86 ? 25  ILE A CB  1 
ATOM   35   C  CG1 . ILE A 1 25  ? -3.856  -4.354  -13.579 1.00 15.79 ? 25  ILE A CG1 1 
ATOM   36   C  CG2 . ILE A 1 25  ? -5.054  -6.074  -12.170 1.00 15.62 ? 25  ILE A CG2 1 
ATOM   37   C  CD1 . ILE A 1 25  ? -4.340  -4.737  -14.951 1.00 17.85 ? 25  ILE A CD1 1 
ATOM   38   N  N   . LYS A 1 26  ? -8.073  -5.025  -11.646 1.00 12.85 ? 26  LYS A N   1 
ATOM   39   C  CA  . LYS A 1 26  ? -9.081  -5.172  -10.602 1.00 12.78 ? 26  LYS A CA  1 
ATOM   40   C  C   . LYS A 1 26  ? -8.487  -5.855  -9.375  1.00 12.31 ? 26  LYS A C   1 
ATOM   41   O  O   . LYS A 1 26  ? -8.053  -7.011  -9.442  1.00 13.14 ? 26  LYS A O   1 
ATOM   42   C  CB  . LYS A 1 26  ? -10.278 -5.969  -11.115 1.00 13.84 ? 26  LYS A CB  1 
ATOM   43   C  CG  . LYS A 1 26  ? -11.356 -6.217  -10.058 1.00 14.48 ? 26  LYS A CG  1 
ATOM   44   C  CD  . LYS A 1 26  ? -11.939 -4.914  -9.526  1.00 14.42 ? 26  LYS A CD  1 
ATOM   45   C  CE  . LYS A 1 26  ? -13.039 -5.163  -8.497  1.00 14.50 ? 26  LYS A CE  1 
ATOM   46   N  NZ  . LYS A 1 26  ? -13.621 -3.884  -7.987  1.00 16.17 ? 26  LYS A NZ  1 
ATOM   47   N  N   . ILE A 1 27  ? -8.476  -5.145  -8.255  1.00 12.19 ? 27  ILE A N   1 
ATOM   48   C  CA  . ILE A 1 27  ? -8.102  -5.730  -6.970  1.00 11.68 ? 27  ILE A CA  1 
ATOM   49   C  C   . ILE A 1 27  ? -9.347  -6.374  -6.370  1.00 12.50 ? 27  ILE A C   1 
ATOM   50   O  O   . ILE A 1 27  ? -10.362 -5.702  -6.158  1.00 12.98 ? 27  ILE A O   1 
ATOM   51   C  CB  . ILE A 1 27  ? -7.534  -4.673  -6.012  1.00 12.25 ? 27  ILE A CB  1 
ATOM   52   C  CG1 . ILE A 1 27  ? -6.337  -3.946  -6.629  1.00 12.42 ? 27  ILE A CG1 1 
ATOM   53   C  CG2 . ILE A 1 27  ? -7.171  -5.311  -4.676  1.00 12.62 ? 27  ILE A CG2 1 
ATOM   54   C  CD1 . ILE A 1 27  ? -5.935  -2.703  -5.860  1.00 14.69 ? 27  ILE A CD1 1 
ATOM   55   N  N   . VAL A 1 28  ? -9.276  -7.673  -6.094  1.00 12.68 ? 28  VAL A N   1 
ATOM   56   C  CA  . VAL A 1 28  ? -10.423 -8.411  -5.572  1.00 14.27 ? 28  VAL A CA  1 
ATOM   57   C  C   . VAL A 1 28  ? -10.378 -8.616  -4.064  1.00 13.49 ? 28  VAL A C   1 
ATOM   58   O  O   . VAL A 1 28  ? -11.438 -8.813  -3.449  1.00 15.16 ? 28  VAL A O   1 
ATOM   59   C  CB  . VAL A 1 28  ? -10.635 -9.759  -6.298  1.00 14.32 ? 28  VAL A CB  1 
ATOM   60   C  CG1 . VAL A 1 28  ? -10.928 -9.524  -7.767  1.00 16.67 ? 28  VAL A CG1 1 
ATOM   61   C  CG2 . VAL A 1 28  ? -9.428  -10.670 -6.130  1.00 15.56 ? 28  VAL A CG2 1 
ATOM   62   N  N   . SER A 1 29  ? -9.200  -8.579  -3.451  1.00 12.37 ? 29  SER A N   1 
ATOM   63   C  CA  . SER A 1 29  ? -9.083  -8.819  -2.022  1.00 11.96 ? 29  SER A CA  1 
ATOM   64   C  C   . SER A 1 29  ? -7.739  -8.285  -1.561  1.00 11.32 ? 29  SER A C   1 
ATOM   65   O  O   . SER A 1 29  ? -6.865  -7.959  -2.369  1.00 11.55 ? 29  SER A O   1 
ATOM   66   C  CB  . SER A 1 29  ? -9.179  -10.311 -1.703  1.00 14.48 ? 29  SER A CB  1 
ATOM   67   O  OG  . SER A 1 29  ? -8.042  -10.996 -2.205  1.00 15.22 ? 29  SER A OG  1 
ATOM   68   N  N   . GLY A 1 30  ? -7.575  -8.221  -0.248  1.00 11.99 ? 30  GLY A N   1 
ATOM   69   C  CA  . GLY A 1 30  ? -6.303  -7.805  0.302   1.00 11.67 ? 30  GLY A CA  1 
ATOM   70   C  C   . GLY A 1 30  ? -6.219  -8.170  1.764   1.00 10.87 ? 30  GLY A C   1 
ATOM   71   O  O   . GLY A 1 30  ? -7.187  -8.632  2.375   1.00 12.30 ? 30  GLY A O   1 
ATOM   72   N  N   . THR A 1 31  ? -5.042  -7.933  2.339   1.00 10.59 ? 31  THR A N   1 
ATOM   73   C  CA  . THR A 1 31  ? -4.842  -8.100  3.772   1.00 10.78 ? 31  THR A CA  1 
ATOM   74   C  C   . THR A 1 31  ? -3.977  -6.969  4.308   1.00 11.10 ? 31  THR A C   1 
ATOM   75   O  O   . THR A 1 31  ? -3.173  -6.372  3.582   1.00 12.13 ? 31  THR A O   1 
ATOM   76   C  CB  . THR A 1 31  ? -4.163  -9.431  4.134   1.00 11.85 ? 31  THR A CB  1 
ATOM   77   O  OG1 . THR A 1 31  ? -2.786  -9.392  3.742   1.00 12.69 ? 31  THR A OG1 1 
ATOM   78   C  CG2 . THR A 1 31  ? -4.858  -10.629 3.485   1.00 13.70 ? 31  THR A CG2 1 
ATOM   79   N  N   . ALA A 1 32  ? -4.147  -6.685  5.596   1.00 10.84 ? 32  ALA A N   1 
ATOM   80   C  CA  . ALA A 1 32  ? -3.303  -5.731  6.297   1.00 10.81 ? 32  ALA A CA  1 
ATOM   81   C  C   . ALA A 1 32  ? -2.937  -6.310  7.653   1.00 12.17 ? 32  ALA A C   1 
ATOM   82   O  O   . ALA A 1 32  ? -3.799  -6.831  8.368   1.00 12.58 ? 32  ALA A O   1 
ATOM   83   C  CB  . ALA A 1 32  ? -4.034  -4.401  6.516   1.00 11.82 ? 32  ALA A CB  1 
ATOM   84   N  N   . SER A 1 33  ? -1.665  -6.183  8.023   1.00 10.50 ? 33  SER A N   1 
ATOM   85   C  CA  . SER A 1 33  ? -1.219  -6.686  9.319   1.00 11.26 ? 33  SER A CA  1 
ATOM   86   C  C   . SER A 1 33  ? -1.697  -5.817  10.467  1.00 11.11 ? 33  SER A C   1 
ATOM   87   O  O   . SER A 1 33  ? -1.650  -6.253  11.624  1.00 12.91 ? 33  SER A O   1 
ATOM   88   C  CB  . SER A 1 33  ? 0.307   -6.776  9.378   1.00 11.82 ? 33  SER A CB  1 
ATOM   89   O  OG  . SER A 1 33  ? 0.921   -5.506  9.209   1.00 11.72 ? 33  SER A OG  1 
ATOM   90   N  N   . SER A 1 34  ? -2.140  -4.595  10.183  1.00 11.09 ? 34  SER A N   1 
ATOM   91   C  CA  . SER A 1 34  ? -2.677  -3.691  11.186  1.00 10.97 ? 34  SER A CA  1 
ATOM   92   C  C   . SER A 1 34  ? -3.797  -2.900  10.533  1.00 11.88 ? 34  SER A C   1 
ATOM   93   O  O   . SER A 1 34  ? -3.591  -2.326  9.461   1.00 10.60 ? 34  SER A O   1 
ATOM   94   C  CB  . SER A 1 34  ? -1.594  -2.715  11.649  1.00 10.98 ? 34  SER A CB  1 
ATOM   95   O  OG  . SER A 1 34  ? -2.109  -1.785  12.589  1.00 11.06 ? 34  SER A OG  1 
ATOM   96   N  N   . PHE A 1 35  ? -4.963  -2.844  11.173  1.00 11.70 ? 35  PHE A N   1 
ATOM   97   C  CA  . PHE A 1 35  ? -6.030  -1.971  10.699  1.00 11.53 ? 35  PHE A CA  1 
ATOM   98   C  C   . PHE A 1 35  ? -6.895  -1.543  11.872  1.00 11.83 ? 35  PHE A C   1 
ATOM   99   O  O   . PHE A 1 35  ? -7.057  -2.278  12.848  1.00 13.65 ? 35  PHE A O   1 
ATOM   100  C  CB  . PHE A 1 35  ? -6.905  -2.612  9.601   1.00 12.59 ? 35  PHE A CB  1 
ATOM   101  C  CG  . PHE A 1 35  ? -7.765  -3.745  10.081  1.00 13.08 ? 35  PHE A CG  1 
ATOM   102  C  CD1 . PHE A 1 35  ? -7.240  -5.016  10.226  1.00 14.34 ? 35  PHE A CD1 1 
ATOM   103  C  CD2 . PHE A 1 35  ? -9.100  -3.542  10.379  1.00 15.61 ? 35  PHE A CD2 1 
ATOM   104  C  CE1 . PHE A 1 35  ? -8.021  -6.064  10.665  1.00 17.94 ? 35  PHE A CE1 1 
ATOM   105  C  CE2 . PHE A 1 35  ? -9.890  -4.586  10.828  1.00 17.74 ? 35  PHE A CE2 1 
ATOM   106  C  CZ  . PHE A 1 35  ? -9.350  -5.849  10.966  1.00 17.74 ? 35  PHE A CZ  1 
ATOM   107  N  N   . GLN A 1 36  ? -7.429  -0.335  11.772  1.00 11.53 ? 36  GLN A N   1 
ATOM   108  C  CA  . GLN A 1 36  ? -8.476  0.112   12.675  1.00 12.68 ? 36  GLN A CA  1 
ATOM   109  C  C   . GLN A 1 36  ? -9.807  -0.391  12.132  1.00 13.46 ? 36  GLN A C   1 
ATOM   110  O  O   . GLN A 1 36  ? -10.069 -0.290  10.931  1.00 13.74 ? 36  GLN A O   1 
ATOM   111  C  CB  . GLN A 1 36  ? -8.466  1.638   12.719  1.00 11.00 ? 36  GLN A CB  1 
ATOM   112  C  CG  . GLN A 1 36  ? -9.434  2.236   13.691  1.00 12.82 ? 36  GLN A CG  1 
ATOM   113  C  CD  . GLN A 1 36  ? -9.070  1.943   15.131  1.00 13.70 ? 36  GLN A CD  1 
ATOM   114  O  OE1 . GLN A 1 36  ? -7.969  1.493   15.439  1.00 15.96 ? 36  GLN A OE1 1 
ATOM   115  N  NE2 . GLN A 1 36  ? -10.004 2.210   16.028  1.00 16.96 ? 36  GLN A NE2 1 
ATOM   116  N  N   A SER A 1 37  ? -10.639 -0.948  13.014  0.65 15.47 ? 37  SER A N   1 
ATOM   117  N  N   B SER A 1 37  ? -10.644 -0.937  13.015  0.35 15.53 ? 37  SER A N   1 
ATOM   118  C  CA  A SER A 1 37  ? -11.933 -1.474  12.598  0.65 16.49 ? 37  SER A CA  1 
ATOM   119  C  CA  B SER A 1 37  ? -11.933 -1.474  12.595  0.35 16.61 ? 37  SER A CA  1 
ATOM   120  C  C   A SER A 1 37  ? -12.703 -0.418  11.815  0.65 18.26 ? 37  SER A C   1 
ATOM   121  C  C   B SER A 1 37  ? -12.722 -0.423  11.825  0.35 18.28 ? 37  SER A C   1 
ATOM   122  O  O   A SER A 1 37  ? -12.799 0.738   12.235  0.65 18.31 ? 37  SER A O   1 
ATOM   123  O  O   B SER A 1 37  ? -12.854 0.721   12.267  0.35 18.32 ? 37  SER A O   1 
ATOM   124  C  CB  A SER A 1 37  ? -12.730 -1.897  13.834  0.65 21.98 ? 37  SER A CB  1 
ATOM   125  C  CB  B SER A 1 37  ? -12.721 -1.928  13.824  0.35 21.91 ? 37  SER A CB  1 
ATOM   126  O  OG  A SER A 1 37  ? -14.007 -2.401  13.477  0.65 23.93 ? 37  SER A OG  1 
ATOM   127  O  OG  B SER A 1 37  ? -12.035 -2.959  14.513  0.35 22.95 ? 37  SER A OG  1 
ATOM   128  N  N   . GLY A 1 38  ? -13.235 -0.816  10.658  1.00 16.89 ? 38  GLY A N   1 
ATOM   129  C  CA  . GLY A 1 38  ? -13.910 0.103   9.764   1.00 18.85 ? 38  GLY A CA  1 
ATOM   130  C  C   . GLY A 1 38  ? -13.021 0.735   8.712   1.00 14.80 ? 38  GLY A C   1 
ATOM   131  O  O   . GLY A 1 38  ? -13.536 1.397   7.800   1.00 16.71 ? 38  GLY A O   1 
ATOM   132  N  N   . SER A 1 39  ? -11.703 0.556   8.813   1.00 14.80 ? 39  SER A N   1 
ATOM   133  C  CA  . SER A 1 39  ? -10.727 1.075   7.863   1.00 12.34 ? 39  SER A CA  1 
ATOM   134  C  C   . SER A 1 39  ? -9.775  -0.025  7.426   1.00 10.96 ? 39  SER A C   1 
ATOM   135  O  O   . SER A 1 39  ? -8.562  0.175   7.320   1.00 11.11 ? 39  SER A O   1 
ATOM   136  C  CB  . SER A 1 39  ? -9.951  2.250   8.452   1.00 13.22 ? 39  SER A CB  1 
ATOM   137  O  OG  . SER A 1 39  ? -10.840 3.213   8.994   1.00 18.65 ? 39  SER A OG  1 
ATOM   138  N  N   . ASN A 1 40  ? -10.312 -1.211  7.180   1.00 12.53 ? 40  ASN A N   1 
ATOM   139  C  CA  . ASN A 1 40  ? -9.499  -2.310  6.695   1.00 12.38 ? 40  ASN A CA  1 
ATOM   140  C  C   . ASN A 1 40  ? -9.082  -2.050  5.242   1.00 11.46 ? 40  ASN A C   1 
ATOM   141  O  O   . ASN A 1 40  ? -9.500  -1.080  4.595   1.00 11.27 ? 40  ASN A O   1 
ATOM   142  C  CB  . ASN A 1 40  ? -10.261 -3.624  6.856   1.00 15.25 ? 40  ASN A CB  1 
ATOM   143  C  CG  . ASN A 1 40  ? -9.345  -4.844  7.014   1.00 16.28 ? 40  ASN A CG  1 
ATOM   144  O  OD1 . ASN A 1 40  ? -8.130  -4.795  6.773   1.00 14.21 ? 40  ASN A OD1 1 
ATOM   145  N  ND2 . ASN A 1 40  ? -9.946  -5.958  7.421   1.00 21.66 ? 40  ASN A ND2 1 
ATOM   146  N  N   . ILE A 1 41  ? -8.248  -2.961  4.738   1.00 11.55 ? 41  ILE A N   1 
ATOM   147  C  CA  . ILE A 1 41  ? -7.515  -2.755  3.494   1.00 11.02 ? 41  ILE A CA  1 
ATOM   148  C  C   . ILE A 1 41  ? -8.445  -2.509  2.316   1.00 11.46 ? 41  ILE A C   1 
ATOM   149  O  O   . ILE A 1 41  ? -8.092  -1.774  1.388   1.00 11.09 ? 41  ILE A O   1 
ATOM   150  C  CB  . ILE A 1 41  ? -6.579  -3.958  3.267   1.00 12.51 ? 41  ILE A CB  1 
ATOM   151  C  CG1 . ILE A 1 41  ? -5.637  -3.708  2.092   1.00 14.10 ? 41  ILE A CG1 1 
ATOM   152  C  CG2 . ILE A 1 41  ? -7.374  -5.243  3.075   1.00 14.09 ? 41  ILE A CG2 1 
ATOM   153  C  CD1 . ILE A 1 41  ? -4.545  -2.743  2.420   1.00 18.77 ? 41  ILE A CD1 1 
ATOM   154  N  N   . GLU A 1 42  ? -9.641  -3.102  2.330   1.00 11.97 ? 42  GLU A N   1 
ATOM   155  C  CA  . GLU A 1 42  ? -10.540 -2.968  1.190   1.00 12.24 ? 42  GLU A CA  1 
ATOM   156  C  C   . GLU A 1 42  ? -11.018 -1.538  0.982   1.00 11.05 ? 42  GLU A C   1 
ATOM   157  O  O   . GLU A 1 42  ? -11.466 -1.206  -0.123  1.00 12.33 ? 42  GLU A O   1 
ATOM   158  C  CB  . GLU A 1 42  ? -11.710 -3.951  1.297   1.00 15.46 ? 42  GLU A CB  1 
ATOM   159  C  CG  . GLU A 1 42  ? -12.745 -3.609  2.339   1.00 18.17 ? 42  GLU A CG  1 
ATOM   160  C  CD  . GLU A 1 42  ? -12.336 -3.997  3.749   1.00 16.77 ? 42  GLU A CD  1 
ATOM   161  O  OE1 . GLU A 1 42  ? -11.264 -4.610  3.935   1.00 16.32 ? 42  GLU A OE1 1 
ATOM   162  O  OE2 . GLU A 1 42  ? -13.112 -3.685  4.682   1.00 19.99 ? 42  GLU A OE2 1 
ATOM   163  N  N   . LYS A 1 43  ? -10.920 -0.686  2.004   1.00 11.00 ? 43  LYS A N   1 
ATOM   164  C  CA  . LYS A 1 43  ? -11.219 0.727   1.821   1.00 12.21 ? 43  LYS A CA  1 
ATOM   165  C  C   . LYS A 1 43  ? -10.200 1.424   0.934   1.00 10.56 ? 43  LYS A C   1 
ATOM   166  O  O   . LYS A 1 43  ? -10.453 2.553   0.508   1.00 11.62 ? 43  LYS A O   1 
ATOM   167  C  CB  . LYS A 1 43  ? -11.329 1.447   3.167   1.00 11.56 ? 43  LYS A CB  1 
ATOM   168  C  CG  . LYS A 1 43  ? -12.453 0.935   4.055   1.00 13.57 ? 43  LYS A CG  1 
ATOM   169  C  CD  . LYS A 1 43  ? -13.804 0.997   3.360   1.00 17.88 ? 43  LYS A CD  1 
ATOM   170  C  CE  . LYS A 1 43  ? -14.922 0.530   4.285   1.00 22.81 ? 43  LYS A CE  1 
ATOM   171  N  NZ  . LYS A 1 43  ? -15.093 1.446   5.447   1.00 28.00 ? 43  LYS A NZ  1 
ATOM   172  N  N   . SER A 1 44  ? -9.062  0.788   0.634   1.00 10.28 ? 44  SER A N   1 
ATOM   173  C  CA  . SER A 1 44  ? -8.098  1.345   -0.308  1.00 10.81 ? 44  SER A CA  1 
ATOM   174  C  C   . SER A 1 44  ? -8.248  0.778   -1.711  1.00 10.84 ? 44  SER A C   1 
ATOM   175  O  O   . SER A 1 44  ? -7.401  1.040   -2.568  1.00 10.77 ? 44  SER A O   1 
ATOM   176  C  CB  . SER A 1 44  ? -6.660  1.214   0.216   1.00 10.76 ? 44  SER A CB  1 
ATOM   177  O  OG  . SER A 1 44  ? -6.204  -0.132  0.320   1.00 11.17 ? 44  SER A OG  1 
ATOM   178  N  N   . PHE A 1 45  ? -9.308  0.016   -1.975  1.00 11.17 ? 45  PHE A N   1 
ATOM   179  C  CA  . PHE A 1 45  ? -9.595  -0.395  -3.343  1.00 11.51 ? 45  PHE A CA  1 
ATOM   180  C  C   . PHE A 1 45  ? -11.087 -0.340  -3.634  1.00 11.51 ? 45  PHE A C   1 
ATOM   181  O  O   . PHE A 1 45  ? -11.639 -1.188  -4.342  1.00 13.73 ? 45  PHE A O   1 
ATOM   182  C  CB  . PHE A 1 45  ? -8.911  -1.703  -3.770  1.00 11.44 ? 45  PHE A CB  1 
ATOM   183  C  CG  . PHE A 1 45  ? -9.105  -2.878  -2.845  1.00 11.69 ? 45  PHE A CG  1 
ATOM   184  C  CD1 . PHE A 1 45  ? -10.199 -3.720  -2.968  1.00 12.39 ? 45  PHE A CD1 1 
ATOM   185  C  CD2 . PHE A 1 45  ? -8.127  -3.206  -1.914  1.00 11.92 ? 45  PHE A CD2 1 
ATOM   186  C  CE1 . PHE A 1 45  ? -10.332 -4.834  -2.160  1.00 14.70 ? 45  PHE A CE1 1 
ATOM   187  C  CE2 . PHE A 1 45  ? -8.254  -4.322  -1.115  1.00 13.59 ? 45  PHE A CE2 1 
ATOM   188  C  CZ  . PHE A 1 45  ? -9.358  -5.133  -1.231  1.00 13.44 ? 45  PHE A CZ  1 
ATOM   189  N  N   . ASP A 1 46  ? -11.748 0.689   -3.112  1.00 11.82 ? 46  ASP A N   1 
ATOM   190  C  CA  . ASP A 1 46  ? -13.163 0.927   -3.353  1.00 12.71 ? 46  ASP A CA  1 
ATOM   191  C  C   . ASP A 1 46  ? -13.417 2.041   -4.367  1.00 13.71 ? 46  ASP A C   1 
ATOM   192  O  O   . ASP A 1 46  ? -14.573 2.435   -4.565  1.00 15.13 ? 46  ASP A O   1 
ATOM   193  C  CB  . ASP A 1 46  ? -13.920 1.172   -2.037  1.00 15.28 ? 46  ASP A CB  1 
ATOM   194  C  CG  . ASP A 1 46  ? -13.467 2.430   -1.301  1.00 12.79 ? 46  ASP A CG  1 
ATOM   195  O  OD1 . ASP A 1 46  ? -12.595 3.173   -1.809  1.00 12.88 ? 46  ASP A OD1 1 
ATOM   196  O  OD2 . ASP A 1 46  ? -14.016 2.680   -0.200  1.00 16.56 ? 46  ASP A OD2 1 
ATOM   197  N  N   . GLY A 1 47  ? -12.373 2.566   -5.005  1.00 14.32 ? 47  GLY A N   1 
ATOM   198  C  CA  . GLY A 1 47  ? -12.530 3.609   -6.004  1.00 13.97 ? 47  GLY A CA  1 
ATOM   199  C  C   . GLY A 1 47  ? -12.816 4.988   -5.454  1.00 15.72 ? 47  GLY A C   1 
ATOM   200  O  O   . GLY A 1 47  ? -13.056 5.915   -6.238  1.00 17.68 ? 47  GLY A O   1 
ATOM   201  N  N   . ASP A 1 48  ? -12.782 5.161   -4.140  1.00 13.65 ? 48  ASP A N   1 
ATOM   202  C  CA  . ASP A 1 48  ? -13.175 6.402   -3.485  1.00 13.60 ? 48  ASP A CA  1 
ATOM   203  C  C   . ASP A 1 48  ? -11.944 6.976   -2.795  1.00 12.12 ? 48  ASP A C   1 
ATOM   204  O  O   . ASP A 1 48  ? -11.372 6.334   -1.905  1.00 12.75 ? 48  ASP A O   1 
ATOM   205  C  CB  . ASP A 1 48  ? -14.279 6.096   -2.469  1.00 14.70 ? 48  ASP A CB  1 
ATOM   206  C  CG  . ASP A 1 48  ? -14.869 7.336   -1.828  1.00 17.46 ? 48  ASP A CG  1 
ATOM   207  O  OD1 . ASP A 1 48  ? -14.124 8.274   -1.482  1.00 19.14 ? 48  ASP A OD1 1 
ATOM   208  O  OD2 . ASP A 1 48  ? -16.102 7.360   -1.637  1.00 20.65 ? 48  ASP A OD2 1 
ATOM   209  N  N   . TYR A 1 49  ? -11.503 8.157   -3.233  1.00 12.60 ? 49  TYR A N   1 
ATOM   210  C  CA  . TYR A 1 49  ? -10.297 8.746   -2.665  1.00 12.99 ? 49  TYR A CA  1 
ATOM   211  C  C   . TYR A 1 49  ? -10.523 9.355   -1.292  1.00 13.09 ? 49  TYR A C   1 
ATOM   212  O  O   . TYR A 1 49  ? -9.549  9.718   -0.624  1.00 14.44 ? 49  TYR A O   1 
ATOM   213  C  CB  . TYR A 1 49  ? -9.683  9.777   -3.609  1.00 13.33 ? 49  TYR A CB  1 
ATOM   214  C  CG  . TYR A 1 49  ? -9.276  9.162   -4.923  1.00 14.17 ? 49  TYR A CG  1 
ATOM   215  C  CD1 . TYR A 1 49  ? -8.059  8.490   -5.062  1.00 13.38 ? 49  TYR A CD1 1 
ATOM   216  C  CD2 . TYR A 1 49  ? -10.121 9.214   -6.022  1.00 13.47 ? 49  TYR A CD2 1 
ATOM   217  C  CE1 . TYR A 1 49  ? -7.689  7.912   -6.264  1.00 14.04 ? 49  TYR A CE1 1 
ATOM   218  C  CE2 . TYR A 1 49  ? -9.756  8.647   -7.227  1.00 13.50 ? 49  TYR A CE2 1 
ATOM   219  C  CZ  . TYR A 1 49  ? -8.547  7.989   -7.342  1.00 13.44 ? 49  TYR A CZ  1 
ATOM   220  O  OH  . TYR A 1 49  ? -8.211  7.432   -8.545  1.00 15.48 ? 49  TYR A OH  1 
ATOM   221  N  N   . SER A 1 50  ? -11.770 9.460   -0.848  1.00 13.62 ? 50  SER A N   1 
ATOM   222  C  CA  . SER A 1 50  ? -12.018 9.956   0.499   1.00 14.73 ? 50  SER A CA  1 
ATOM   223  C  C   . SER A 1 50  ? -11.991 8.855   1.553   1.00 13.76 ? 50  SER A C   1 
ATOM   224  O  O   . SER A 1 50  ? -11.698 9.142   2.721   1.00 18.92 ? 50  SER A O   1 
ATOM   225  C  CB  . SER A 1 50  ? -13.344 10.725  0.571   1.00 17.34 ? 50  SER A CB  1 
ATOM   226  O  OG  . SER A 1 50  ? -14.449 9.841   0.591   1.00 19.10 ? 50  SER A OG  1 
ATOM   227  N  N   . THR A 1 51  ? -12.277 7.604   1.186   1.00 12.27 ? 51  THR A N   1 
ATOM   228  C  CA  . THR A 1 51  ? -12.288 6.519   2.161   1.00 11.93 ? 51  THR A CA  1 
ATOM   229  C  C   . THR A 1 51  ? -10.894 5.916   2.305   1.00 10.55 ? 51  THR A C   1 
ATOM   230  O  O   . THR A 1 51  ? -10.215 5.644   1.315   1.00 11.10 ? 51  THR A O   1 
ATOM   231  C  CB  . THR A 1 51  ? -13.260 5.418   1.750   1.00 11.89 ? 51  THR A CB  1 
ATOM   232  O  OG1 . THR A 1 51  ? -12.833 4.862   0.502   1.00 12.64 ? 51  THR A OG1 1 
ATOM   233  C  CG2 . THR A 1 51  ? -14.686 5.969   1.641   1.00 13.82 ? 51  THR A CG2 1 
ATOM   234  N  N   . LEU A 1 52  ? -10.488 5.665   3.546   1.00 11.20 ? 52  LEU A N   1 
ATOM   235  C  CA  . LEU A 1 52  ? -9.120  5.270   3.863   1.00 10.73 ? 52  LEU A CA  1 
ATOM   236  C  C   . LEU A 1 52  ? -9.029  3.859   4.438   1.00 11.18 ? 52  LEU A C   1 
ATOM   237  O  O   . LEU A 1 52  ? -9.802  3.487   5.329   1.00 11.94 ? 52  LEU A O   1 
ATOM   238  C  CB  . LEU A 1 52  ? -8.510  6.208   4.909   1.00 12.76 ? 52  LEU A CB  1 
ATOM   239  C  CG  . LEU A 1 52  ? -8.550  7.708   4.636   1.00 12.43 ? 52  LEU A CG  1 
ATOM   240  C  CD1 . LEU A 1 52  ? -7.856  8.481   5.753   1.00 14.23 ? 52  LEU A CD1 1 
ATOM   241  C  CD2 . LEU A 1 52  ? -7.937  8.024   3.284   1.00 12.79 ? 52  LEU A CD2 1 
ATOM   242  N  N   . TYR A 1 53  ? -8.053  3.089   3.945   1.00 10.80 ? 53  TYR A N   1 
ATOM   243  C  CA  . TYR A 1 53  ? -7.426  2.079   4.790   1.00 10.71 ? 53  TYR A CA  1 
ATOM   244  C  C   . TYR A 1 53  ? -6.598  2.814   5.841   1.00 10.28 ? 53  TYR A C   1 
ATOM   245  O  O   . TYR A 1 53  ? -5.918  3.793   5.524   1.00 10.03 ? 53  TYR A O   1 
ATOM   246  C  CB  . TYR A 1 53  ? -6.493  1.148   3.966   1.00 10.82 ? 53  TYR A CB  1 
ATOM   247  C  CG  . TYR A 1 53  ? -5.415  0.587   4.867   1.00 9.65  ? 53  TYR A CG  1 
ATOM   248  C  CD1 . TYR A 1 53  ? -5.721  -0.395  5.801   1.00 10.49 ? 53  TYR A CD1 1 
ATOM   249  C  CD2 . TYR A 1 53  ? -4.126  1.126   4.881   1.00 10.01 ? 53  TYR A CD2 1 
ATOM   250  C  CE1 . TYR A 1 53  ? -4.778  -0.839  6.709   1.00 10.03 ? 53  TYR A CE1 1 
ATOM   251  C  CE2 . TYR A 1 53  ? -3.177  0.679   5.791   1.00 10.01 ? 53  TYR A CE2 1 
ATOM   252  C  CZ  . TYR A 1 53  ? -3.511  -0.297  6.696   1.00 10.02 ? 53  TYR A CZ  1 
ATOM   253  O  OH  . TYR A 1 53  ? -2.568  -0.720  7.606   1.00 10.64 ? 53  TYR A OH  1 
ATOM   254  N  N   . HIS A 1 54  ? -6.660  2.358   7.098   1.00 10.74 ? 54  HIS A N   1 
ATOM   255  C  CA  . HIS A 1 54  ? -5.888  2.994   8.162   1.00 9.85  ? 54  HIS A CA  1 
ATOM   256  C  C   . HIS A 1 54  ? -5.452  1.919   9.143   1.00 9.61  ? 54  HIS A C   1 
ATOM   257  O  O   . HIS A 1 54  ? -6.262  1.084   9.561   1.00 10.76 ? 54  HIS A O   1 
ATOM   258  C  CB  . HIS A 1 54  ? -6.743  4.052   8.878   1.00 10.71 ? 54  HIS A CB  1 
ATOM   259  C  CG  . HIS A 1 54  ? -5.969  5.066   9.676   1.00 10.48 ? 54  HIS A CG  1 
ATOM   260  N  ND1 . HIS A 1 54  ? -5.138  4.737   10.726  1.00 10.47 ? 54  HIS A ND1 1 
ATOM   261  C  CD2 . HIS A 1 54  ? -5.956  6.420   9.603   1.00 12.52 ? 54  HIS A CD2 1 
ATOM   262  C  CE1 . HIS A 1 54  ? -4.640  5.842   11.256  1.00 12.48 ? 54  HIS A CE1 1 
ATOM   263  N  NE2 . HIS A 1 54  ? -5.120  6.878   10.593  1.00 13.44 ? 54  HIS A NE2 1 
ATOM   264  N  N   . SER A 1 55  ? -4.165  1.931   9.500   1.00 9.64  ? 55  SER A N   1 
ATOM   265  C  CA  . SER A 1 55  ? -3.652  1.011   10.499  1.00 9.62  ? 55  SER A CA  1 
ATOM   266  C  C   . SER A 1 55  ? -4.268  1.315   11.867  1.00 10.08 ? 55  SER A C   1 
ATOM   267  O  O   . SER A 1 55  ? -4.907  2.344   12.074  1.00 10.18 ? 55  SER A O   1 
ATOM   268  C  CB  . SER A 1 55  ? -2.126  1.097   10.562  1.00 10.53 ? 55  SER A CB  1 
ATOM   269  O  OG  . SER A 1 55  ? -1.686  2.398   10.928  1.00 10.88 ? 55  SER A OG  1 
ATOM   270  N  N   . SER A 1 56  ? -4.080  0.399   12.804  1.00 10.45 ? 56  SER A N   1 
ATOM   271  C  CA  . SER A 1 56  ? -4.697  0.558   14.111  1.00 11.46 ? 56  SER A CA  1 
ATOM   272  C  C   . SER A 1 56  ? -4.314  1.888   14.740  1.00 10.77 ? 56  SER A C   1 
ATOM   273  O  O   . SER A 1 56  ? -3.154  2.306   14.724  1.00 11.05 ? 56  SER A O   1 
ATOM   274  C  CB  . SER A 1 56  ? -4.271  -0.570  15.041  1.00 11.57 ? 56  SER A CB  1 
ATOM   275  O  OG  . SER A 1 56  ? -4.774  -0.319  16.342  1.00 12.59 ? 56  SER A OG  1 
ATOM   276  N  N   . TRP A 1 57  ? -5.304  2.541   15.331  1.00 10.92 ? 57  TRP A N   1 
ATOM   277  C  CA  . TRP A 1 57  ? -5.043  3.811   15.988  1.00 11.51 ? 57  TRP A CA  1 
ATOM   278  C  C   . TRP A 1 57  ? -4.210  3.654   17.257  1.00 12.01 ? 57  TRP A C   1 
ATOM   279  O  O   . TRP A 1 57  ? -3.676  4.650   17.761  1.00 14.15 ? 57  TRP A O   1 
ATOM   280  C  CB  . TRP A 1 57  ? -6.358  4.520   16.282  1.00 12.06 ? 57  TRP A CB  1 
ATOM   281  C  CG  . TRP A 1 57  ? -7.038  5.064   15.071  1.00 11.59 ? 57  TRP A CG  1 
ATOM   282  C  CD1 . TRP A 1 57  ? -6.864  4.686   13.763  1.00 12.12 ? 57  TRP A CD1 1 
ATOM   283  C  CD2 . TRP A 1 57  ? -8.006  6.109   15.062  1.00 12.09 ? 57  TRP A CD2 1 
ATOM   284  N  NE1 . TRP A 1 57  ? -7.680  5.432   12.950  1.00 11.61 ? 57  TRP A NE1 1 
ATOM   285  C  CE2 . TRP A 1 57  ? -8.385  6.312   13.725  1.00 12.02 ? 57  TRP A CE2 1 
ATOM   286  C  CE3 . TRP A 1 57  ? -8.589  6.895   16.060  1.00 13.46 ? 57  TRP A CE3 1 
ATOM   287  C  CZ2 . TRP A 1 57  ? -9.317  7.269   13.356  1.00 14.81 ? 57  TRP A CZ2 1 
ATOM   288  C  CZ3 . TRP A 1 57  ? -9.519  7.839   15.692  1.00 17.88 ? 57  TRP A CZ3 1 
ATOM   289  C  CH2 . TRP A 1 57  ? -9.875  8.018   14.352  1.00 16.29 ? 57  TRP A CH2 1 
ATOM   290  N  N   A SER A 1 58  ? -4.089  2.437   17.783  0.43 12.54 ? 58  SER A N   1 
ATOM   291  N  N   B SER A 1 58  ? -4.077  2.436   17.775  0.57 12.52 ? 58  SER A N   1 
ATOM   292  C  CA  A SER A 1 58  ? -3.263  2.180   18.963  0.43 15.05 ? 58  SER A CA  1 
ATOM   293  C  CA  B SER A 1 58  ? -3.267  2.183   18.965  0.57 15.04 ? 58  SER A CA  1 
ATOM   294  C  C   A SER A 1 58  ? -1.859  1.859   18.474  0.43 13.90 ? 58  SER A C   1 
ATOM   295  C  C   B SER A 1 58  ? -1.859  1.857   18.488  0.57 13.87 ? 58  SER A C   1 
ATOM   296  O  O   A SER A 1 58  ? -1.525  0.710   18.181  0.43 16.27 ? 58  SER A O   1 
ATOM   297  O  O   B SER A 1 58  ? -1.521  0.705   18.213  0.57 16.26 ? 58  SER A O   1 
ATOM   298  C  CB  A SER A 1 58  ? -3.850  1.040   19.786  0.43 19.00 ? 58  SER A CB  1 
ATOM   299  C  CB  B SER A 1 58  ? -3.873  1.045   19.776  0.57 19.04 ? 58  SER A CB  1 
ATOM   300  O  OG  A SER A 1 58  ? -5.141  1.378   20.257  0.43 17.58 ? 58  SER A OG  1 
ATOM   301  O  OG  B SER A 1 58  ? -3.358  1.029   21.093  0.57 16.56 ? 58  SER A OG  1 
ATOM   302  N  N   . ASN A 1 59  ? -1.021  2.891   18.385  1.00 13.67 ? 59  ASN A N   1 
ATOM   303  C  CA  . ASN A 1 59  ? 0.294   2.780   17.766  1.00 13.24 ? 59  ASN A CA  1 
ATOM   304  C  C   . ASN A 1 59  ? 1.459   2.907   18.748  1.00 14.15 ? 59  ASN A C   1 
ATOM   305  O  O   . ASN A 1 59  ? 2.526   3.400   18.377  1.00 14.13 ? 59  ASN A O   1 
ATOM   306  C  CB  . ASN A 1 59  ? 0.437   3.764   16.601  1.00 12.64 ? 59  ASN A CB  1 
ATOM   307  C  CG  . ASN A 1 59  ? 0.541   5.210   17.052  1.00 11.98 ? 59  ASN A CG  1 
ATOM   308  O  OD1 . ASN A 1 59  ? 0.015   5.583   18.104  1.00 13.88 ? 59  ASN A OD1 1 
ATOM   309  N  ND2 . ASN A 1 59  ? 1.220   6.035   16.260  1.00 12.33 ? 59  ASN A ND2 1 
ATOM   310  N  N   . GLY A 1 60  ? 1.290   2.440   19.989  1.00 13.44 ? 60  GLY A N   1 
ATOM   311  C  CA  . GLY A 1 60  ? 2.364   2.527   20.964  1.00 12.82 ? 60  GLY A CA  1 
ATOM   312  C  C   . GLY A 1 60  ? 3.355   1.381   21.012  1.00 13.23 ? 60  GLY A C   1 
ATOM   313  O  O   . GLY A 1 60  ? 4.417   1.534   21.620  1.00 14.07 ? 60  GLY A O   1 
ATOM   314  N  N   . ALA A 1 61  ? 3.056   0.243   20.395  1.00 13.18 ? 61  ALA A N   1 
ATOM   315  C  CA  . ALA A 1 61  ? 3.901   -0.936  20.531  1.00 14.72 ? 61  ALA A CA  1 
ATOM   316  C  C   . ALA A 1 61  ? 5.242   -0.768  19.822  1.00 14.43 ? 61  ALA A C   1 
ATOM   317  O  O   . ALA A 1 61  ? 5.339   -0.147  18.759  1.00 13.80 ? 61  ALA A O   1 
ATOM   318  C  CB  . ALA A 1 61  ? 3.184   -2.140  19.936  1.00 16.59 ? 61  ALA A CB  1 
ATOM   319  N  N   A SER A 1 62  ? 6.289   -1.370  20.406  0.81 15.48 ? 62  SER A N   1 
ATOM   320  N  N   B SER A 1 62  ? 6.283   -1.368  20.408  0.19 15.56 ? 62  SER A N   1 
ATOM   321  C  CA  A SER A 1 62  ? 7.620   -1.304  19.806  0.81 16.11 ? 62  SER A CA  1 
ATOM   322  C  CA  B SER A 1 62  ? 7.614   -1.296  19.812  0.19 16.12 ? 62  SER A CA  1 
ATOM   323  C  C   A SER A 1 62  ? 7.672   -2.008  18.458  0.81 15.09 ? 62  SER A C   1 
ATOM   324  C  C   B SER A 1 62  ? 7.680   -2.013  18.468  0.19 15.08 ? 62  SER A C   1 
ATOM   325  O  O   A SER A 1 62  ? 8.479   -1.643  17.598  0.81 17.71 ? 62  SER A O   1 
ATOM   326  O  O   B SER A 1 62  ? 8.504   -1.657  17.619  0.19 17.36 ? 62  SER A O   1 
ATOM   327  C  CB  A SER A 1 62  ? 8.655   -1.909  20.753  0.81 15.88 ? 62  SER A CB  1 
ATOM   328  C  CB  B SER A 1 62  ? 8.650   -1.869  20.778  0.19 15.80 ? 62  SER A CB  1 
ATOM   329  O  OG  A SER A 1 62  ? 8.785   -1.119  21.917  0.81 13.93 ? 62  SER A OG  1 
ATOM   330  O  OG  B SER A 1 62  ? 8.275   -3.165  21.209  0.19 20.62 ? 62  SER A OG  1 
ATOM   331  N  N   . ASN A 1 63  ? 6.830   -3.019  18.256  1.00 14.52 ? 63  ASN A N   1 
ATOM   332  C  CA  . ASN A 1 63  ? 6.789   -3.769  17.011  1.00 13.15 ? 63  ASN A CA  1 
ATOM   333  C  C   . ASN A 1 63  ? 5.543   -3.447  16.196  1.00 13.25 ? 63  ASN A C   1 
ATOM   334  O  O   . ASN A 1 63  ? 5.066   -4.276  15.417  1.00 13.93 ? 63  ASN A O   1 
ATOM   335  C  CB  . ASN A 1 63  ? 6.916   -5.261  17.290  1.00 12.82 ? 63  ASN A CB  1 
ATOM   336  C  CG  . ASN A 1 63  ? 8.258   -5.609  17.888  1.00 18.78 ? 63  ASN A CG  1 
ATOM   337  O  OD1 . ASN A 1 63  ? 8.346   -6.061  19.028  1.00 27.36 ? 63  ASN A OD1 1 
ATOM   338  N  ND2 . ASN A 1 63  ? 9.317   -5.374  17.129  1.00 21.77 ? 63  ASN A ND2 1 
ATOM   339  N  N   . TYR A 1 64  ? 5.020   -2.232  16.366  1.00 13.02 ? 64  TYR A N   1 
ATOM   340  C  CA  . TYR A 1 64  ? 3.880   -1.773  15.577  1.00 12.47 ? 64  TYR A CA  1 
ATOM   341  C  C   . TYR A 1 64  ? 4.209   -1.737  14.085  1.00 11.74 ? 64  TYR A C   1 
ATOM   342  O  O   . TYR A 1 64  ? 3.419   -2.198  13.246  1.00 12.90 ? 64  TYR A O   1 
ATOM   343  C  CB  . TYR A 1 64  ? 3.472   -0.389  16.078  1.00 11.78 ? 64  TYR A CB  1 
ATOM   344  C  CG  . TYR A 1 64  ? 2.304   0.236   15.364  1.00 11.91 ? 64  TYR A CG  1 
ATOM   345  C  CD1 . TYR A 1 64  ? 1.007   -0.143  15.667  1.00 12.56 ? 64  TYR A CD1 1 
ATOM   346  C  CD2 . TYR A 1 64  ? 2.495   1.222   14.400  1.00 11.95 ? 64  TYR A CD2 1 
ATOM   347  C  CE1 . TYR A 1 64  ? -0.071  0.432   15.030  1.00 11.98 ? 64  TYR A CE1 1 
ATOM   348  C  CE2 . TYR A 1 64  ? 1.416   1.810   13.755  1.00 10.77 ? 64  TYR A CE2 1 
ATOM   349  C  CZ  . TYR A 1 64  ? 0.139   1.410   14.078  1.00 10.87 ? 64  TYR A CZ  1 
ATOM   350  O  OH  . TYR A 1 64  ? -0.931  1.995   13.443  1.00 11.24 ? 64  TYR A OH  1 
ATOM   351  N  N   . PHE A 1 65  ? 5.330   -1.142  13.734  1.00 11.82 ? 65  PHE A N   1 
ATOM   352  C  CA  . PHE A 1 65  ? 5.889   -1.235  12.392  1.00 12.00 ? 65  PHE A CA  1 
ATOM   353  C  C   . PHE A 1 65  ? 6.877   -2.398  12.346  1.00 11.40 ? 65  PHE A C   1 
ATOM   354  O  O   . PHE A 1 65  ? 7.470   -2.760  13.371  1.00 12.62 ? 65  PHE A O   1 
ATOM   355  C  CB  . PHE A 1 65  ? 6.651   0.040   12.042  1.00 10.99 ? 65  PHE A CB  1 
ATOM   356  C  CG  . PHE A 1 65  ? 5.776   1.229   11.652  1.00 11.34 ? 65  PHE A CG  1 
ATOM   357  C  CD1 . PHE A 1 65  ? 5.238   1.330   10.372  1.00 12.24 ? 65  PHE A CD1 1 
ATOM   358  C  CD2 . PHE A 1 65  ? 5.551   2.271   12.541  1.00 11.71 ? 65  PHE A CD2 1 
ATOM   359  C  CE1 . PHE A 1 65  ? 4.455   2.424   10.003  1.00 11.46 ? 65  PHE A CE1 1 
ATOM   360  C  CE2 . PHE A 1 65  ? 4.771   3.369   12.173  1.00 11.99 ? 65  PHE A CE2 1 
ATOM   361  C  CZ  . PHE A 1 65  ? 4.226   3.443   10.904  1.00 11.51 ? 65  PHE A CZ  1 
ATOM   362  N  N   . PRO A 1 66  ? 7.114   -3.000  11.178  1.00 11.08 ? 66  PRO A N   1 
ATOM   363  C  CA  . PRO A 1 66  ? 6.500   -2.613  9.907   1.00 11.08 ? 66  PRO A CA  1 
ATOM   364  C  C   . PRO A 1 66  ? 5.053   -3.055  9.807   1.00 11.16 ? 66  PRO A C   1 
ATOM   365  O  O   . PRO A 1 66  ? 4.578   -3.908  10.561  1.00 12.66 ? 66  PRO A O   1 
ATOM   366  C  CB  . PRO A 1 66  ? 7.352   -3.351  8.872   1.00 12.68 ? 66  PRO A CB  1 
ATOM   367  C  CG  . PRO A 1 66  ? 7.847   -4.551  9.600   1.00 15.32 ? 66  PRO A CG  1 
ATOM   368  C  CD  . PRO A 1 66  ? 8.072   -4.106  11.020  1.00 14.25 ? 66  PRO A CD  1 
ATOM   369  N  N   . ILE A 1 67  ? 4.355   -2.443  8.856   1.00 10.76 ? 67  ILE A N   1 
ATOM   370  C  CA  . ILE A 1 67  ? 2.973   -2.774  8.548   1.00 10.44 ? 67  ILE A CA  1 
ATOM   371  C  C   . ILE A 1 67  ? 2.960   -3.307  7.129   1.00 10.75 ? 67  ILE A C   1 
ATOM   372  O  O   . ILE A 1 67  ? 3.447   -2.639  6.209   1.00 11.46 ? 67  ILE A O   1 
ATOM   373  C  CB  . ILE A 1 67  ? 2.052   -1.555  8.707   1.00 11.10 ? 67  ILE A CB  1 
ATOM   374  C  CG1 . ILE A 1 67  ? 1.989   -1.159  10.187  1.00 11.76 ? 67  ILE A CG1 1 
ATOM   375  C  CG2 . ILE A 1 67  ? 0.667   -1.862  8.150   1.00 12.43 ? 67  ILE A CG2 1 
ATOM   376  C  CD1 . ILE A 1 67  ? 1.394   0.213   10.433  1.00 12.14 ? 67  ILE A CD1 1 
ATOM   377  N  N   . THR A 1 68  ? 2.433   -4.515  6.954   1.00 10.90 ? 68  THR A N   1 
ATOM   378  C  CA  . THR A 1 68  ? 2.490   -5.225  5.685   1.00 10.92 ? 68  THR A CA  1 
ATOM   379  C  C   . THR A 1 68  ? 1.101   -5.272  5.071   1.00 10.93 ? 68  THR A C   1 
ATOM   380  O  O   . THR A 1 68  ? 0.154   -5.759  5.702   1.00 11.11 ? 68  THR A O   1 
ATOM   381  C  CB  . THR A 1 68  ? 3.053   -6.632  5.885   1.00 11.78 ? 68  THR A CB  1 
ATOM   382  O  OG1 . THR A 1 68  ? 4.383   -6.533  6.402   1.00 12.49 ? 68  THR A OG1 1 
ATOM   383  C  CG2 . THR A 1 68  ? 3.105   -7.391  4.572   1.00 12.30 ? 68  THR A CG2 1 
ATOM   384  N  N   . LEU A 1 69  ? 0.997   -4.781  3.836   1.00 10.02 ? 69  LEU A N   1 
ATOM   385  C  CA  . LEU A 1 69  ? -0.255  -4.692  3.103   1.00 10.02 ? 69  LEU A CA  1 
ATOM   386  C  C   . LEU A 1 69  ? -0.121  -5.521  1.840   1.00 10.05 ? 69  LEU A C   1 
ATOM   387  O  O   . LEU A 1 69  ? 0.882   -5.413  1.126   1.00 11.17 ? 69  LEU A O   1 
ATOM   388  C  CB  . LEU A 1 69  ? -0.531  -3.245  2.700   1.00 10.78 ? 69  LEU A CB  1 
ATOM   389  C  CG  . LEU A 1 69  ? -0.408  -2.234  3.845   1.00 12.11 ? 69  LEU A CG  1 
ATOM   390  C  CD1 . LEU A 1 69  ? -0.564  -0.830  3.305   1.00 13.87 ? 69  LEU A CD1 1 
ATOM   391  C  CD2 . LEU A 1 69  ? -1.427  -2.512  4.943   1.00 11.30 ? 69  LEU A CD2 1 
ATOM   392  N  N   . THR A 1 70  ? -1.131  -6.332  1.548   1.00 10.25 ? 70  THR A N   1 
ATOM   393  C  CA  . THR A 1 70  ? -1.115  -7.192  0.376   1.00 10.58 ? 70  THR A CA  1 
ATOM   394  C  C   . THR A 1 70  ? -2.382  -6.966  -0.428  1.00 11.78 ? 70  THR A C   1 
ATOM   395  O  O   . THR A 1 70  ? -3.480  -6.942  0.138   1.00 11.51 ? 70  THR A O   1 
ATOM   396  C  CB  . THR A 1 70  ? -0.989  -8.658  0.795   1.00 11.24 ? 70  THR A CB  1 
ATOM   397  O  OG1 . THR A 1 70  ? 0.161   -8.811  1.634   1.00 11.09 ? 70  THR A OG1 1 
ATOM   398  C  CG2 . THR A 1 70  ? -0.831  -9.553  -0.424  1.00 11.47 ? 70  THR A CG2 1 
ATOM   399  N  N   . TYR A 1 71  ? -2.219  -6.799  -1.739  1.00 9.72  ? 71  TYR A N   1 
ATOM   400  C  CA  . TYR A 1 71  ? -3.309  -6.552  -2.672  1.00 10.42 ? 71  TYR A CA  1 
ATOM   401  C  C   . TYR A 1 71  ? -3.319  -7.684  -3.681  1.00 9.95  ? 71  TYR A C   1 
ATOM   402  O  O   . TYR A 1 71  ? -2.290  -7.972  -4.298  1.00 11.09 ? 71  TYR A O   1 
ATOM   403  C  CB  . TYR A 1 71  ? -3.073  -5.229  -3.399  1.00 10.54 ? 71  TYR A CB  1 
ATOM   404  C  CG  . TYR A 1 71  ? -3.165  -4.031  -2.473  1.00 10.31 ? 71  TYR A CG  1 
ATOM   405  C  CD1 . TYR A 1 71  ? -4.380  -3.391  -2.260  1.00 11.14 ? 71  TYR A CD1 1 
ATOM   406  C  CD2 . TYR A 1 71  ? -2.040  -3.543  -1.804  1.00 10.48 ? 71  TYR A CD2 1 
ATOM   407  C  CE1 . TYR A 1 71  ? -4.477  -2.305  -1.406  1.00 11.22 ? 71  TYR A CE1 1 
ATOM   408  C  CE2 . TYR A 1 71  ? -2.127  -2.449  -0.955  1.00 11.14 ? 71  TYR A CE2 1 
ATOM   409  C  CZ  . TYR A 1 71  ? -3.347  -1.832  -0.766  1.00 10.00 ? 71  TYR A CZ  1 
ATOM   410  O  OH  . TYR A 1 71  ? -3.414  -0.759  0.079   1.00 10.92 ? 71  TYR A OH  1 
ATOM   411  N  N   . ASN A 1 72  ? -4.476  -8.320  -3.860  1.00 10.65 ? 72  ASN A N   1 
ATOM   412  C  CA  . ASN A 1 72  ? -4.608  -9.498  -4.707  1.00 10.81 ? 72  ASN A CA  1 
ATOM   413  C  C   . ASN A 1 72  ? -5.523  -9.240  -5.894  1.00 10.98 ? 72  ASN A C   1 
ATOM   414  O  O   . ASN A 1 72  ? -6.601  -8.656  -5.755  1.00 11.93 ? 72  ASN A O   1 
ATOM   415  C  CB  . ASN A 1 72  ? -5.198  -10.652 -3.913  1.00 13.43 ? 72  ASN A CB  1 
ATOM   416  C  CG  . ASN A 1 72  ? -4.359  -11.002 -2.714  1.00 11.99 ? 72  ASN A CG  1 
ATOM   417  O  OD1 . ASN A 1 72  ? -3.145  -11.159 -2.823  1.00 13.07 ? 72  ASN A OD1 1 
ATOM   418  N  ND2 . ASN A 1 72  ? -4.997  -11.097 -1.552  1.00 12.54 ? 72  ASN A ND2 1 
ATOM   419  N  N   . PHE A 1 73  ? -5.093  -9.722  -7.054  1.00 11.45 ? 73  PHE A N   1 
ATOM   420  C  CA  . PHE A 1 73  ? -5.905  -9.802  -8.256  1.00 12.95 ? 73  PHE A CA  1 
ATOM   421  C  C   . PHE A 1 73  ? -6.559  -11.181 -8.341  1.00 14.06 ? 73  PHE A C   1 
ATOM   422  O  O   . PHE A 1 73  ? -6.210  -12.110 -7.613  1.00 16.00 ? 73  PHE A O   1 
ATOM   423  C  CB  . PHE A 1 73  ? -5.032  -9.580  -9.492  1.00 11.99 ? 73  PHE A CB  1 
ATOM   424  C  CG  . PHE A 1 73  ? -4.099  -8.400  -9.386  1.00 11.25 ? 73  PHE A CG  1 
ATOM   425  C  CD1 . PHE A 1 73  ? -4.508  -7.207  -8.808  1.00 12.45 ? 73  PHE A CD1 1 
ATOM   426  C  CD2 . PHE A 1 73  ? -2.803  -8.498  -9.856  1.00 13.29 ? 73  PHE A CD2 1 
ATOM   427  C  CE1 . PHE A 1 73  ? -3.648  -6.136  -8.717  1.00 12.69 ? 73  PHE A CE1 1 
ATOM   428  C  CE2 . PHE A 1 73  ? -1.935  -7.434  -9.763  1.00 14.42 ? 73  PHE A CE2 1 
ATOM   429  C  CZ  . PHE A 1 73  ? -2.354  -6.251  -9.188  1.00 14.35 ? 73  PHE A CZ  1 
ATOM   430  N  N   . GLU A 1 74  ? -7.502  -11.324 -9.276  1.00 15.77 ? 74  GLU A N   1 
ATOM   431  C  CA  . GLU A 1 74  ? -8.166  -12.614 -9.441  1.00 20.12 ? 74  GLU A CA  1 
ATOM   432  C  C   . GLU A 1 74  ? -7.211  -13.660 -10.006 1.00 20.46 ? 74  GLU A C   1 
ATOM   433  O  O   . GLU A 1 74  ? -7.228  -14.823 -9.586  1.00 22.97 ? 74  GLU A O   1 
ATOM   434  C  CB  . GLU A 1 74  ? -9.395  -12.463 -10.337 1.00 21.98 ? 74  GLU A CB  1 
ATOM   435  N  N   . THR A 1 75  ? -6.364  -13.259 -10.952 1.00 18.91 ? 75  THR A N   1 
ATOM   436  C  CA  . THR A 1 75  ? -5.418  -14.144 -11.612 1.00 18.71 ? 75  THR A CA  1 
ATOM   437  C  C   . THR A 1 75  ? -4.116  -13.384 -11.816 1.00 19.29 ? 75  THR A C   1 
ATOM   438  O  O   . THR A 1 75  ? -4.055  -12.161 -11.660 1.00 17.59 ? 75  THR A O   1 
ATOM   439  C  CB  . THR A 1 75  ? -5.946  -14.611 -12.978 1.00 22.34 ? 75  THR A CB  1 
ATOM   440  O  OG1 . THR A 1 75  ? -6.216  -13.470 -13.800 1.00 28.89 ? 75  THR A OG1 1 
ATOM   441  C  CG2 . THR A 1 75  ? -7.219  -15.431 -12.823 1.00 26.51 ? 75  THR A CG2 1 
ATOM   442  N  N   . VAL A 1 76  ? -3.062  -14.122 -12.172 1.00 18.11 ? 76  VAL A N   1 
ATOM   443  C  CA  . VAL A 1 76  ? -1.812  -13.478 -12.550 1.00 17.76 ? 76  VAL A CA  1 
ATOM   444  C  C   . VAL A 1 76  ? -2.074  -12.546 -13.727 1.00 16.08 ? 76  VAL A C   1 
ATOM   445  O  O   . VAL A 1 76  ? -2.756  -12.913 -14.694 1.00 19.45 ? 76  VAL A O   1 
ATOM   446  C  CB  . VAL A 1 76  ? -0.722  -14.525 -12.835 1.00 17.24 ? 76  VAL A CB  1 
ATOM   447  C  CG1 . VAL A 1 76  ? -1.163  -15.486 -13.932 1.00 24.76 ? 76  VAL A CG1 1 
ATOM   448  C  CG2 . VAL A 1 76  ? 0.581   -13.840 -13.207 1.00 20.83 ? 76  VAL A CG2 1 
ATOM   449  N  N   . THR A 1 77  ? -1.548  -11.324 -13.636 1.00 16.06 ? 77  THR A N   1 
ATOM   450  C  CA  . THR A 1 77  ? -1.903  -10.231 -14.530 1.00 18.18 ? 77  THR A CA  1 
ATOM   451  C  C   . THR A 1 77  ? -0.651  -9.424  -14.852 1.00 15.84 ? 77  THR A C   1 
ATOM   452  O  O   . THR A 1 77  ? 0.223   -9.265  -13.996 1.00 15.90 ? 77  THR A O   1 
ATOM   453  C  CB  . THR A 1 77  ? -2.944  -9.323  -13.842 1.00 18.75 ? 77  THR A CB  1 
ATOM   454  O  OG1 . THR A 1 77  ? -4.076  -10.107 -13.437 1.00 19.87 ? 77  THR A OG1 1 
ATOM   455  C  CG2 . THR A 1 77  ? -3.408  -8.224  -14.772 1.00 18.85 ? 77  THR A CG2 1 
ATOM   456  N  N   . ASP A 1 78  ? -0.559  -8.930  -16.089 1.00 15.18 ? 78  ASP A N   1 
ATOM   457  C  CA  . ASP A 1 78  ? 0.510   -8.007  -16.458 1.00 15.86 ? 78  ASP A CA  1 
ATOM   458  C  C   . ASP A 1 78  ? 0.287   -6.654  -15.792 1.00 13.60 ? 78  ASP A C   1 
ATOM   459  O  O   . ASP A 1 78  ? -0.823  -6.113  -15.830 1.00 15.59 ? 78  ASP A O   1 
ATOM   460  C  CB  . ASP A 1 78  ? 0.529   -7.810  -17.974 1.00 15.61 ? 78  ASP A CB  1 
ATOM   461  C  CG  . ASP A 1 78  ? 1.075   -9.009  -18.719 1.00 18.96 ? 78  ASP A CG  1 
ATOM   462  O  OD1 . ASP A 1 78  ? 1.410   -10.023 -18.078 1.00 21.09 ? 78  ASP A OD1 1 
ATOM   463  O  OD2 . ASP A 1 78  ? 1.165   -8.934  -19.961 1.00 22.67 ? 78  ASP A OD2 1 
ATOM   464  N  N   . VAL A 1 79  ? 1.348   -6.100  -15.196 1.00 14.98 ? 79  VAL A N   1 
ATOM   465  C  CA  . VAL A 1 79  ? 1.292   -4.807  -14.515 1.00 13.90 ? 79  VAL A CA  1 
ATOM   466  C  C   . VAL A 1 79  ? 2.562   -4.030  -14.846 1.00 12.54 ? 79  VAL A C   1 
ATOM   467  O  O   . VAL A 1 79  ? 3.663   -4.583  -14.794 1.00 14.52 ? 79  VAL A O   1 
ATOM   468  C  CB  . VAL A 1 79  ? 1.146   -4.964  -12.988 1.00 13.90 ? 79  VAL A CB  1 
ATOM   469  C  CG1 . VAL A 1 79  ? 0.988   -3.602  -12.340 1.00 14.51 ? 79  VAL A CG1 1 
ATOM   470  C  CG2 . VAL A 1 79  ? -0.030  -5.870  -12.646 1.00 15.82 ? 79  VAL A CG2 1 
ATOM   471  N  N   . ASP A 1 80  ? 2.412   -2.756  -15.206 1.00 12.17 ? 80  ASP A N   1 
ATOM   472  C  CA  . ASP A 1 80  ? 3.534   -1.904  -15.585 1.00 12.43 ? 80  ASP A CA  1 
ATOM   473  C  C   . ASP A 1 80  ? 3.856   -0.805  -14.588 1.00 13.07 ? 80  ASP A C   1 
ATOM   474  O  O   . ASP A 1 80  ? 4.998   -0.340  -14.553 1.00 12.85 ? 80  ASP A O   1 
ATOM   475  C  CB  . ASP A 1 80  ? 3.278   -1.273  -16.955 1.00 13.38 ? 80  ASP A CB  1 
ATOM   476  C  CG  . ASP A 1 80  ? 3.296   -2.295  -18.061 1.00 13.78 ? 80  ASP A CG  1 
ATOM   477  O  OD1 . ASP A 1 80  ? 4.373   -2.885  -18.299 1.00 16.65 ? 80  ASP A OD1 1 
ATOM   478  O  OD2 . ASP A 1 80  ? 2.235   -2.546  -18.666 1.00 16.09 ? 80  ASP A OD2 1 
ATOM   479  N  N   . TYR A 1 81  ? 2.886   -0.365  -13.792 1.00 12.06 ? 81  TYR A N   1 
ATOM   480  C  CA  . TYR A 1 81  ? 3.142   0.645   -12.777 1.00 11.92 ? 81  TYR A CA  1 
ATOM   481  C  C   . TYR A 1 81  ? 2.027   0.602   -11.747 1.00 10.98 ? 81  TYR A C   1 
ATOM   482  O  O   . TYR A 1 81  ? 0.998   -0.047  -11.941 1.00 11.19 ? 81  TYR A O   1 
ATOM   483  C  CB  . TYR A 1 81  ? 3.313   2.047   -13.378 1.00 12.50 ? 81  TYR A CB  1 
ATOM   484  C  CG  . TYR A 1 81  ? 2.109   2.626   -14.088 1.00 13.36 ? 81  TYR A CG  1 
ATOM   485  C  CD1 . TYR A 1 81  ? 1.929   2.447   -15.453 1.00 15.51 ? 81  TYR A CD1 1 
ATOM   486  C  CD2 . TYR A 1 81  ? 1.177   3.398   -13.405 1.00 15.77 ? 81  TYR A CD2 1 
ATOM   487  C  CE1 . TYR A 1 81  ? 0.839   2.995   -16.115 1.00 19.03 ? 81  TYR A CE1 1 
ATOM   488  C  CE2 . TYR A 1 81  ? 0.089   3.959   -14.063 1.00 16.10 ? 81  TYR A CE2 1 
ATOM   489  C  CZ  . TYR A 1 81  ? -0.078  3.751   -15.415 1.00 18.07 ? 81  TYR A CZ  1 
ATOM   490  O  OH  . TYR A 1 81  ? -1.164  4.299   -16.070 1.00 21.20 ? 81  TYR A OH  1 
ATOM   491  N  N   . LEU A 1 82  ? 2.269   1.282   -10.634 1.00 11.70 ? 82  LEU A N   1 
ATOM   492  C  CA  . LEU A 1 82  ? 1.277   1.410   -9.589  1.00 10.86 ? 82  LEU A CA  1 
ATOM   493  C  C   . LEU A 1 82  ? 1.255   2.858   -9.123  1.00 11.78 ? 82  LEU A C   1 
ATOM   494  O  O   . LEU A 1 82  ? 2.214   3.611   -9.323  1.00 12.92 ? 82  LEU A O   1 
ATOM   495  C  CB  . LEU A 1 82  ? 1.589   0.479   -8.410  1.00 11.63 ? 82  LEU A CB  1 
ATOM   496  C  CG  . LEU A 1 82  ? 2.914   0.666   -7.665  1.00 12.49 ? 82  LEU A CG  1 
ATOM   497  C  CD1 . LEU A 1 82  ? 2.807   1.714   -6.561  1.00 12.79 ? 82  LEU A CD1 1 
ATOM   498  C  CD2 . LEU A 1 82  ? 3.389   -0.653  -7.093  1.00 14.55 ? 82  LEU A CD2 1 
ATOM   499  N  N   . ILE A 1 83  ? 0.155   3.237   -8.482  1.00 11.12 ? 83  ILE A N   1 
ATOM   500  C  CA  . ILE A 1 83  ? 0.047   4.553   -7.864  1.00 12.38 ? 83  ILE A CA  1 
ATOM   501  C  C   . ILE A 1 83  ? -0.505  4.385   -6.461  1.00 11.09 ? 83  ILE A C   1 
ATOM   502  O  O   . ILE A 1 83  ? -1.594  3.819   -6.280  1.00 11.58 ? 83  ILE A O   1 
ATOM   503  C  CB  . ILE A 1 83  ? -0.840  5.518   -8.663  1.00 12.18 ? 83  ILE A CB  1 
ATOM   504  C  CG1 . ILE A 1 83  ? -0.400  5.583   -10.129 1.00 13.45 ? 83  ILE A CG1 1 
ATOM   505  C  CG2 . ILE A 1 83  ? -0.794  6.899   -8.012  1.00 13.70 ? 83  ILE A CG2 1 
ATOM   506  C  CD1 . ILE A 1 83  ? -1.255  6.504   -10.979 1.00 15.49 ? 83  ILE A CD1 1 
ATOM   507  N  N   . TYR A 1 84  ? 0.247   4.873   -5.475  1.00 10.89 ? 84  TYR A N   1 
ATOM   508  C  CA  . TYR A 1 84  ? -0.210  4.963   -4.097  1.00 10.33 ? 84  TYR A CA  1 
ATOM   509  C  C   . TYR A 1 84  ? -0.813  6.346   -3.883  1.00 11.27 ? 84  TYR A C   1 
ATOM   510  O  O   . TYR A 1 84  ? -0.141  7.359   -4.091  1.00 11.99 ? 84  TYR A O   1 
ATOM   511  C  CB  . TYR A 1 84  ? 0.972   4.780   -3.150  1.00 11.52 ? 84  TYR A CB  1 
ATOM   512  C  CG  . TYR A 1 84  ? 0.704   5.256   -1.736  1.00 10.85 ? 84  TYR A CG  1 
ATOM   513  C  CD1 . TYR A 1 84  ? -0.212  4.605   -0.926  1.00 10.66 ? 84  TYR A CD1 1 
ATOM   514  C  CD2 . TYR A 1 84  ? 1.375   6.351   -1.218  1.00 11.63 ? 84  TYR A CD2 1 
ATOM   515  C  CE1 . TYR A 1 84  ? -0.463  5.040   0.372   1.00 10.26 ? 84  TYR A CE1 1 
ATOM   516  C  CE2 . TYR A 1 84  ? 1.138   6.795   0.076   1.00 12.09 ? 84  TYR A CE2 1 
ATOM   517  C  CZ  . TYR A 1 84  ? 0.221   6.138   0.871   1.00 10.20 ? 84  TYR A CZ  1 
ATOM   518  O  OH  . TYR A 1 84  ? 0.002   6.594   2.158   1.00 10.65 ? 84  TYR A OH  1 
ATOM   519  N  N   . HIS A 1 85  ? -2.078  6.392   -3.470  1.00 10.63 ? 85  HIS A N   1 
ATOM   520  C  CA  . HIS A 1 85  ? -2.745  7.657   -3.175  1.00 11.66 ? 85  HIS A CA  1 
ATOM   521  C  C   . HIS A 1 85  ? -2.856  7.817   -1.672  1.00 11.06 ? 85  HIS A C   1 
ATOM   522  O  O   . HIS A 1 85  ? -3.644  7.094   -1.037  1.00 11.67 ? 85  HIS A O   1 
ATOM   523  C  CB  . HIS A 1 85  ? -4.139  7.688   -3.794  1.00 11.87 ? 85  HIS A CB  1 
ATOM   524  C  CG  . HIS A 1 85  ? -4.130  7.622   -5.283  1.00 11.94 ? 85  HIS A CG  1 
ATOM   525  N  ND1 . HIS A 1 85  ? -4.057  8.745   -6.080  1.00 12.46 ? 85  HIS A ND1 1 
ATOM   526  C  CD2 . HIS A 1 85  ? -4.164  6.561   -6.122  1.00 12.54 ? 85  HIS A CD2 1 
ATOM   527  C  CE1 . HIS A 1 85  ? -4.056  8.374   -7.348  1.00 13.02 ? 85  HIS A CE1 1 
ATOM   528  N  NE2 . HIS A 1 85  ? -4.122  7.055   -7.401  1.00 12.66 ? 85  HIS A NE2 1 
ATOM   529  N  N   . PRO A 1 86  ? -2.111  8.730   -1.062  1.00 11.61 ? 86  PRO A N   1 
ATOM   530  C  CA  . PRO A 1 86  ? -2.249  8.955   0.377   1.00 11.91 ? 86  PRO A CA  1 
ATOM   531  C  C   . PRO A 1 86  ? -3.469  9.822   0.653   1.00 12.59 ? 86  PRO A C   1 
ATOM   532  O  O   . PRO A 1 86  ? -4.079  10.398  -0.250  1.00 13.10 ? 86  PRO A O   1 
ATOM   533  C  CB  . PRO A 1 86  ? -0.964  9.713   0.726   1.00 13.09 ? 86  PRO A CB  1 
ATOM   534  C  CG  . PRO A 1 86  ? -0.682  10.506  -0.508  1.00 14.03 ? 86  PRO A CG  1 
ATOM   535  C  CD  . PRO A 1 86  ? -1.110  9.630   -1.665  1.00 13.42 ? 86  PRO A CD  1 
ATOM   536  N  N   . ARG A 1 87  ? -3.819  9.903   1.931   1.00 11.63 ? 87  ARG A N   1 
ATOM   537  C  CA  . ARG A 1 87  ? -4.843  10.843  2.363   1.00 12.65 ? 87  ARG A CA  1 
ATOM   538  C  C   . ARG A 1 87  ? -4.402  12.273  2.059   1.00 12.06 ? 87  ARG A C   1 
ATOM   539  O  O   . ARG A 1 87  ? -3.231  12.632  2.201   1.00 14.84 ? 87  ARG A O   1 
ATOM   540  C  CB  . ARG A 1 87  ? -5.080  10.680  3.865   1.00 13.07 ? 87  ARG A CB  1 
ATOM   541  C  CG  . ARG A 1 87  ? -3.897  11.094  4.733   1.00 13.03 ? 87  ARG A CG  1 
ATOM   542  C  CD  . ARG A 1 87  ? -4.077  10.669  6.184   1.00 12.45 ? 87  ARG A CD  1 
ATOM   543  N  NE  . ARG A 1 87  ? -5.265  11.286  6.756   1.00 11.93 ? 87  ARG A NE  1 
ATOM   544  C  CZ  . ARG A 1 87  ? -5.936  10.813  7.798   1.00 11.05 ? 87  ARG A CZ  1 
ATOM   545  N  NH1 . ARG A 1 87  ? -5.528  9.744   8.462   1.00 11.97 ? 87  ARG A NH1 1 
ATOM   546  N  NH2 . ARG A 1 87  ? -7.055  11.425  8.177   1.00 13.53 ? 87  ARG A NH2 1 
ATOM   547  N  N   . ASN A 1 88  ? -5.351  13.103  1.642   1.00 15.01 ? 88  ASN A N   1 
ATOM   548  C  CA  . ASN A 1 88  ? -5.036  14.507  1.413   1.00 15.47 ? 88  ASN A CA  1 
ATOM   549  C  C   . ASN A 1 88  ? -5.424  15.408  2.578   1.00 16.71 ? 88  ASN A C   1 
ATOM   550  O  O   . ASN A 1 88  ? -5.041  16.584  2.584   1.00 18.08 ? 88  ASN A O   1 
ATOM   551  C  CB  . ASN A 1 88  ? -5.657  15.013  0.106   1.00 20.12 ? 88  ASN A CB  1 
ATOM   552  C  CG  . ASN A 1 88  ? -7.161  15.114  0.171   0.65 14.69 ? 88  ASN A CG  1 
ATOM   553  O  OD1 . ASN A 1 88  ? -7.807  14.484  1.005   1.00 20.33 ? 88  ASN A OD1 1 
ATOM   554  N  ND2 . ASN A 1 88  ? -7.735  15.910  -0.720  0.61 15.29 ? 88  ASN A ND2 1 
ATOM   555  N  N   . ASN A 1 89  ? -6.140  14.884  3.570   1.00 16.74 ? 89  ASN A N   1 
ATOM   556  C  CA  . ASN A 1 89  ? -6.543  15.648  4.741   1.00 16.55 ? 89  ASN A CA  1 
ATOM   557  C  C   . ASN A 1 89  ? -6.100  14.892  5.978   1.00 16.99 ? 89  ASN A C   1 
ATOM   558  O  O   . ASN A 1 89  ? -6.489  13.735  6.175   1.00 17.05 ? 89  ASN A O   1 
ATOM   559  C  CB  . ASN A 1 89  ? -8.055  15.858  4.765   1.00 20.00 ? 89  ASN A CB  1 
ATOM   560  C  CG  . ASN A 1 89  ? -8.493  16.745  5.908   1.00 30.27 ? 89  ASN A CG  1 
ATOM   561  O  OD1 . ASN A 1 89  ? -7.688  17.488  6.471   1.00 26.56 ? 89  ASN A OD1 1 
ATOM   562  N  ND2 . ASN A 1 89  ? -9.769  16.671  6.264   1.00 28.66 ? 89  ASN A ND2 1 
ATOM   563  N  N   . GLY A 1 90  ? -5.304  15.540  6.807   1.00 18.51 ? 90  GLY A N   1 
ATOM   564  C  CA  . GLY A 1 90  ? -4.749  14.826  7.939   1.00 19.78 ? 90  GLY A CA  1 
ATOM   565  C  C   . GLY A 1 90  ? -3.432  14.167  7.594   1.00 17.08 ? 90  GLY A C   1 
ATOM   566  O  O   . GLY A 1 90  ? -3.177  13.766  6.459   1.00 16.83 ? 90  GLY A O   1 
ATOM   567  N  N   . ASN A 1 91  ? -2.581  14.047  8.608   1.00 19.47 ? 91  ASN A N   1 
ATOM   568  C  CA  . ASN A 1 91  ? -1.203  13.618  8.430   1.00 19.80 ? 91  ASN A CA  1 
ATOM   569  C  C   . ASN A 1 91  ? -0.924  12.241  9.021   1.00 17.80 ? 91  ASN A C   1 
ATOM   570  O  O   . ASN A 1 91  ? 0.243   11.872  9.178   1.00 16.73 ? 91  ASN A O   1 
ATOM   571  C  CB  . ASN A 1 91  ? -0.256  14.654  9.041   1.00 18.33 ? 91  ASN A CB  1 
ATOM   572  C  CG  . ASN A 1 91  ? 1.170   14.508  8.545   1.00 21.53 ? 91  ASN A CG  1 
ATOM   573  O  OD1 . ASN A 1 91  ? 1.412   14.287  7.354   0.42 15.70 ? 91  ASN A OD1 1 
ATOM   574  N  ND2 . ASN A 1 91  ? 2.125   14.616  9.464   1.00 23.33 ? 91  ASN A ND2 1 
ATOM   575  N  N   . ASN A 1 92  ? -1.951  11.476  9.374   1.00 12.73 ? 92  ASN A N   1 
ATOM   576  C  CA  . ASN A 1 92  ? -1.727  10.159  9.960   1.00 10.02 ? 92  ASN A CA  1 
ATOM   577  C  C   . ASN A 1 92  ? -1.685  9.092   8.875   1.00 10.85 ? 92  ASN A C   1 
ATOM   578  O  O   . ASN A 1 92  ? -2.715  8.758   8.272   1.00 10.82 ? 92  ASN A O   1 
ATOM   579  C  CB  . ASN A 1 92  ? -2.776  9.826   11.012  1.00 11.60 ? 92  ASN A CB  1 
ATOM   580  C  CG  . ASN A 1 92  ? -2.532  10.554  12.316  1.00 11.78 ? 92  ASN A CG  1 
ATOM   581  O  OD1 . ASN A 1 92  ? -1.430  11.028  12.585  1.00 12.95 ? 92  ASN A OD1 1 
ATOM   582  N  ND2 . ASN A 1 92  ? -3.567  10.639  13.143  1.00 13.43 ? 92  ASN A ND2 1 
ATOM   583  N  N   . GLY A 1 93  ? -0.495  8.551   8.643   1.00 10.35 ? 93  GLY A N   1 
ATOM   584  C  CA  . GLY A 1 93  ? -0.319  7.369   7.829   1.00 10.48 ? 93  GLY A CA  1 
ATOM   585  C  C   . GLY A 1 93  ? 0.200   7.564   6.420   1.00 9.87  ? 93  GLY A C   1 
ATOM   586  O  O   . GLY A 1 93  ? 0.229   6.593   5.656   1.00 10.56 ? 93  GLY A O   1 
ATOM   587  N  N   . ARG A 1 94  ? 0.620   8.763   6.044   1.00 10.86 ? 94  ARG A N   1 
ATOM   588  C  CA  . ARG A 1 94  ? 1.221   8.916   4.722   1.00 11.06 ? 94  ARG A CA  1 
ATOM   589  C  C   . ARG A 1 94  ? 2.509   8.105   4.658   1.00 10.33 ? 94  ARG A C   1 
ATOM   590  O  O   . ARG A 1 94  ? 3.411   8.283   5.484   1.00 11.53 ? 94  ARG A O   1 
ATOM   591  C  CB  . ARG A 1 94  ? 1.476   10.391  4.434   1.00 12.11 ? 94  ARG A CB  1 
ATOM   592  C  CG  . ARG A 1 94  ? 0.192   11.164  4.332   1.00 13.66 ? 94  ARG A CG  1 
ATOM   593  C  CD  . ARG A 1 94  ? 0.421   12.647  4.327   1.00 14.54 ? 94  ARG A CD  1 
ATOM   594  N  NE  . ARG A 1 94  ? -0.811  13.318  3.933   1.00 16.03 ? 94  ARG A NE  1 
ATOM   595  C  CZ  . ARG A 1 94  ? -1.134  14.560  4.257   1.00 18.14 ? 94  ARG A CZ  1 
ATOM   596  N  NH1 . ARG A 1 94  ? -0.348  15.303  5.018   1.00 19.34 ? 94  ARG A NH1 1 
ATOM   597  N  NH2 . ARG A 1 94  ? -2.276  15.068  3.805   1.00 16.45 ? 94  ARG A NH2 1 
ATOM   598  N  N   . PHE A 1 95  ? 2.583   7.178   3.699   1.00 11.06 ? 95  PHE A N   1 
ATOM   599  C  CA  . PHE A 1 95  ? 3.694   6.230   3.685   1.00 11.25 ? 95  PHE A CA  1 
ATOM   600  C  C   . PHE A 1 95  ? 5.031   6.953   3.599   1.00 11.34 ? 95  PHE A C   1 
ATOM   601  O  O   . PHE A 1 95  ? 5.173   7.948   2.886   1.00 11.65 ? 95  PHE A O   1 
ATOM   602  C  CB  . PHE A 1 95  ? 3.653   5.318   2.453   1.00 11.17 ? 95  PHE A CB  1 
ATOM   603  C  CG  . PHE A 1 95  ? 2.578   4.255   2.441   1.00 10.65 ? 95  PHE A CG  1 
ATOM   604  C  CD1 . PHE A 1 95  ? 1.617   4.145   3.428   1.00 10.90 ? 95  PHE A CD1 1 
ATOM   605  C  CD2 . PHE A 1 95  ? 2.548   3.355   1.382   1.00 11.30 ? 95  PHE A CD2 1 
ATOM   606  C  CE1 . PHE A 1 95  ? 0.628   3.158   3.342   1.00 11.40 ? 95  PHE A CE1 1 
ATOM   607  C  CE2 . PHE A 1 95  ? 1.593   2.368   1.298   1.00 12.21 ? 95  PHE A CE2 1 
ATOM   608  C  CZ  . PHE A 1 95  ? 0.628   2.268   2.270   1.00 12.85 ? 95  PHE A CZ  1 
ATOM   609  N  N   A LYS A 1 96  ? 6.032   6.442   4.321   0.47 11.13 ? 96  LYS A N   1 
ATOM   610  N  N   B LYS A 1 96  ? 6.020   6.402   4.310   0.53 11.11 ? 96  LYS A N   1 
ATOM   611  C  CA  A LYS A 1 96  ? 7.390   6.939   4.185   0.47 11.96 ? 96  LYS A CA  1 
ATOM   612  C  CA  B LYS A 1 96  ? 7.427   6.757   4.172   0.53 11.79 ? 96  LYS A CA  1 
ATOM   613  C  C   A LYS A 1 96  ? 8.191   5.880   3.449   0.47 12.28 ? 96  LYS A C   1 
ATOM   614  C  C   B LYS A 1 96  ? 8.199   5.578   3.576   0.53 10.38 ? 96  LYS A C   1 
ATOM   615  O  O   A LYS A 1 96  ? 8.038   5.736   2.221   0.47 12.36 ? 96  LYS A O   1 
ATOM   616  O  O   B LYS A 1 96  ? 7.927   5.168   2.441   0.53 8.86  ? 96  LYS A O   1 
ATOM   617  C  CB  A LYS A 1 96  ? 7.968   7.356   5.541   0.47 11.88 ? 96  LYS A CB  1 
ATOM   618  C  CB  B LYS A 1 96  ? 7.993   7.223   5.519   0.53 12.07 ? 96  LYS A CB  1 
ATOM   619  C  CG  A LYS A 1 96  ? 7.316   8.582   6.120   0.47 11.22 ? 96  LYS A CG  1 
ATOM   620  C  CG  B LYS A 1 96  ? 7.450   8.582   5.974   0.53 11.63 ? 96  LYS A CG  1 
ATOM   621  C  CD  A LYS A 1 96  ? 8.021   9.018   7.384   0.47 12.93 ? 96  LYS A CD  1 
ATOM   622  C  CD  B LYS A 1 96  ? 7.648   8.819   7.470   0.53 13.36 ? 96  LYS A CD  1 
ATOM   623  C  CE  A LYS A 1 96  ? 7.470   10.332  7.862   0.47 15.10 ? 96  LYS A CE  1 
ATOM   624  C  CE  B LYS A 1 96  ? 7.516   10.293  7.829   0.53 15.13 ? 96  LYS A CE  1 
ATOM   625  N  NZ  A LYS A 1 96  ? 8.119   10.736  9.123   0.47 9.54  ? 96  LYS A NZ  1 
ATOM   626  N  NZ  B LYS A 1 96  ? 8.794   11.028  7.615   0.53 17.57 ? 96  LYS A NZ  1 
ATOM   627  N  N   A GLU A 1 97  ? 9.055   5.123   4.124   0.47 12.58 ? 97  GLU A N   1 
ATOM   628  N  N   B GLU A 1 97  ? 9.141   5.006   4.317   0.53 12.33 ? 97  GLU A N   1 
ATOM   629  C  CA  A GLU A 1 97  ? 9.841   4.079   3.479   0.47 12.84 ? 97  GLU A CA  1 
ATOM   630  C  CA  B GLU A 1 97  ? 9.997   3.978   3.737   0.53 12.18 ? 97  GLU A CA  1 
ATOM   631  C  C   A GLU A 1 97  ? 9.022   2.800   3.353   0.47 12.24 ? 97  GLU A C   1 
ATOM   632  C  C   B GLU A 1 97  ? 9.231   2.671   3.572   0.53 12.20 ? 97  GLU A C   1 
ATOM   633  O  O   A GLU A 1 97  ? 8.295   2.422   4.277   0.47 12.57 ? 97  GLU A O   1 
ATOM   634  O  O   B GLU A 1 97  ? 8.675   2.132   4.540   0.53 11.32 ? 97  GLU A O   1 
ATOM   635  C  CB  A GLU A 1 97  ? 11.109  3.799   4.288   0.47 13.95 ? 97  GLU A CB  1 
ATOM   636  C  CB  B GLU A 1 97  ? 11.255  3.792   4.575   0.53 14.18 ? 97  GLU A CB  1 
ATOM   637  C  CG  A GLU A 1 97  ? 12.129  4.923   4.252   0.47 15.23 ? 97  GLU A CG  1 
ATOM   638  C  CG  B GLU A 1 97  ? 12.118  5.039   4.573   0.53 15.53 ? 97  GLU A CG  1 
ATOM   639  C  CD  A GLU A 1 97  ? 13.463  4.520   4.849   0.47 14.37 ? 97  GLU A CD  1 
ATOM   640  C  CD  B GLU A 1 97  ? 13.486  4.828   5.177   0.53 16.21 ? 97  GLU A CD  1 
ATOM   641  O  OE1 A GLU A 1 97  ? 13.581  4.467   6.093   0.47 12.80 ? 97  GLU A OE1 1 
ATOM   642  O  OE1 B GLU A 1 97  ? 13.743  3.734   5.723   0.53 23.45 ? 97  GLU A OE1 1 
ATOM   643  O  OE2 A GLU A 1 97  ? 14.396  4.250   4.068   0.47 18.71 ? 97  GLU A OE2 1 
ATOM   644  O  OE2 B GLU A 1 97  ? 14.306  5.764   5.095   0.53 20.48 ? 97  GLU A OE2 1 
ATOM   645  N  N   A THR A 1 98  ? 9.153   2.128   2.206   0.47 12.18 ? 98  THR A N   1 
ATOM   646  N  N   B THR A 1 98  ? 9.178   2.183   2.334   0.53 12.55 ? 98  THR A N   1 
ATOM   647  C  CA  A THR A 1 98  ? 8.307   0.984   1.884   0.47 12.74 ? 98  THR A CA  1 
ATOM   648  C  CA  B THR A 1 98  ? 8.508   0.937   2.024   0.53 11.78 ? 98  THR A CA  1 
ATOM   649  C  C   A THR A 1 98  ? 9.054   0.042   0.951   0.47 13.70 ? 98  THR A C   1 
ATOM   650  C  C   B THR A 1 98  ? 9.424   0.041   1.211   0.53 13.44 ? 98  THR A C   1 
ATOM   651  O  O   A THR A 1 98  ? 9.535   0.477   -0.099  0.47 15.29 ? 98  THR A O   1 
ATOM   652  O  O   B THR A 1 98  ? 10.339  0.492   0.514   0.53 14.51 ? 98  THR A O   1 
ATOM   653  C  CB  A THR A 1 98  ? 7.032   1.468   1.175   0.47 11.82 ? 98  THR A CB  1 
ATOM   654  C  CB  B THR A 1 98  ? 7.216   1.137   1.209   0.53 11.76 ? 98  THR A CB  1 
ATOM   655  O  OG1 A THR A 1 98  ? 6.385   2.470   1.969   0.47 13.67 ? 98  THR A OG1 1 
ATOM   656  O  OG1 B THR A 1 98  ? 7.537   1.450   -0.155  0.53 12.25 ? 98  THR A OG1 1 
ATOM   657  C  CG2 A THR A 1 98  ? 6.071   0.310   0.956   0.47 16.29 ? 98  THR A CG2 1 
ATOM   658  C  CG2 B THR A 1 98  ? 6.357   2.250   1.806   0.53 13.54 ? 98  THR A CG2 1 
ATOM   659  N  N   . GLU A 1 99  ? 9.143   -1.243  1.313   1.00 12.39 ? 99  GLU A N   1 
ATOM   660  C  CA  . GLU A 1 99  ? 9.637   -2.249  0.382   1.00 12.46 ? 99  GLU A CA  1 
ATOM   661  C  C   . GLU A 1 99  ? 8.435   -2.762  -0.403  1.00 12.34 ? 99  GLU A C   1 
ATOM   662  O  O   . GLU A 1 99  ? 7.449   -3.211  0.195   1.00 13.41 ? 99  GLU A O   1 
ATOM   663  C  CB  . GLU A 1 99  ? 10.328  -3.405  1.103   1.00 14.71 ? 99  GLU A CB  1 
ATOM   664  C  CG  . GLU A 1 99  ? 10.799  -4.477  0.129   1.00 15.99 ? 99  GLU A CG  1 
ATOM   665  C  CD  . GLU A 1 99  ? 11.487  -5.648  0.799   1.00 24.52 ? 99  GLU A CD  1 
ATOM   666  O  OE1 . GLU A 1 99  ? 11.997  -5.477  1.928   1.00 25.88 ? 99  GLU A OE1 1 
ATOM   667  O  OE2 . GLU A 1 99  ? 11.518  -6.743  0.192   1.00 19.40 ? 99  GLU A OE2 1 
ATOM   668  N  N   . ILE A 1 100 ? 8.508   -2.679  -1.729  1.00 11.65 ? 100 ILE A N   1 
ATOM   669  C  CA  . ILE A 1 100 ? 7.451   -3.161  -2.605  1.00 11.17 ? 100 ILE A CA  1 
ATOM   670  C  C   . ILE A 1 100 ? 7.874   -4.519  -3.144  1.00 10.03 ? 100 ILE A C   1 
ATOM   671  O  O   . ILE A 1 100 ? 9.014   -4.695  -3.613  1.00 11.84 ? 100 ILE A O   1 
ATOM   672  C  CB  . ILE A 1 100 ? 7.178   -2.173  -3.749  1.00 11.96 ? 100 ILE A CB  1 
ATOM   673  C  CG1 . ILE A 1 100 ? 6.775   -0.813  -3.186  1.00 12.78 ? 100 ILE A CG1 1 
ATOM   674  C  CG2 . ILE A 1 100 ? 6.074   -2.705  -4.632  1.00 12.95 ? 100 ILE A CG2 1 
ATOM   675  C  CD1 . ILE A 1 100 ? 6.609   0.248   -4.242  1.00 13.63 ? 100 ILE A CD1 1 
ATOM   676  N  N   . GLN A 1 101 ? 6.970   -5.492  -3.060  1.00 11.39 ? 101 GLN A N   1 
ATOM   677  C  CA  . GLN A 1 101 ? 7.218   -6.849  -3.524  1.00 11.76 ? 101 GLN A CA  1 
ATOM   678  C  C   . GLN A 1 101 ? 6.070   -7.286  -4.418  1.00 11.01 ? 101 GLN A C   1 
ATOM   679  O  O   . GLN A 1 101 ? 4.982   -6.702  -4.395  1.00 11.09 ? 101 GLN A O   1 
ATOM   680  C  CB  . GLN A 1 101 ? 7.297   -7.823  -2.340  1.00 11.97 ? 101 GLN A CB  1 
ATOM   681  C  CG  . GLN A 1 101 ? 8.178   -7.372  -1.192  1.00 13.53 ? 101 GLN A CG  1 
ATOM   682  C  CD  . GLN A 1 101 ? 8.193   -8.376  -0.059  1.00 13.62 ? 101 GLN A CD  1 
ATOM   683  O  OE1 . GLN A 1 101 ? 7.190   -9.031  0.219   1.00 15.13 ? 101 GLN A OE1 1 
ATOM   684  N  NE2 . GLN A 1 101 ? 9.347   -8.522  0.587   1.00 18.07 ? 101 GLN A NE2 1 
ATOM   685  N  N   . TYR A 1 102 ? 6.302   -8.330  -5.206  1.00 11.76 ? 102 TYR A N   1 
ATOM   686  C  CA  . TYR A 1 102 ? 5.230   -8.906  -6.005  1.00 12.70 ? 102 TYR A CA  1 
ATOM   687  C  C   . TYR A 1 102 ? 5.273   -10.422 -5.886  1.00 13.17 ? 102 TYR A C   1 
ATOM   688  O  O   . TYR A 1 102 ? 6.283   -11.003 -5.485  1.00 14.26 ? 102 TYR A O   1 
ATOM   689  C  CB  . TYR A 1 102 ? 5.318   -8.488  -7.480  1.00 13.38 ? 102 TYR A CB  1 
ATOM   690  C  CG  . TYR A 1 102 ? 6.346   -9.279  -8.231  1.00 15.39 ? 102 TYR A CG  1 
ATOM   691  C  CD1 . TYR A 1 102 ? 7.681   -8.927  -8.185  1.00 17.12 ? 102 TYR A CD1 1 
ATOM   692  C  CD2 . TYR A 1 102 ? 5.982   -10.396 -8.983  1.00 14.21 ? 102 TYR A CD2 1 
ATOM   693  C  CE1 . TYR A 1 102 ? 8.632   -9.665  -8.868  1.00 20.27 ? 102 TYR A CE1 1 
ATOM   694  C  CE2 . TYR A 1 102 ? 6.917   -11.139 -9.653  1.00 16.99 ? 102 TYR A CE2 1 
ATOM   695  C  CZ  . TYR A 1 102 ? 8.237   -10.764 -9.600  1.00 15.04 ? 102 TYR A CZ  1 
ATOM   696  O  OH  . TYR A 1 102 ? 9.175   -11.509 -10.278 1.00 18.57 ? 102 TYR A OH  1 
ATOM   697  N  N   . SER A 1 103 ? 4.169   -11.063 -6.258  1.00 13.60 ? 103 SER A N   1 
ATOM   698  C  CA  . SER A 1 103 ? 4.055   -12.517 -6.224  1.00 14.79 ? 103 SER A CA  1 
ATOM   699  C  C   . SER A 1 103 ? 3.310   -12.987 -7.459  1.00 12.31 ? 103 SER A C   1 
ATOM   700  O  O   . SER A 1 103 ? 2.238   -12.463 -7.766  1.00 14.00 ? 103 SER A O   1 
ATOM   701  C  CB  . SER A 1 103 ? 3.271   -12.970 -4.991  1.00 15.07 ? 103 SER A CB  1 
ATOM   702  O  OG  . SER A 1 103 ? 3.049   -14.372 -5.046  1.00 16.87 ? 103 SER A OG  1 
ATOM   703  N  N   . ALA A 1 104 ? 3.866   -13.985 -8.151  1.00 14.49 ? 104 ALA A N   1 
ATOM   704  C  CA  . ALA A 1 104 ? 3.176   -14.571 -9.293  1.00 14.00 ? 104 ALA A CA  1 
ATOM   705  C  C   . ALA A 1 104 ? 2.076   -15.543 -8.884  1.00 16.93 ? 104 ALA A C   1 
ATOM   706  O  O   . ALA A 1 104 ? 1.152   -15.773 -9.670  1.00 22.12 ? 104 ALA A O   1 
ATOM   707  C  CB  . ALA A 1 104 ? 4.166   -15.275 -10.221 1.00 18.37 ? 104 ALA A CB  1 
ATOM   708  N  N   . ASP A 1 105 ? 2.144   -16.111 -7.678  1.00 20.32 ? 105 ASP A N   1 
ATOM   709  C  CA  . ASP A 1 105 ? 1.151   -17.080 -7.236  1.00 22.48 ? 105 ASP A CA  1 
ATOM   710  C  C   . ASP A 1 105 ? 0.326   -16.643 -6.033  1.00 26.17 ? 105 ASP A C   1 
ATOM   711  O  O   . ASP A 1 105 ? -0.638  -17.336 -5.687  1.00 23.63 ? 105 ASP A O   1 
ATOM   712  C  CB  . ASP A 1 105 ? 1.802   -18.446 -6.952  1.00 25.85 ? 105 ASP A CB  1 
ATOM   713  C  CG  . ASP A 1 105 ? 2.858   -18.384 -5.862  1.00 29.98 ? 105 ASP A CG  1 
ATOM   714  O  OD1 . ASP A 1 105 ? 2.966   -17.348 -5.171  1.00 23.20 ? 105 ASP A OD1 1 
ATOM   715  O  OD2 . ASP A 1 105 ? 3.589   -19.383 -5.694  1.00 32.76 ? 105 ASP A OD2 1 
ATOM   716  N  N   . GLY A 1 106 ? 0.666   -15.528 -5.386  1.00 21.30 ? 106 GLY A N   1 
ATOM   717  C  CA  . GLY A 1 106 ? -0.054  -15.063 -4.222  1.00 19.94 ? 106 GLY A CA  1 
ATOM   718  C  C   . GLY A 1 106 ? 0.509   -15.525 -2.894  1.00 24.11 ? 106 GLY A C   1 
ATOM   719  O  O   . GLY A 1 106 ? 0.041   -15.059 -1.847  1.00 22.46 ? 106 GLY A O   1 
ATOM   720  N  N   . HIS A 1 107 ? 1.502   -16.414 -2.906  1.00 19.77 ? 107 HIS A N   1 
ATOM   721  C  CA  . HIS A 1 107 ? 2.100   -16.994 -1.709  1.00 25.22 ? 107 HIS A CA  1 
ATOM   722  C  C   . HIS A 1 107 ? 3.572   -16.650 -1.549  1.00 19.86 ? 107 HIS A C   1 
ATOM   723  O  O   . HIS A 1 107 ? 4.005   -16.321 -0.443  1.00 24.62 ? 107 HIS A O   1 
ATOM   724  C  CB  . HIS A 1 107 ? 1.944   -18.522 -1.737  1.00 31.26 ? 107 HIS A CB  1 
ATOM   725  C  CG  . HIS A 1 107 ? 0.554   -18.982 -2.046  1.00 42.93 ? 107 HIS A CG  1 
ATOM   726  N  ND1 . HIS A 1 107 ? -0.461  -18.964 -1.114  1.00 52.49 ? 107 HIS A ND1 1 
ATOM   727  C  CD2 . HIS A 1 107 ? 0.010   -19.471 -3.186  1.00 35.57 ? 107 HIS A CD2 1 
ATOM   728  C  CE1 . HIS A 1 107 ? -1.571  -19.423 -1.666  1.00 48.88 ? 107 HIS A CE1 1 
ATOM   729  N  NE2 . HIS A 1 107 ? -1.313  -19.737 -2.922  1.00 47.97 ? 107 HIS A NE2 1 
ATOM   730  N  N   . THR A 1 108 ? 4.353   -16.720 -2.624  1.00 21.80 ? 108 THR A N   1 
ATOM   731  C  CA  . THR A 1 108 ? 5.782   -16.440 -2.584  1.00 19.87 ? 108 THR A CA  1 
ATOM   732  C  C   . THR A 1 108 ? 6.034   -15.057 -3.173  1.00 17.67 ? 108 THR A C   1 
ATOM   733  O  O   . THR A 1 108 ? 5.622   -14.780 -4.305  1.00 18.07 ? 108 THR A O   1 
ATOM   734  C  CB  . THR A 1 108 ? 6.550   -17.493 -3.387  1.00 22.14 ? 108 THR A CB  1 
ATOM   735  O  OG1 . THR A 1 108 ? 6.327   -18.786 -2.813  1.00 31.68 ? 108 THR A OG1 1 
ATOM   736  C  CG2 . THR A 1 108 ? 8.043   -17.188 -3.385  1.00 25.25 ? 108 THR A CG2 1 
ATOM   737  N  N   . PHE A 1 109 ? 6.727   -14.207 -2.420  1.00 17.21 ? 109 PHE A N   1 
ATOM   738  C  CA  . PHE A 1 109 ? 6.931   -12.814 -2.791  1.00 16.24 ? 109 PHE A CA  1 
ATOM   739  C  C   . PHE A 1 109 ? 8.393   -12.522 -3.115  1.00 16.21 ? 109 PHE A C   1 
ATOM   740  O  O   . PHE A 1 109 ? 9.313   -13.096 -2.523  1.00 20.81 ? 109 PHE A O   1 
ATOM   741  C  CB  . PHE A 1 109 ? 6.392   -11.879 -1.702  1.00 18.10 ? 109 PHE A CB  1 
ATOM   742  C  CG  . PHE A 1 109 ? 4.893   -11.810 -1.680  1.00 16.00 ? 109 PHE A CG  1 
ATOM   743  C  CD1 . PHE A 1 109 ? 4.149   -12.822 -1.107  1.00 14.96 ? 109 PHE A CD1 1 
ATOM   744  C  CD2 . PHE A 1 109 ? 4.224   -10.753 -2.280  1.00 15.14 ? 109 PHE A CD2 1 
ATOM   745  C  CE1 . PHE A 1 109 ? 2.770   -12.773 -1.111  1.00 15.55 ? 109 PHE A CE1 1 
ATOM   746  C  CE2 . PHE A 1 109 ? 2.846   -10.703 -2.292  1.00 15.70 ? 109 PHE A CE2 1 
ATOM   747  C  CZ  . PHE A 1 109 ? 2.118   -11.711 -1.708  1.00 15.24 ? 109 PHE A CZ  1 
ATOM   748  N  N   . THR A 1 110 ? 8.590   -11.623 -4.078  1.00 15.59 ? 110 THR A N   1 
ATOM   749  C  CA  . THR A 1 110 ? 9.903   -11.221 -4.561  1.00 16.77 ? 110 THR A CA  1 
ATOM   750  C  C   . THR A 1 110 ? 10.036  -9.713  -4.416  1.00 14.41 ? 110 THR A C   1 
ATOM   751  O  O   . THR A 1 110 ? 9.129   -8.973  -4.808  1.00 13.30 ? 110 THR A O   1 
ATOM   752  C  CB  . THR A 1 110 ? 10.037  -11.586 -6.045  1.00 17.54 ? 110 THR A CB  1 
ATOM   753  O  OG1 . THR A 1 110 ? 10.025  -13.012 -6.197  1.00 21.03 ? 110 THR A OG1 1 
ATOM   754  C  CG2 . THR A 1 110 ? 11.324  -11.021 -6.637  1.00 18.44 ? 110 THR A CG2 1 
ATOM   755  N  N   . LYS A 1 111 ? 11.156  -9.258  -3.862  1.00 15.34 ? 111 LYS A N   1 
ATOM   756  C  CA  . LYS A 1 111 ? 11.385  -7.824  -3.738  1.00 15.18 ? 111 LYS A CA  1 
ATOM   757  C  C   . LYS A 1 111 ? 11.483  -7.172  -5.111  1.00 12.88 ? 111 LYS A C   1 
ATOM   758  O  O   . LYS A 1 111 ? 12.231  -7.635  -5.982  1.00 14.18 ? 111 LYS A O   1 
ATOM   759  C  CB  . LYS A 1 111 ? 12.654  -7.551  -2.937  1.00 15.35 ? 111 LYS A CB  1 
ATOM   760  C  CG  . LYS A 1 111 ? 13.014  -6.080  -2.863  1.00 16.63 ? 111 LYS A CG  1 
ATOM   761  C  CD  . LYS A 1 111 ? 14.194  -5.840  -1.942  1.00 19.34 ? 111 LYS A CD  1 
ATOM   762  C  CE  . LYS A 1 111 ? 14.563  -4.367  -1.914  1.00 21.84 ? 111 LYS A CE  1 
ATOM   763  N  NZ  . LYS A 1 111 ? 15.727  -4.100  -1.020  1.00 27.36 ? 111 LYS A NZ  1 
ATOM   764  N  N   . LEU A 1 112 ? 10.718  -6.097  -5.300  1.00 13.64 ? 112 LEU A N   1 
ATOM   765  C  CA  . LEU A 1 112 ? 10.754  -5.299  -6.517  1.00 15.44 ? 112 LEU A CA  1 
ATOM   766  C  C   . LEU A 1 112 ? 11.633  -4.064  -6.370  1.00 15.41 ? 112 LEU A C   1 
ATOM   767  O  O   . LEU A 1 112 ? 12.560  -3.865  -7.161  1.00 20.41 ? 112 LEU A O   1 
ATOM   768  C  CB  . LEU A 1 112 ? 9.330   -4.890  -6.904  1.00 15.30 ? 112 LEU A CB  1 
ATOM   769  C  CG  . LEU A 1 112 ? 9.137   -4.154  -8.229  1.00 19.75 ? 112 LEU A CG  1 
ATOM   770  C  CD1 . LEU A 1 112 ? 9.585   -5.022  -9.390  1.00 19.54 ? 112 LEU A CD1 1 
ATOM   771  C  CD2 . LEU A 1 112 ? 7.682   -3.744  -8.399  1.00 27.15 ? 112 LEU A CD2 1 
ATOM   772  N  N   . ILE A 1 113 ? 11.370  -3.237  -5.360  1.00 15.53 ? 113 ILE A N   1 
ATOM   773  C  CA  . ILE A 1 113 ? 12.125  -2.008  -5.147  1.00 19.60 ? 113 ILE A CA  1 
ATOM   774  C  C   . ILE A 1 113 ? 11.851  -1.490  -3.739  1.00 17.63 ? 113 ILE A C   1 
ATOM   775  O  O   . ILE A 1 113 ? 10.760  -1.690  -3.190  1.00 19.53 ? 113 ILE A O   1 
ATOM   776  C  CB  . ILE A 1 113 ? 11.766  -0.955  -6.216  1.00 22.13 ? 113 ILE A CB  1 
ATOM   777  C  CG1 . ILE A 1 113 ? 12.825  0.148   -6.286  1.00 34.20 ? 113 ILE A CG1 1 
ATOM   778  C  CG2 . ILE A 1 113 ? 10.383  -0.357  -5.957  1.00 24.73 ? 113 ILE A CG2 1 
ATOM   779  C  CD1 . ILE A 1 113 ? 13.975  -0.170  -7.217  1.00 39.57 ? 113 ILE A CD1 1 
ATOM   780  N  N   . ASP A 1 114 ? 12.853  -0.867  -3.126  1.00 16.42 ? 114 ASP A N   1 
ATOM   781  C  CA  . ASP A 1 114 ? 12.636  -0.043  -1.947  1.00 19.53 ? 114 ASP A CA  1 
ATOM   782  C  C   . ASP A 1 114 ? 12.202  1.334   -2.424  1.00 19.12 ? 114 ASP A C   1 
ATOM   783  O  O   . ASP A 1 114 ? 12.900  1.967   -3.223  1.00 22.60 ? 114 ASP A O   1 
ATOM   784  C  CB  . ASP A 1 114 ? 13.930  0.061   -1.144  1.00 19.73 ? 114 ASP A CB  1 
ATOM   785  C  CG  . ASP A 1 114 ? 14.285  -1.230  -0.438  1.00 24.47 ? 114 ASP A CG  1 
ATOM   786  O  OD1 . ASP A 1 114 ? 13.392  -1.846  0.179   1.00 25.53 ? 114 ASP A OD1 1 
ATOM   787  O  OD2 . ASP A 1 114 ? 15.467  -1.630  -0.498  1.00 29.53 ? 114 ASP A OD2 1 
ATOM   788  N  N   . LYS A 1 115 ? 11.050  1.795   -1.946  1.00 16.57 ? 115 LYS A N   1 
ATOM   789  C  CA  . LYS A 1 115 ? 10.484  3.063   -2.384  1.00 13.94 ? 115 LYS A CA  1 
ATOM   790  C  C   . LYS A 1 115 ? 10.211  3.932   -1.168  1.00 12.75 ? 115 LYS A C   1 
ATOM   791  O  O   . LYS A 1 115 ? 9.471   3.528   -0.262  1.00 14.80 ? 115 LYS A O   1 
ATOM   792  C  CB  . LYS A 1 115 ? 9.189   2.832   -3.167  1.00 15.58 ? 115 LYS A CB  1 
ATOM   793  C  CG  . LYS A 1 115 ? 8.384   4.081   -3.486  1.00 16.23 ? 115 LYS A CG  1 
ATOM   794  C  CD  . LYS A 1 115 ? 9.107   5.051   -4.407  1.00 15.66 ? 115 LYS A CD  1 
ATOM   795  C  CE  . LYS A 1 115 ? 8.212   6.253   -4.689  1.00 18.29 ? 115 LYS A CE  1 
ATOM   796  N  NZ  . LYS A 1 115 ? 8.849   7.273   -5.559  1.00 23.25 ? 115 LYS A NZ  1 
ATOM   797  N  N   . ASP A 1 116 ? 10.781  5.127   -1.156  1.00 13.67 ? 116 ASP A N   1 
ATOM   798  C  CA  . ASP A 1 116 ? 10.486  6.107   -0.121  1.00 12.93 ? 116 ASP A CA  1 
ATOM   799  C  C   . ASP A 1 116 ? 9.358   6.981   -0.641  1.00 13.08 ? 116 ASP A C   1 
ATOM   800  O  O   . ASP A 1 116 ? 9.560   7.799   -1.549  1.00 14.34 ? 116 ASP A O   1 
ATOM   801  C  CB  . ASP A 1 116 ? 11.723  6.944   0.180   1.00 14.25 ? 116 ASP A CB  1 
ATOM   802  C  CG  . ASP A 1 116 ? 11.532  7.888   1.353   1.00 16.03 ? 116 ASP A CG  1 
ATOM   803  O  OD1 . ASP A 1 116 ? 10.449  7.897   1.979   1.00 15.19 ? 116 ASP A OD1 1 
ATOM   804  O  OD2 . ASP A 1 116 ? 12.495  8.626   1.646   1.00 17.37 ? 116 ASP A OD2 1 
ATOM   805  N  N   . PHE A 1 117 ? 8.164   6.802   -0.077  1.00 12.85 ? 117 PHE A N   1 
ATOM   806  C  CA  . PHE A 1 117 ? 7.047   7.667   -0.415  1.00 13.78 ? 117 PHE A CA  1 
ATOM   807  C  C   . PHE A 1 117 ? 7.101   8.992   0.329   1.00 12.46 ? 117 PHE A C   1 
ATOM   808  O  O   . PHE A 1 117 ? 6.243   9.846   0.090   1.00 14.12 ? 117 PHE A O   1 
ATOM   809  C  CB  . PHE A 1 117 ? 5.705   6.954   -0.190  1.00 13.76 ? 117 PHE A CB  1 
ATOM   810  C  CG  . PHE A 1 117 ? 5.402   5.877   -1.205  1.00 11.61 ? 117 PHE A CG  1 
ATOM   811  C  CD1 . PHE A 1 117 ? 4.942   6.204   -2.477  1.00 13.07 ? 117 PHE A CD1 1 
ATOM   812  C  CD2 . PHE A 1 117 ? 5.540   4.553   -0.877  1.00 13.45 ? 117 PHE A CD2 1 
ATOM   813  C  CE1 . PHE A 1 117 ? 4.656   5.211   -3.409  1.00 12.61 ? 117 PHE A CE1 1 
ATOM   814  C  CE2 . PHE A 1 117 ? 5.246   3.567   -1.791  1.00 12.95 ? 117 PHE A CE2 1 
ATOM   815  C  CZ  . PHE A 1 117 ? 4.802   3.899   -3.066  1.00 12.09 ? 117 PHE A CZ  1 
ATOM   816  N  N   . GLN A 1 118 ? 8.072   9.168   1.228   1.00 13.34 ? 118 GLN A N   1 
ATOM   817  C  CA  . GLN A 1 118 ? 8.499   10.463  1.740   1.00 13.21 ? 118 GLN A CA  1 
ATOM   818  C  C   . GLN A 1 118 ? 7.535   11.086  2.737   1.00 12.96 ? 118 GLN A C   1 
ATOM   819  O  O   . GLN A 1 118 ? 7.760   12.227  3.150   1.00 14.98 ? 118 GLN A O   1 
ATOM   820  C  CB  . GLN A 1 118 ? 8.759   11.478  0.619   1.00 15.52 ? 118 GLN A CB  1 
ATOM   821  C  CG  . GLN A 1 118 ? 9.865   11.126  -0.351  1.00 20.02 ? 118 GLN A CG  1 
ATOM   822  C  CD  . GLN A 1 118 ? 10.187  12.289  -1.278  1.00 35.99 ? 118 GLN A CD  1 
ATOM   823  O  OE1 . GLN A 1 118 ? 10.277  13.442  -0.843  1.00 29.48 ? 118 GLN A OE1 1 
ATOM   824  N  NE2 . GLN A 1 118 ? 10.345  11.995  -2.563  1.00 37.49 ? 118 GLN A NE2 1 
ATOM   825  N  N   . GLY A 1 119 ? 6.482   10.379  3.154   1.00 13.49 ? 119 GLY A N   1 
ATOM   826  C  CA  . GLY A 1 119 ? 5.440   11.036  3.917   1.00 12.75 ? 119 GLY A CA  1 
ATOM   827  C  C   . GLY A 1 119 ? 4.693   12.060  3.103   1.00 12.89 ? 119 GLY A C   1 
ATOM   828  O  O   . GLY A 1 119 ? 4.044   12.948  3.662   1.00 14.71 ? 119 GLY A O   1 
ATOM   829  N  N   . SER A 1 120 ? 4.777   11.954  1.779   1.00 13.74 ? 120 SER A N   1 
ATOM   830  C  CA  . SER A 1 120 ? 4.190   12.940  0.894   1.00 13.89 ? 120 SER A CA  1 
ATOM   831  C  C   . SER A 1 120 ? 2.672   12.930  0.989   1.00 13.40 ? 120 SER A C   1 
ATOM   832  O  O   . SER A 1 120 ? 2.040   11.890  1.203   1.00 14.19 ? 120 SER A O   1 
ATOM   833  C  CB  . SER A 1 120 ? 4.593   12.632  -0.544  1.00 14.20 ? 120 SER A CB  1 
ATOM   834  O  OG  . SER A 1 120 ? 3.903   13.481  -1.438  1.00 16.24 ? 120 SER A OG  1 
ATOM   835  N  N   . ALA A 1 121 ? 2.085   14.105  0.802   1.00 14.91 ? 121 ALA A N   1 
ATOM   836  C  CA  . ALA A 1 121 ? 0.642   14.247  0.761   1.00 13.61 ? 121 ALA A CA  1 
ATOM   837  C  C   . ALA A 1 121 ? 0.060   14.028  -0.627  1.00 17.10 ? 121 ALA A C   1 
ATOM   838  O  O   . ALA A 1 121 ? -1.166  14.088  -0.783  1.00 16.47 ? 121 ALA A O   1 
ATOM   839  C  CB  . ALA A 1 121 ? 0.229   15.628  1.280   1.00 16.26 ? 121 ALA A CB  1 
ATOM   840  N  N   . THR A 1 122 ? 0.895   13.780  -1.633  1.00 14.61 ? 122 THR A N   1 
ATOM   841  C  CA  . THR A 1 122 ? 0.420   13.582  -2.990  1.00 14.46 ? 122 THR A CA  1 
ATOM   842  C  C   . THR A 1 122 ? 0.731   12.170  -3.473  1.00 13.93 ? 122 THR A C   1 
ATOM   843  O  O   . THR A 1 122 ? 1.588   11.468  -2.928  1.00 15.04 ? 122 THR A O   1 
ATOM   844  C  CB  . THR A 1 122 ? 1.025   14.609  -3.956  1.00 14.68 ? 122 THR A CB  1 
ATOM   845  O  OG1 . THR A 1 122 ? 2.453   14.492  -3.961  1.00 19.30 ? 122 THR A OG1 1 
ATOM   846  C  CG2 . THR A 1 122 ? 0.631   16.018  -3.557  1.00 16.60 ? 122 THR A CG2 1 
ATOM   847  N  N   . ALA A 1 123 ? 0.004   11.774  -4.513  1.00 14.36 ? 123 ALA A N   1 
ATOM   848  C  CA  . ALA A 1 123 ? 0.137   10.437  -5.069  1.00 14.85 ? 123 ALA A CA  1 
ATOM   849  C  C   . ALA A 1 123 ? 1.580   10.147  -5.466  1.00 16.00 ? 123 ALA A C   1 
ATOM   850  O  O   . ALA A 1 123 ? 2.306   11.023  -5.947  1.00 17.26 ? 123 ALA A O   1 
ATOM   851  C  CB  . ALA A 1 123 ? -0.773  10.294  -6.285  1.00 16.74 ? 123 ALA A CB  1 
ATOM   852  N  N   . GLY A 1 124 ? 1.993   8.906   -5.248  1.00 12.83 ? 124 GLY A N   1 
ATOM   853  C  CA  . GLY A 1 124 ? 3.312   8.454   -5.634  1.00 14.45 ? 124 GLY A CA  1 
ATOM   854  C  C   . GLY A 1 124 ? 3.224   7.330   -6.641  1.00 12.80 ? 124 GLY A C   1 
ATOM   855  O  O   . GLY A 1 124 ? 2.727   6.242   -6.329  1.00 13.46 ? 124 GLY A O   1 
ATOM   856  N  N   . LYS A 1 125 ? 3.678   7.595   -7.862  1.00 15.77 ? 125 LYS A N   1 
ATOM   857  C  CA  . LYS A 1 125 ? 3.647   6.616   -8.939  1.00 14.14 ? 125 LYS A CA  1 
ATOM   858  C  C   . LYS A 1 125 ? 4.988   5.895   -8.985  1.00 16.86 ? 125 LYS A C   1 
ATOM   859  O  O   . LYS A 1 125 ? 6.043   6.529   -8.888  1.00 18.81 ? 125 LYS A O   1 
ATOM   860  C  CB  . LYS A 1 125 ? 3.397   7.329   -10.268 1.00 17.06 ? 125 LYS A CB  1 
ATOM   861  C  CG  . LYS A 1 125 ? 3.315   6.431   -11.503 1.00 17.52 ? 125 LYS A CG  1 
ATOM   862  C  CD  . LYS A 1 125 ? 2.885   7.257   -12.713 1.00 20.71 ? 125 LYS A CD  1 
ATOM   863  C  CE  . LYS A 1 125 ? 2.728   6.417   -13.964 1.00 29.60 ? 125 LYS A CE  1 
ATOM   864  N  NZ  . LYS A 1 125 ? 2.076   7.202   -15.052 1.00 47.18 ? 125 LYS A NZ  1 
ATOM   865  N  N   . VAL A 1 126 ? 4.943   4.573   -9.100  1.00 14.81 ? 126 VAL A N   1 
ATOM   866  C  CA  . VAL A 1 126 ? 6.135   3.743   -9.238  1.00 14.01 ? 126 VAL A CA  1 
ATOM   867  C  C   . VAL A 1 126 ? 6.014   3.006   -10.557 1.00 12.52 ? 126 VAL A C   1 
ATOM   868  O  O   . VAL A 1 126 ? 5.095   2.198   -10.734 1.00 13.16 ? 126 VAL A O   1 
ATOM   869  C  CB  . VAL A 1 126 ? 6.263   2.739   -8.080  1.00 13.49 ? 126 VAL A CB  1 
ATOM   870  C  CG1 . VAL A 1 126 ? 7.486   1.857   -8.282  1.00 16.85 ? 126 VAL A CG1 1 
ATOM   871  C  CG2 . VAL A 1 126 ? 6.330   3.466   -6.742  1.00 17.36 ? 126 VAL A CG2 1 
ATOM   872  N  N   . THR A 1 127 ? 6.936   3.279   -11.478 1.00 13.55 ? 127 THR A N   1 
ATOM   873  C  CA  . THR A 1 127 ? 6.943   2.671   -12.802 1.00 13.76 ? 127 THR A CA  1 
ATOM   874  C  C   . THR A 1 127 ? 8.044   1.622   -12.857 1.00 16.42 ? 127 THR A C   1 
ATOM   875  O  O   . THR A 1 127 ? 9.197   1.911   -12.523 1.00 18.99 ? 127 THR A O   1 
ATOM   876  C  CB  . THR A 1 127 ? 7.174   3.731   -13.883 1.00 15.53 ? 127 THR A CB  1 
ATOM   877  O  OG1 . THR A 1 127 ? 6.102   4.680   -13.855 1.00 18.33 ? 127 THR A OG1 1 
ATOM   878  C  CG2 . THR A 1 127 ? 7.224   3.087   -15.253 1.00 20.04 ? 127 THR A CG2 1 
ATOM   879  N  N   . PHE A 1 128 ? 7.680   0.414   -13.270 1.00 14.01 ? 128 PHE A N   1 
ATOM   880  C  CA  . PHE A 1 128 ? 8.620   -0.691  -13.294 1.00 15.15 ? 128 PHE A CA  1 
ATOM   881  C  C   . PHE A 1 128 ? 9.484   -0.631  -14.557 1.00 15.64 ? 128 PHE A C   1 
ATOM   882  O  O   . PHE A 1 128 ? 9.119   -0.024  -15.564 1.00 17.27 ? 128 PHE A O   1 
ATOM   883  C  CB  . PHE A 1 128 ? 7.882   -2.031  -13.271 1.00 16.32 ? 128 PHE A CB  1 
ATOM   884  C  CG  . PHE A 1 128 ? 6.711   -2.100  -12.315 1.00 14.48 ? 128 PHE A CG  1 
ATOM   885  C  CD1 . PHE A 1 128 ? 6.696   -1.404  -11.117 1.00 15.78 ? 128 PHE A CD1 1 
ATOM   886  C  CD2 . PHE A 1 128 ? 5.628   -2.911  -12.619 1.00 16.62 ? 128 PHE A CD2 1 
ATOM   887  C  CE1 . PHE A 1 128 ? 5.604   -1.496  -10.259 1.00 14.78 ? 128 PHE A CE1 1 
ATOM   888  C  CE2 . PHE A 1 128 ? 4.548   -3.008  -11.768 1.00 17.08 ? 128 PHE A CE2 1 
ATOM   889  C  CZ  . PHE A 1 128 ? 4.538   -2.304  -10.583 1.00 15.63 ? 128 PHE A CZ  1 
ATOM   890  N  N   A ASP A 1 129 ? 10.649  -1.280  -14.484 0.52 16.05 ? 129 ASP A N   1 
ATOM   891  N  N   B ASP A 1 129 ? 10.648  -1.279  -14.489 0.48 16.04 ? 129 ASP A N   1 
ATOM   892  C  CA  A ASP A 1 129 ? 11.591  -1.386  -15.594 0.52 17.66 ? 129 ASP A CA  1 
ATOM   893  C  CA  B ASP A 1 129 ? 11.562  -1.352  -15.625 0.48 17.66 ? 129 ASP A CA  1 
ATOM   894  C  C   A ASP A 1 129 ? 11.214  -2.472  -16.593 0.52 13.39 ? 129 ASP A C   1 
ATOM   895  C  C   B ASP A 1 129 ? 11.198  -2.454  -16.612 0.48 13.40 ? 129 ASP A C   1 
ATOM   896  O  O   A ASP A 1 129 ? 11.942  -2.669  -17.572 0.52 15.17 ? 129 ASP A O   1 
ATOM   897  O  O   B ASP A 1 129 ? 11.919  -2.644  -17.598 0.48 15.19 ? 129 ASP A O   1 
ATOM   898  C  CB  A ASP A 1 129 ? 13.005  -1.663  -15.070 0.52 20.96 ? 129 ASP A CB  1 
ATOM   899  C  CB  B ASP A 1 129 ? 13.014  -1.520  -15.150 0.48 21.01 ? 129 ASP A CB  1 
ATOM   900  C  CG  A ASP A 1 129 ? 13.637  -0.448  -14.421 0.52 23.17 ? 129 ASP A CG  1 
ATOM   901  C  CG  B ASP A 1 129 ? 13.249  -2.822  -14.394 0.48 16.44 ? 129 ASP A CG  1 
ATOM   902  O  OD1 A ASP A 1 129 ? 13.084  0.662   -14.570 0.52 26.00 ? 129 ASP A OD1 1 
ATOM   903  O  OD1 B ASP A 1 129 ? 12.325  -3.653  -14.283 0.48 22.03 ? 129 ASP A OD1 1 
ATOM   904  O  OD2 A ASP A 1 129 ? 14.688  -0.603  -13.765 0.52 31.79 ? 129 ASP A OD2 1 
ATOM   905  O  OD2 B ASP A 1 129 ? 14.380  -3.016  -13.898 0.48 26.74 ? 129 ASP A OD2 1 
ATOM   906  N  N   . GLN A 1 130 ? 10.128  -3.198  -16.349 1.00 15.26 ? 130 GLN A N   1 
ATOM   907  C  CA  . GLN A 1 130 ? 9.614   -4.209  -17.261 1.00 15.00 ? 130 GLN A CA  1 
ATOM   908  C  C   . GLN A 1 130 ? 8.169   -4.465  -16.857 1.00 14.49 ? 130 GLN A C   1 
ATOM   909  O  O   . GLN A 1 130 ? 7.717   -4.019  -15.802 1.00 18.13 ? 130 GLN A O   1 
ATOM   910  C  CB  . GLN A 1 130 ? 10.412  -5.511  -17.170 1.00 17.07 ? 130 GLN A CB  1 
ATOM   911  C  CG  . GLN A 1 130 ? 10.262  -6.211  -15.831 1.00 20.13 ? 130 GLN A CG  1 
ATOM   912  C  CD  . GLN A 1 130 ? 10.647  -7.675  -15.890 1.00 22.25 ? 130 GLN A CD  1 
ATOM   913  O  OE1 . GLN A 1 130 ? 11.814  -8.035  -15.715 1.00 18.32 ? 130 GLN A OE1 1 
ATOM   914  N  NE2 . GLN A 1 130 ? 9.663   -8.531  -16.139 1.00 26.04 ? 130 GLN A NE2 1 
ATOM   915  N  N   . THR A 1 131 ? 7.442   -5.190  -17.697 1.00 14.75 ? 131 THR A N   1 
ATOM   916  C  CA  . THR A 1 131 ? 6.097   -5.617  -17.328 1.00 16.40 ? 131 THR A CA  1 
ATOM   917  C  C   . THR A 1 131 ? 6.215   -6.754  -16.320 1.00 15.48 ? 131 THR A C   1 
ATOM   918  O  O   . THR A 1 131 ? 6.901   -7.749  -16.585 1.00 19.46 ? 131 THR A O   1 
ATOM   919  C  CB  . THR A 1 131 ? 5.332   -6.073  -18.569 1.00 17.55 ? 131 THR A CB  1 
ATOM   920  O  OG1 . THR A 1 131 ? 5.283   -5.004  -19.521 1.00 18.28 ? 131 THR A OG1 1 
ATOM   921  C  CG2 . THR A 1 131 ? 3.910   -6.479  -18.202 1.00 18.91 ? 131 THR A CG2 1 
ATOM   922  N  N   . ILE A 1 132 ? 5.575   -6.597  -15.161 1.00 14.83 ? 132 ILE A N   1 
ATOM   923  C  CA  . ILE A 1 132 ? 5.630   -7.582  -14.084 1.00 17.14 ? 132 ILE A CA  1 
ATOM   924  C  C   . ILE A 1 132 ? 4.376   -8.438  -14.169 1.00 14.96 ? 132 ILE A C   1 
ATOM   925  O  O   . ILE A 1 132 ? 3.268   -7.908  -14.312 1.00 18.49 ? 132 ILE A O   1 
ATOM   926  C  CB  . ILE A 1 132 ? 5.737   -6.886  -12.715 1.00 16.45 ? 132 ILE A CB  1 
ATOM   927  C  CG1 . ILE A 1 132 ? 7.062   -6.118  -12.599 1.00 18.48 ? 132 ILE A CG1 1 
ATOM   928  C  CG2 . ILE A 1 132 ? 5.576   -7.890  -11.575 1.00 17.32 ? 132 ILE A CG2 1 
ATOM   929  C  CD1 . ILE A 1 132 ? 8.303   -6.995  -12.639 1.00 18.17 ? 132 ILE A CD1 1 
ATOM   930  N  N   . GLN A 1 133 ? 4.536   -9.759  -14.089 1.00 14.33 ? 133 GLN A N   1 
ATOM   931  C  CA  . GLN A 1 133 ? 3.401   -10.679 -14.072 1.00 13.99 ? 133 GLN A CA  1 
ATOM   932  C  C   . GLN A 1 133 ? 3.129   -11.077 -12.628 1.00 13.23 ? 133 GLN A C   1 
ATOM   933  O  O   . GLN A 1 133 ? 3.920   -11.796 -12.007 1.00 14.42 ? 133 GLN A O   1 
ATOM   934  C  CB  . GLN A 1 133 ? 3.656   -11.887 -14.964 1.00 14.76 ? 133 GLN A CB  1 
ATOM   935  C  CG  . GLN A 1 133 ? 3.743   -11.504 -16.435 1.00 24.02 ? 133 GLN A CG  1 
ATOM   936  C  CD  . GLN A 1 133 ? 3.908   -12.692 -17.358 1.00 48.90 ? 133 GLN A CD  1 
ATOM   937  O  OE1 . GLN A 1 133 ? 4.663   -13.620 -17.069 1.00 37.68 ? 133 GLN A OE1 1 
ATOM   938  N  NE2 . GLN A 1 133 ? 3.201   -12.668 -18.484 1.00 45.59 ? 133 GLN A NE2 1 
ATOM   939  N  N   . ALA A 1 134 ? 2.020   -10.591 -12.080 1.00 12.68 ? 134 ALA A N   1 
ATOM   940  C  CA  . ALA A 1 134 ? 1.771   -10.729 -10.657 1.00 13.32 ? 134 ALA A CA  1 
ATOM   941  C  C   . ALA A 1 134 ? 0.316   -11.075 -10.399 1.00 12.58 ? 134 ALA A C   1 
ATOM   942  O  O   . ALA A 1 134 ? -0.588  -10.551 -11.056 1.00 13.84 ? 134 ALA A O   1 
ATOM   943  C  CB  . ALA A 1 134 ? 2.109   -9.432  -9.905  1.00 14.46 ? 134 ALA A CB  1 
ATOM   944  N  N   . LYS A 1 135 ? 0.103   -11.955 -9.431  1.00 13.13 ? 135 LYS A N   1 
ATOM   945  C  CA  . LYS A 1 135 ? -1.209  -12.119 -8.833  1.00 13.72 ? 135 LYS A CA  1 
ATOM   946  C  C   . LYS A 1 135 ? -1.398  -11.213 -7.626  1.00 12.88 ? 135 LYS A C   1 
ATOM   947  O  O   . LYS A 1 135 ? -2.540  -10.893 -7.277  1.00 14.15 ? 135 LYS A O   1 
ATOM   948  C  CB  . LYS A 1 135 ? -1.427  -13.577 -8.418  1.00 14.81 ? 135 LYS A CB  1 
ATOM   949  C  CG  . LYS A 1 135 ? -2.869  -13.892 -8.038  1.00 20.79 ? 135 LYS A CG  1 
ATOM   950  C  CD  . LYS A 1 135 ? -3.064  -15.358 -7.692  1.00 24.52 ? 135 LYS A CD  1 
ATOM   951  C  CE  . LYS A 1 135 ? -4.511  -15.627 -7.301  1.00 30.03 ? 135 LYS A CE  1 
ATOM   952  N  NZ  . LYS A 1 135 ? -4.736  -17.047 -6.925  1.00 37.33 ? 135 LYS A NZ  1 
ATOM   953  N  N   . SER A 1 136 ? -0.309  -10.773 -6.998  1.00 11.90 ? 136 SER A N   1 
ATOM   954  C  CA  . SER A 1 136 ? -0.389  -9.950  -5.803  1.00 11.65 ? 136 SER A CA  1 
ATOM   955  C  C   . SER A 1 136 ? 0.783   -8.985  -5.751  1.00 11.60 ? 136 SER A C   1 
ATOM   956  O  O   . SER A 1 136 ? 1.869   -9.269  -6.267  1.00 11.70 ? 136 SER A O   1 
ATOM   957  C  CB  . SER A 1 136 ? -0.321  -10.802 -4.534  1.00 13.80 ? 136 SER A CB  1 
ATOM   958  O  OG  . SER A 1 136 ? -1.231  -11.880 -4.564  1.00 14.69 ? 136 SER A OG  1 
ATOM   959  N  N   . PHE A 1 137 ? 0.557   -7.855  -5.086  1.00 10.09 ? 137 PHE A N   1 
ATOM   960  C  CA  . PHE A 1 137 ? 1.609   -6.929  -4.710  1.00 9.70  ? 137 PHE A CA  1 
ATOM   961  C  C   . PHE A 1 137 ? 1.565   -6.745  -3.209  1.00 10.33 ? 137 PHE A C   1 
ATOM   962  O  O   . PHE A 1 137 ? 0.495   -6.790  -2.596  1.00 11.31 ? 137 PHE A O   1 
ATOM   963  C  CB  . PHE A 1 137 ? 1.460   -5.570  -5.391  1.00 11.11 ? 137 PHE A CB  1 
ATOM   964  C  CG  . PHE A 1 137 ? 1.995   -5.547  -6.788  1.00 10.56 ? 137 PHE A CG  1 
ATOM   965  C  CD1 . PHE A 1 137 ? 1.225   -6.013  -7.847  1.00 12.09 ? 137 PHE A CD1 1 
ATOM   966  C  CD2 . PHE A 1 137 ? 3.271   -5.079  -7.052  1.00 13.45 ? 137 PHE A CD2 1 
ATOM   967  C  CE1 . PHE A 1 137 ? 1.710   -6.007  -9.138  1.00 14.29 ? 137 PHE A CE1 1 
ATOM   968  C  CE2 . PHE A 1 137 ? 3.762   -5.073  -8.354  1.00 14.73 ? 137 PHE A CE2 1 
ATOM   969  C  CZ  . PHE A 1 137 ? 2.973   -5.537  -9.384  1.00 13.53 ? 137 PHE A CZ  1 
ATOM   970  N  N   . ARG A 1 138 ? 2.726   -6.498  -2.624  1.00 10.29 ? 138 ARG A N   1 
ATOM   971  C  CA  . ARG A 1 138 ? 2.860   -6.353  -1.185  1.00 10.89 ? 138 ARG A CA  1 
ATOM   972  C  C   . ARG A 1 138 ? 3.706   -5.135  -0.875  1.00 10.21 ? 138 ARG A C   1 
ATOM   973  O  O   . ARG A 1 138 ? 4.686   -4.847  -1.571  1.00 10.94 ? 138 ARG A O   1 
ATOM   974  C  CB  . ARG A 1 138 ? 3.485   -7.609  -0.577  1.00 11.85 ? 138 ARG A CB  1 
ATOM   975  C  CG  . ARG A 1 138 ? 3.792   -7.526  0.900   1.00 11.08 ? 138 ARG A CG  1 
ATOM   976  C  CD  . ARG A 1 138 ? 4.064   -8.911  1.453   1.00 12.70 ? 138 ARG A CD  1 
ATOM   977  N  NE  . ARG A 1 138 ? 2.834   -9.676  1.590   1.00 12.12 ? 138 ARG A NE  1 
ATOM   978  C  CZ  . ARG A 1 138 ? 2.779   -10.963 1.907   1.00 11.67 ? 138 ARG A CZ  1 
ATOM   979  N  NH1 . ARG A 1 138 ? 3.876   -11.670 2.108   1.00 13.30 ? 138 ARG A NH1 1 
ATOM   980  N  NH2 . ARG A 1 138 ? 1.593   -11.553 2.023   1.00 13.64 ? 138 ARG A NH2 1 
ATOM   981  N  N   . PHE A 1 139 ? 3.299   -4.409  0.159   1.00 10.24 ? 139 PHE A N   1 
ATOM   982  C  CA  . PHE A 1 139 ? 4.009   -3.234  0.639   1.00 9.92  ? 139 PHE A CA  1 
ATOM   983  C  C   . PHE A 1 139 ? 4.380   -3.496  2.081   1.00 10.67 ? 139 PHE A C   1 
ATOM   984  O  O   . PHE A 1 139 ? 3.497   -3.672  2.922   1.00 11.49 ? 139 PHE A O   1 
ATOM   985  C  CB  . PHE A 1 139 ? 3.110   -1.998  0.561   1.00 10.55 ? 139 PHE A CB  1 
ATOM   986  C  CG  . PHE A 1 139 ? 2.682   -1.678  -0.838  1.00 11.01 ? 139 PHE A CG  1 
ATOM   987  C  CD1 . PHE A 1 139 ? 1.691   -2.424  -1.456  1.00 11.74 ? 139 PHE A CD1 1 
ATOM   988  C  CD2 . PHE A 1 139 ? 3.284   -0.657  -1.548  1.00 12.87 ? 139 PHE A CD2 1 
ATOM   989  C  CE1 . PHE A 1 139 ? 1.310   -2.163  -2.752  1.00 13.39 ? 139 PHE A CE1 1 
ATOM   990  C  CE2 . PHE A 1 139 ? 2.901   -0.385  -2.858  1.00 14.24 ? 139 PHE A CE2 1 
ATOM   991  C  CZ  . PHE A 1 139 ? 1.914   -1.140  -3.450  1.00 13.99 ? 139 PHE A CZ  1 
ATOM   992  N  N   . ILE A 1 140 ? 5.672   -3.550  2.368   1.00 10.97 ? 140 ILE A N   1 
ATOM   993  C  CA  . ILE A 1 140 ? 6.148   -3.622  3.743   1.00 11.30 ? 140 ILE A CA  1 
ATOM   994  C  C   . ILE A 1 140 ? 6.461   -2.184  4.135   1.00 11.28 ? 140 ILE A C   1 
ATOM   995  O  O   . ILE A 1 140 ? 7.478   -1.620  3.728   1.00 12.53 ? 140 ILE A O   1 
ATOM   996  C  CB  . ILE A 1 140 ? 7.334   -4.578  3.902   1.00 12.84 ? 140 ILE A CB  1 
ATOM   997  C  CG1 . ILE A 1 140 ? 6.936   -5.999  3.444   1.00 13.79 ? 140 ILE A CG1 1 
ATOM   998  C  CG2 . ILE A 1 140 ? 7.816   -4.581  5.356   1.00 13.93 ? 140 ILE A CG2 1 
ATOM   999  C  CD1 . ILE A 1 140 ? 8.085   -6.992  3.377   1.00 18.06 ? 140 ILE A CD1 1 
ATOM   1000 N  N   . VAL A 1 141 ? 5.528   -1.566  4.856   1.00 11.09 ? 141 VAL A N   1 
ATOM   1001 C  CA  . VAL A 1 141 ? 5.624   -0.158  5.224   1.00 10.89 ? 141 VAL A CA  1 
ATOM   1002 C  C   . VAL A 1 141 ? 6.447   -0.084  6.505   1.00 11.23 ? 141 VAL A C   1 
ATOM   1003 O  O   . VAL A 1 141 ? 5.995   -0.506  7.571   1.00 11.67 ? 141 VAL A O   1 
ATOM   1004 C  CB  . VAL A 1 141 ? 4.239   0.486   5.382   1.00 11.46 ? 141 VAL A CB  1 
ATOM   1005 C  CG1 . VAL A 1 141 ? 4.381   1.971   5.676   1.00 11.42 ? 141 VAL A CG1 1 
ATOM   1006 C  CG2 . VAL A 1 141 ? 3.410   0.277   4.114   1.00 12.09 ? 141 VAL A CG2 1 
ATOM   1007 N  N   . LYS A 1 142 ? 7.676   0.422   6.388   1.00 11.08 ? 142 LYS A N   1 
ATOM   1008 C  CA  . LYS A 1 142 ? 8.582   0.470   7.525   1.00 11.91 ? 142 LYS A CA  1 
ATOM   1009 C  C   . LYS A 1 142 ? 8.363   1.703   8.380   1.00 11.13 ? 142 LYS A C   1 
ATOM   1010 O  O   . LYS A 1 142 ? 8.699   1.689   9.569   1.00 12.10 ? 142 LYS A O   1 
ATOM   1011 C  CB  . LYS A 1 142 ? 10.032  0.427   7.041   1.00 13.38 ? 142 LYS A CB  1 
ATOM   1012 C  CG  . LYS A 1 142 ? 10.321  -0.670  6.032   1.00 19.40 ? 142 LYS A CG  1 
ATOM   1013 C  CD  . LYS A 1 142 ? 11.797  -0.693  5.665   1.00 25.02 ? 142 LYS A CD  1 
ATOM   1014 C  CE  . LYS A 1 142 ? 12.073  -1.611  4.487   1.00 33.36 ? 142 LYS A CE  1 
ATOM   1015 N  NZ  . LYS A 1 142 ? 13.500  -1.535  4.064   1.00 48.39 ? 142 LYS A NZ  1 
ATOM   1016 N  N   . SER A 1 143 ? 7.818   2.760   7.789   1.00 11.43 ? 143 SER A N   1 
ATOM   1017 C  CA  . SER A 1 143 ? 7.570   4.020   8.469   1.00 11.61 ? 143 SER A CA  1 
ATOM   1018 C  C   . SER A 1 143 ? 6.452   4.753   7.737   1.00 10.50 ? 143 SER A C   1 
ATOM   1019 O  O   . SER A 1 143 ? 6.202   4.510   6.551   1.00 10.70 ? 143 SER A O   1 
ATOM   1020 C  CB  . SER A 1 143 ? 8.839   4.876   8.519   1.00 11.32 ? 143 SER A CB  1 
ATOM   1021 O  OG  . SER A 1 143 ? 9.448   4.921   7.241   1.00 11.70 ? 143 SER A OG  1 
ATOM   1022 N  N   . GLY A 1 144 ? 5.767   5.621   8.480   1.00 11.58 ? 144 GLY A N   1 
ATOM   1023 C  CA  . GLY A 1 144 ? 4.683   6.434   7.954   1.00 11.30 ? 144 GLY A CA  1 
ATOM   1024 C  C   . GLY A 1 144 ? 4.470   7.613   8.874   1.00 10.89 ? 144 GLY A C   1 
ATOM   1025 O  O   . GLY A 1 144 ? 4.824   7.573   10.055  1.00 11.48 ? 144 GLY A O   1 
ATOM   1026 N  N   A SER A 1 145 ? 3.891   8.674   8.322   0.22 11.17 ? 145 SER A N   1 
ATOM   1027 N  N   B SER A 1 145 ? 3.872   8.663   8.324   0.78 11.16 ? 145 SER A N   1 
ATOM   1028 C  CA  A SER A 1 145 ? 3.763   9.917   9.069   0.22 11.58 ? 145 SER A CA  1 
ATOM   1029 C  CA  B SER A 1 145 ? 3.730   9.912   9.057   0.78 11.58 ? 145 SER A CA  1 
ATOM   1030 C  C   A SER A 1 145 ? 2.672   9.820   10.134  0.22 10.58 ? 145 SER A C   1 
ATOM   1031 C  C   B SER A 1 145 ? 2.669   9.807   10.154  0.78 10.48 ? 145 SER A C   1 
ATOM   1032 O  O   A SER A 1 145 ? 1.822   8.925   10.118  0.22 11.78 ? 145 SER A O   1 
ATOM   1033 O  O   B SER A 1 145 ? 1.840   8.893   10.182  0.78 11.68 ? 145 SER A O   1 
ATOM   1034 C  CB  A SER A 1 145 ? 3.412   11.065  8.124   0.22 12.86 ? 145 SER A CB  1 
ATOM   1035 C  CB  B SER A 1 145 ? 3.331   11.030  8.096   0.78 12.80 ? 145 SER A CB  1 
ATOM   1036 O  OG  A SER A 1 145 ? 4.442   11.287  7.183   0.22 12.30 ? 145 SER A OG  1 
ATOM   1037 O  OG  B SER A 1 145 ? 2.023   10.842  7.575   0.78 12.95 ? 145 SER A OG  1 
ATOM   1038 N  N   . GLY A 1 146 ? 2.710   10.764  11.076  1.00 11.48 ? 146 GLY A N   1 
ATOM   1039 C  CA  . GLY A 1 146 ? 1.599   10.985  11.975  1.00 12.49 ? 146 GLY A CA  1 
ATOM   1040 C  C   . GLY A 1 146 ? 1.996   11.126  13.425  1.00 12.28 ? 146 GLY A C   1 
ATOM   1041 O  O   . GLY A 1 146 ? 3.173   11.257  13.778  1.00 13.05 ? 146 GLY A O   1 
ATOM   1042 N  N   . ASP A 1 147 ? 0.975   11.107  14.277  1.00 11.46 ? 147 ASP A N   1 
ATOM   1043 C  CA  . ASP A 1 147 ? 1.159   11.216  15.718  1.00 12.29 ? 147 ASP A CA  1 
ATOM   1044 C  C   . ASP A 1 147 ? 2.028   10.077  16.236  1.00 12.58 ? 147 ASP A C   1 
ATOM   1045 O  O   . ASP A 1 147 ? 1.984   8.954   15.729  1.00 12.35 ? 147 ASP A O   1 
ATOM   1046 C  CB  . ASP A 1 147 ? -0.199  11.123  16.424  1.00 15.05 ? 147 ASP A CB  1 
ATOM   1047 C  CG  . ASP A 1 147 ? -1.214  12.119  15.901  0.51 15.17 ? 147 ASP A CG  1 
ATOM   1048 O  OD1 . ASP A 1 147 ? -0.824  13.254  15.563  1.00 24.12 ? 147 ASP A OD1 1 
ATOM   1049 O  OD2 . ASP A 1 147 ? -2.413  11.764  15.842  0.65 18.61 ? 147 ASP A OD2 1 
ATOM   1050 N  N   . GLY A 1 148 ? 2.780   10.357  17.302  1.00 12.85 ? 148 GLY A N   1 
ATOM   1051 C  CA  . GLY A 1 148 ? 3.627   9.324   17.873  1.00 13.08 ? 148 GLY A CA  1 
ATOM   1052 C  C   . GLY A 1 148 ? 4.626   8.802   16.862  1.00 11.93 ? 148 GLY A C   1 
ATOM   1053 O  O   . GLY A 1 148 ? 5.261   9.567   16.132  1.00 12.30 ? 148 GLY A O   1 
ATOM   1054 N  N   . GLN A 1 149 ? 4.776   7.481   16.818  1.00 11.48 ? 149 GLN A N   1 
ATOM   1055 C  CA  . GLN A 1 149 ? 5.711   6.892   15.869  1.00 11.36 ? 149 GLN A CA  1 
ATOM   1056 C  C   . GLN A 1 149 ? 5.158   6.831   14.451  1.00 10.71 ? 149 GLN A C   1 
ATOM   1057 O  O   . GLN A 1 149 ? 5.884   6.415   13.543  1.00 11.46 ? 149 GLN A O   1 
ATOM   1058 C  CB  . GLN A 1 149 ? 6.163   5.501   16.324  1.00 13.40 ? 149 GLN A CB  1 
ATOM   1059 C  CG  . GLN A 1 149 ? 5.129   4.406   16.161  1.00 12.99 ? 149 GLN A CG  1 
ATOM   1060 C  CD  . GLN A 1 149 ? 5.677   3.041   16.528  1.00 13.18 ? 149 GLN A CD  1 
ATOM   1061 O  OE1 . GLN A 1 149 ? 6.706   2.617   16.014  1.00 13.02 ? 149 GLN A OE1 1 
ATOM   1062 N  NE2 . GLN A 1 149 ? 4.992   2.348   17.424  1.00 13.53 ? 149 GLN A NE2 1 
ATOM   1063 N  N   . GLY A 1 150 ? 3.903   7.224   14.254  1.00 10.46 ? 150 GLY A N   1 
ATOM   1064 C  CA  . GLY A 1 150 ? 3.280   7.267   12.944  1.00 11.07 ? 150 GLY A CA  1 
ATOM   1065 C  C   . GLY A 1 150 ? 2.291   6.131   12.732  1.00 9.70  ? 150 GLY A C   1 
ATOM   1066 O  O   . GLY A 1 150 ? 2.059   5.287   13.595  1.00 10.83 ? 150 GLY A O   1 
ATOM   1067 N  N   . PHE A 1 151 ? 1.716   6.126   11.526  1.00 10.05 ? 151 PHE A N   1 
ATOM   1068 C  CA  . PHE A 1 151 ? 0.719   5.146   11.119  1.00 9.65  ? 151 PHE A CA  1 
ATOM   1069 C  C   . PHE A 1 151 ? 0.972   4.776   9.662   1.00 9.67  ? 151 PHE A C   1 
ATOM   1070 O  O   . PHE A 1 151 ? 1.877   5.309   9.019   1.00 10.31 ? 151 PHE A O   1 
ATOM   1071 C  CB  . PHE A 1 151 ? -0.696  5.741   11.224  1.00 10.30 ? 151 PHE A CB  1 
ATOM   1072 C  CG  . PHE A 1 151 ? -1.057  6.244   12.595  1.00 10.55 ? 151 PHE A CG  1 
ATOM   1073 C  CD1 . PHE A 1 151 ? -0.782  7.547   12.967  1.00 11.79 ? 151 PHE A CD1 1 
ATOM   1074 C  CD2 . PHE A 1 151 ? -1.681  5.409   13.509  1.00 10.82 ? 151 PHE A CD2 1 
ATOM   1075 C  CE1 . PHE A 1 151 ? -1.123  8.008   14.225  1.00 12.83 ? 151 PHE A CE1 1 
ATOM   1076 C  CE2 . PHE A 1 151 ? -2.024  5.869   14.773  1.00 12.30 ? 151 PHE A CE2 1 
ATOM   1077 C  CZ  . PHE A 1 151 ? -1.744  7.167   15.124  1.00 12.89 ? 151 PHE A CZ  1 
ATOM   1078 N  N   . ALA A 1 152 ? 0.133   3.889   9.121   1.00 10.14 ? 152 ALA A N   1 
ATOM   1079 C  CA  . ALA A 1 152 ? 0.041   3.667   7.684   1.00 9.89  ? 152 ALA A CA  1 
ATOM   1080 C  C   . ALA A 1 152 ? -1.415  3.823   7.268   1.00 10.09 ? 152 ALA A C   1 
ATOM   1081 O  O   . ALA A 1 152 ? -2.305  3.238   7.893   1.00 10.64 ? 152 ALA A O   1 
ATOM   1082 C  CB  . ALA A 1 152 ? 0.533   2.270   7.306   1.00 10.39 ? 152 ALA A CB  1 
ATOM   1083 N  N   . SER A 1 153 ? -1.655  4.603   6.217   1.00 9.11  ? 153 SER A N   1 
ATOM   1084 C  CA  . SER A 1 153 ? -3.000  4.772   5.685   1.00 10.15 ? 153 SER A CA  1 
ATOM   1085 C  C   . SER A 1 153 ? -2.915  4.917   4.174   1.00 10.21 ? 153 SER A C   1 
ATOM   1086 O  O   . SER A 1 153 ? -1.857  5.211   3.615   1.00 10.50 ? 153 SER A O   1 
ATOM   1087 C  CB  . SER A 1 153 ? -3.715  5.965   6.325   1.00 9.84  ? 153 SER A CB  1 
ATOM   1088 O  OG  . SER A 1 153 ? -3.050  7.170   6.008   1.00 10.74 ? 153 SER A OG  1 
ATOM   1089 N  N   . CYS A 1 154 ? -4.043  4.690   3.510   1.00 9.77  ? 154 CYS A N   1 
ATOM   1090 C  CA  . CYS A 1 154 ? -4.058  4.720   2.050   1.00 9.65  ? 154 CYS A CA  1 
ATOM   1091 C  C   . CYS A 1 154 ? -5.468  5.023   1.583   1.00 9.86  ? 154 CYS A C   1 
ATOM   1092 O  O   . CYS A 1 154 ? -6.405  4.312   1.962   1.00 10.20 ? 154 CYS A O   1 
ATOM   1093 C  CB  . CYS A 1 154 ? -3.590  3.382   1.475   1.00 9.62  ? 154 CYS A CB  1 
ATOM   1094 S  SG  . CYS A 1 154 ? -3.648  3.297   -0.340  0.95 9.81  ? 154 CYS A SG  1 
ATOM   1095 N  N   . ALA A 1 155 ? -5.612  6.071   0.770   1.00 10.07 ? 155 ALA A N   1 
ATOM   1096 C  CA  . ALA A 1 155 ? -6.916  6.395   0.197   1.00 10.47 ? 155 ALA A CA  1 
ATOM   1097 C  C   . ALA A 1 155 ? -7.291  5.401   -0.893  1.00 10.31 ? 155 ALA A C   1 
ATOM   1098 O  O   . ALA A 1 155 ? -8.390  4.834   -0.878  1.00 10.63 ? 155 ALA A O   1 
ATOM   1099 C  CB  . ALA A 1 155 ? -6.914  7.829   -0.333  1.00 11.82 ? 155 ALA A CB  1 
ATOM   1100 N  N   . GLU A 1 156 ? -6.387  5.178   -1.849  1.00 10.19 ? 156 GLU A N   1 
ATOM   1101 C  CA  . GLU A 1 156 ? -6.539  4.164   -2.884  1.00 10.29 ? 156 GLU A CA  1 
ATOM   1102 C  C   . GLU A 1 156 ? -5.156  3.678   -3.279  1.00 10.03 ? 156 GLU A C   1 
ATOM   1103 O  O   . GLU A 1 156 ? -4.207  4.463   -3.320  1.00 10.57 ? 156 GLU A O   1 
ATOM   1104 C  CB  . GLU A 1 156 ? -7.225  4.701   -4.148  1.00 10.86 ? 156 GLU A CB  1 
ATOM   1105 C  CG  . GLU A 1 156 ? -8.724  4.936   -3.991  1.00 10.80 ? 156 GLU A CG  1 
ATOM   1106 C  CD  . GLU A 1 156 ? -9.502  3.643   -3.845  1.00 10.45 ? 156 GLU A CD  1 
ATOM   1107 O  OE1 . GLU A 1 156 ? -9.548  2.878   -4.837  1.00 11.69 ? 156 GLU A OE1 1 
ATOM   1108 O  OE2 . GLU A 1 156 ? -10.051 3.387   -2.754  1.00 11.50 ? 156 GLU A OE2 1 
ATOM   1109 N  N   . MET A 1 157 ? -5.062  2.388   -3.587  1.00 10.36 ? 157 MET A N   1 
ATOM   1110 C  CA  . MET A 1 157 ? -3.880  1.795   -4.194  1.00 9.72  ? 157 MET A CA  1 
ATOM   1111 C  C   . MET A 1 157 ? -4.307  1.261   -5.550  1.00 10.11 ? 157 MET A C   1 
ATOM   1112 O  O   . MET A 1 157 ? -5.291  0.519   -5.637  1.00 11.01 ? 157 MET A O   1 
ATOM   1113 C  CB  . MET A 1 157 ? -3.344  0.644   -3.338  1.00 10.20 ? 157 MET A CB  1 
ATOM   1114 C  CG  . MET A 1 157 ? -1.991  0.110   -3.797  1.00 11.26 ? 157 MET A CG  1 
ATOM   1115 S  SD  . MET A 1 157 ? -0.644  1.281   -3.534  1.00 12.32 ? 157 MET A SD  1 
ATOM   1116 C  CE  . MET A 1 157 ? -0.317  1.011   -1.787  1.00 11.70 ? 157 MET A CE  1 
ATOM   1117 N  N   . GLU A 1 158 ? -3.568  1.614   -6.600  1.00 10.07 ? 158 GLU A N   1 
ATOM   1118 C  CA  . GLU A 1 158 ? -3.974  1.309   -7.966  1.00 10.72 ? 158 GLU A CA  1 
ATOM   1119 C  C   . GLU A 1 158 ? -2.826  0.677   -8.739  1.00 10.60 ? 158 GLU A C   1 
ATOM   1120 O  O   . GLU A 1 158 ? -1.659  1.025   -8.545  1.00 11.46 ? 158 GLU A O   1 
ATOM   1121 C  CB  . GLU A 1 158 ? -4.418  2.586   -8.679  1.00 11.12 ? 158 GLU A CB  1 
ATOM   1122 C  CG  . GLU A 1 158 ? -5.609  3.246   -8.016  1.00 12.16 ? 158 GLU A CG  1 
ATOM   1123 C  CD  . GLU A 1 158 ? -5.963  4.594   -8.607  1.00 12.82 ? 158 GLU A CD  1 
ATOM   1124 O  OE1 . GLU A 1 158 ? -5.133  5.195   -9.319  1.00 14.07 ? 158 GLU A OE1 1 
ATOM   1125 O  OE2 . GLU A 1 158 ? -7.081  5.073   -8.321  1.00 16.19 ? 158 GLU A OE2 1 
ATOM   1126 N  N   . PHE A 1 159 ? -3.181  -0.235  -9.642  1.00 10.38 ? 159 PHE A N   1 
ATOM   1127 C  CA  . PHE A 1 159 ? -2.218  -0.963  -10.453 1.00 10.54 ? 159 PHE A CA  1 
ATOM   1128 C  C   . PHE A 1 159 ? -2.666  -0.882  -11.898 1.00 10.97 ? 159 PHE A C   1 
ATOM   1129 O  O   . PHE A 1 159 ? -3.855  -1.025  -12.185 1.00 12.03 ? 159 PHE A O   1 
ATOM   1130 C  CB  . PHE A 1 159 ? -2.153  -2.432  -10.019 1.00 11.85 ? 159 PHE A CB  1 
ATOM   1131 C  CG  . PHE A 1 159 ? -1.764  -2.598  -8.587  1.00 10.26 ? 159 PHE A CG  1 
ATOM   1132 C  CD1 . PHE A 1 159 ? -0.431  -2.653  -8.217  1.00 11.72 ? 159 PHE A CD1 1 
ATOM   1133 C  CD2 . PHE A 1 159 ? -2.733  -2.632  -7.596  1.00 11.06 ? 159 PHE A CD2 1 
ATOM   1134 C  CE1 . PHE A 1 159 ? -0.072  -2.770  -6.888  1.00 12.40 ? 159 PHE A CE1 1 
ATOM   1135 C  CE2 . PHE A 1 159 ? -2.379  -2.747  -6.269  1.00 11.35 ? 159 PHE A CE2 1 
ATOM   1136 C  CZ  . PHE A 1 159 ? -1.046  -2.815  -5.914  1.00 11.95 ? 159 PHE A CZ  1 
ATOM   1137 N  N   . PHE A 1 160 ? -1.714  -0.683  -12.811 1.00 10.83 ? 160 PHE A N   1 
ATOM   1138 C  CA  . PHE A 1 160 ? -2.048  -0.417  -14.204 1.00 11.82 ? 160 PHE A CA  1 
ATOM   1139 C  C   . PHE A 1 160 ? -1.167  -1.223  -15.138 1.00 12.05 ? 160 PHE A C   1 
ATOM   1140 O  O   . PHE A 1 160 ? 0.005   -1.465  -14.856 1.00 12.29 ? 160 PHE A O   1 
ATOM   1141 C  CB  . PHE A 1 160 ? -1.838  1.052   -14.560 1.00 13.98 ? 160 PHE A CB  1 
ATOM   1142 C  CG  . PHE A 1 160 ? -2.745  1.989   -13.828 1.00 14.44 ? 160 PHE A CG  1 
ATOM   1143 C  CD1 . PHE A 1 160 ? -2.407  2.450   -12.562 1.00 16.13 ? 160 PHE A CD1 1 
ATOM   1144 C  CD2 . PHE A 1 160 ? -3.936  2.412   -14.392 1.00 16.71 ? 160 PHE A CD2 1 
ATOM   1145 C  CE1 . PHE A 1 160 ? -3.231  3.315   -11.883 1.00 18.07 ? 160 PHE A CE1 1 
ATOM   1146 C  CE2 . PHE A 1 160 ? -4.768  3.279   -13.710 1.00 18.89 ? 160 PHE A CE2 1 
ATOM   1147 C  CZ  . PHE A 1 160 ? -4.412  3.728   -12.455 1.00 20.13 ? 160 PHE A CZ  1 
ATOM   1148 N  N   . ALA A 1 161 ? -1.739  -1.589  -16.282 1.00 12.30 ? 161 ALA A N   1 
ATOM   1149 C  CA  . ALA A 1 161 ? -1.006  -2.153  -17.406 1.00 13.50 ? 161 ALA A CA  1 
ATOM   1150 C  C   . ALA A 1 161 ? -1.141  -1.227  -18.608 1.00 15.07 ? 161 ALA A C   1 
ATOM   1151 O  O   . ALA A 1 161 ? -2.222  -0.692  -18.875 1.00 17.65 ? 161 ALA A O   1 
ATOM   1152 C  CB  . ALA A 1 161 ? -1.554  -3.533  -17.783 1.00 15.80 ? 161 ALA A CB  1 
ATOM   1153 N  N   . LYS A 1 162 ? -0.045  -1.049  -19.338 1.00 16.53 ? 162 LYS A N   1 
ATOM   1154 C  CA  . LYS A 1 162 ? -0.068  -0.269  -20.571 1.00 20.49 ? 162 LYS A CA  1 
ATOM   1155 C  C   . LYS A 1 162 ? -0.585  -1.122  -21.724 1.00 30.97 ? 162 LYS A C   1 
ATOM   1156 O  O   . LYS A 1 162 ? -0.549  -2.353  -21.663 1.00 23.33 ? 162 LYS A O   1 
ATOM   1157 C  CB  . LYS A 1 162 ? 1.328   0.268   -20.891 1.00 26.55 ? 162 LYS A CB  1 
ATOM   1158 C  CG  . LYS A 1 162 ? 1.884   1.206   -19.833 1.00 31.01 ? 162 LYS A CG  1 
ATOM   1159 C  CD  . LYS A 1 162 ? 3.385   1.404   -19.993 1.00 41.87 ? 162 LYS A CD  1 
ATOM   1160 C  CE  . LYS A 1 162 ? 3.976   2.126   -18.787 1.00 56.12 ? 162 LYS A CE  1 
ATOM   1161 N  NZ  . LYS A 1 162 ? 5.467   2.119   -18.798 1.00 46.37 ? 162 LYS A NZ  1 
HETATM 1162 CA CA  . CA  B 2 .   ? -10.752 4.453   -0.740  1.00 10.81 ? 201 CA  A CA  1 
HETATM 1163 O  O   . HOH C 3 .   ? 6.782   -4.866  20.866  1.00 24.87 ? 301 HOH A O   1 
HETATM 1164 O  O   . HOH C 3 .   ? -12.210 2.780   11.170  1.00 22.46 ? 302 HOH A O   1 
HETATM 1165 O  O   . HOH C 3 .   ? -2.394  15.082  15.304  1.00 36.67 ? 303 HOH A O   1 
HETATM 1166 O  O   . HOH C 3 .   ? 13.419  7.971   5.598   1.00 15.69 ? 304 HOH A O   1 
HETATM 1167 O  O   . HOH C 3 .   ? 3.242   -16.082 1.857   1.00 41.21 ? 305 HOH A O   1 
HETATM 1168 O  O   . HOH C 3 .   ? -11.268 11.314  3.740   1.00 35.41 ? 306 HOH A O   1 
HETATM 1169 O  O   . HOH C 3 .   ? 6.832   0.140   -16.667 1.00 21.53 ? 307 HOH A O   1 
HETATM 1170 O  O   . HOH C 3 .   ? -9.209  4.061   -7.349  1.00 18.48 ? 308 HOH A O   1 
HETATM 1171 O  O   . HOH C 3 .   ? 9.488   11.304  5.159   1.00 21.13 ? 309 HOH A O   1 
HETATM 1172 O  O   . HOH C 3 .   ? -0.976  1.861   21.626  1.00 17.50 ? 310 HOH A O   1 
HETATM 1173 O  O   . HOH C 3 .   ? -1.524  -11.347 2.611   1.00 14.48 ? 311 HOH A O   1 
HETATM 1174 O  O   . HOH C 3 .   ? 16.190  3.058   6.240   1.00 27.75 ? 312 HOH A O   1 
HETATM 1175 O  O   . HOH C 3 .   ? 6.618   -9.603  -18.381 1.00 38.37 ? 313 HOH A O   1 
HETATM 1176 O  O   . HOH C 3 .   ? 1.593   -4.063  -20.687 1.00 25.37 ? 314 HOH A O   1 
HETATM 1177 O  O   . HOH C 3 .   ? -7.609  18.939  8.649   1.00 45.08 ? 315 HOH A O   1 
HETATM 1178 O  O   . HOH C 3 .   ? 11.988  5.224   8.028   1.00 15.53 ? 316 HOH A O   1 
HETATM 1179 O  O   . HOH C 3 .   ? 1.984   -4.690  11.462  1.00 13.81 ? 317 HOH A O   1 
HETATM 1180 O  O   . HOH C 3 .   ? 12.147  -3.922  -19.895 1.00 30.18 ? 318 HOH A O   1 
HETATM 1181 O  O   . HOH C 3 .   ? -0.514  -15.493 0.698   1.00 38.70 ? 319 HOH A O   1 
HETATM 1182 O  O   . HOH C 3 .   ? -3.503  17.838  0.831   1.00 16.30 ? 320 HOH A O   1 
HETATM 1183 O  O   . HOH C 3 .   ? -5.803  7.240   -10.875 1.00 20.64 ? 321 HOH A O   1 
HETATM 1184 O  O   . HOH C 3 .   ? 8.394   -14.043 -10.484 1.00 19.46 ? 322 HOH A O   1 
HETATM 1185 O  O   . HOH C 3 .   ? 4.327   -20.505 -3.162  1.00 33.50 ? 323 HOH A O   1 
HETATM 1186 O  O   . HOH C 3 .   ? 6.882   -1.985  -18.364 1.00 34.46 ? 324 HOH A O   1 
HETATM 1187 O  O   . HOH C 3 .   ? -1.387  -2.984  14.860  1.00 13.58 ? 325 HOH A O   1 
HETATM 1188 O  O   . HOH C 3 .   ? 0.465   -0.650  19.375  1.00 16.54 ? 326 HOH A O   1 
HETATM 1189 O  O   . HOH C 3 .   ? 16.851  -3.278  -14.882 1.00 18.31 ? 327 HOH A O   1 
HETATM 1190 O  O   . HOH C 3 .   ? 3.773   13.822  6.193   1.00 24.38 ? 328 HOH A O   1 
HETATM 1191 O  O   . HOH C 3 .   ? 14.145  9.495   -0.272  1.00 24.19 ? 329 HOH A O   1 
HETATM 1192 O  O   . HOH C 3 .   ? -3.090  -17.188 -4.625  1.00 38.63 ? 330 HOH A O   1 
HETATM 1193 O  O   . HOH C 3 .   ? 1.206   -3.594  13.837  1.00 14.87 ? 331 HOH A O   1 
HETATM 1194 O  O   . HOH C 3 .   ? 13.157  -8.798  0.734   1.00 28.40 ? 332 HOH A O   1 
HETATM 1195 O  O   . HOH C 3 .   ? -8.684  -13.316 -3.390  1.00 20.69 ? 333 HOH A O   1 
HETATM 1196 O  O   . HOH C 3 .   ? -13.091 5.595   -8.912  1.00 32.84 ? 334 HOH A O   1 
HETATM 1197 O  O   . HOH C 3 .   ? 6.049   -13.321 -12.642 1.00 18.69 ? 335 HOH A O   1 
HETATM 1198 O  O   . HOH C 3 .   ? -17.812 5.528   -2.631  1.00 28.00 ? 336 HOH A O   1 
HETATM 1199 O  O   . HOH C 3 .   ? 4.432   -6.405  9.098   1.00 14.93 ? 337 HOH A O   1 
HETATM 1200 O  O   . HOH C 3 .   ? -9.986  15.553  2.188   1.00 33.27 ? 338 HOH A O   1 
HETATM 1201 O  O   . HOH C 3 .   ? -8.331  -9.231  -10.957 1.00 15.21 ? 339 HOH A O   1 
HETATM 1202 O  O   . HOH C 3 .   ? 5.711   10.371  13.482  1.00 12.97 ? 340 HOH A O   1 
HETATM 1203 O  O   . HOH C 3 .   ? 8.855   -4.150  23.660  1.00 33.75 ? 341 HOH A O   1 
HETATM 1204 O  O   . HOH C 3 .   ? 3.253   5.930   19.022  1.00 13.85 ? 342 HOH A O   1 
HETATM 1205 O  O   . HOH C 3 .   ? 6.644   -10.953 2.055   1.00 16.06 ? 343 HOH A O   1 
HETATM 1206 O  O   . HOH C 3 .   ? -13.129 -1.912  6.739   1.00 17.43 ? 344 HOH A O   1 
HETATM 1207 O  O   . HOH C 3 .   ? 13.570  -6.169  -14.807 1.00 19.87 ? 345 HOH A O   1 
HETATM 1208 O  O   . HOH C 3 .   ? -10.720 -5.330  14.321  1.00 26.11 ? 346 HOH A O   1 
HETATM 1209 O  O   . HOH C 3 .   ? 5.475   -8.973  6.901   1.00 21.88 ? 347 HOH A O   1 
HETATM 1210 O  O   . HOH C 3 .   ? -4.465  11.317  -5.265  1.00 16.69 ? 348 HOH A O   1 
HETATM 1211 O  O   . HOH C 3 .   ? -0.375  -8.252  4.323   1.00 11.66 ? 349 HOH A O   1 
HETATM 1212 O  O   . HOH C 3 .   ? 3.026   9.350   0.935   1.00 14.29 ? 350 HOH A O   1 
HETATM 1213 O  O   . HOH C 3 .   ? -6.742  -9.518  -13.201 1.00 25.41 ? 351 HOH A O   1 
HETATM 1214 O  O   . HOH C 3 .   ? -1.790  -8.928  12.201  1.00 12.44 ? 352 HOH A O   1 
HETATM 1215 O  O   . HOH C 3 .   ? 7.173   -0.115  15.731  1.00 14.19 ? 353 HOH A O   1 
HETATM 1216 O  O   . HOH C 3 .   ? -5.928  -1.076  -9.459  1.00 14.16 ? 354 HOH A O   1 
HETATM 1217 O  O   . HOH C 3 .   ? -10.543 -7.257  3.747   1.00 18.11 ? 355 HOH A O   1 
HETATM 1218 O  O   . HOH C 3 .   ? -2.179  -13.436 -1.620  1.00 19.47 ? 356 HOH A O   1 
HETATM 1219 O  O   . HOH C 3 .   ? -2.194  8.327   3.645   1.00 12.14 ? 357 HOH A O   1 
HETATM 1220 O  O   . HOH C 3 .   ? 5.826   -15.542 -6.967  1.00 23.95 ? 358 HOH A O   1 
HETATM 1221 O  O   . HOH C 3 .   ? 12.029  -10.577 -14.637 1.00 14.58 ? 359 HOH A O   1 
HETATM 1222 O  O   . HOH C 3 .   ? 6.617   9.431   11.062  1.00 13.30 ? 360 HOH A O   1 
HETATM 1223 O  O   . HOH C 3 .   ? -7.901  11.262  0.984   1.00 19.72 ? 361 HOH A O   1 
HETATM 1224 O  O   . HOH C 3 .   ? 10.971  8.164   -3.907  1.00 23.79 ? 362 HOH A O   1 
HETATM 1225 O  O   . HOH C 3 .   ? -7.944  -4.635  14.013  1.00 20.26 ? 363 HOH A O   1 
HETATM 1226 O  O   . HOH C 3 .   ? -15.086 -4.755  -5.790  1.00 20.06 ? 364 HOH A O   1 
HETATM 1227 O  O   . HOH C 3 .   ? 9.978   -5.348  21.498  1.00 30.89 ? 365 HOH A O   1 
HETATM 1228 O  O   . HOH C 3 .   ? -11.307 -3.094  -6.484  1.00 14.01 ? 366 HOH A O   1 
HETATM 1229 O  O   . HOH C 3 .   ? -2.243  16.615  -1.306  1.00 20.12 ? 367 HOH A O   1 
HETATM 1230 O  O   . HOH C 3 .   ? 14.692  -8.960  -5.863  1.00 22.80 ? 368 HOH A O   1 
HETATM 1231 O  O   . HOH C 3 .   ? -16.108 1.018   0.642   1.00 27.54 ? 369 HOH A O   1 
HETATM 1232 O  O   . HOH C 3 .   ? 5.120   3.859   23.017  1.00 14.63 ? 370 HOH A O   1 
HETATM 1233 O  O   . HOH C 3 .   ? 1.147   -14.242 2.677   1.00 19.78 ? 371 HOH A O   1 
HETATM 1234 O  O   . HOH C 3 .   ? 7.854   13.385  10.006  1.00 15.24 ? 372 HOH A O   1 
HETATM 1235 O  O   . HOH C 3 .   ? 9.391   3.336   11.733  1.00 14.23 ? 373 HOH A O   1 
HETATM 1236 O  O   . HOH C 3 .   ? -10.835 -3.975  16.838  1.00 37.32 ? 374 HOH A O   1 
HETATM 1237 O  O   . HOH C 3 .   ? -3.204  6.001   -15.162 1.00 30.47 ? 375 HOH A O   1 
HETATM 1238 O  O   . HOH C 3 .   ? 10.921  9.006   4.518   1.00 15.58 ? 376 HOH A O   1 
HETATM 1239 O  O   . HOH C 3 .   ? 9.704   -10.648 -12.900 1.00 17.85 ? 377 HOH A O   1 
HETATM 1240 O  O   . HOH C 3 .   ? -13.463 -2.579  -1.548  1.00 19.30 ? 378 HOH A O   1 
HETATM 1241 O  O   . HOH C 3 .   ? -2.462  -9.574  -18.061 1.00 28.28 ? 379 HOH A O   1 
HETATM 1242 O  O   . HOH C 3 .   ? -0.257  -18.260 1.606   1.00 29.89 ? 380 HOH A O   1 
HETATM 1243 O  O   . HOH C 3 .   ? -16.552 -1.975  12.332  1.00 39.54 ? 381 HOH A O   1 
HETATM 1244 O  O   . HOH C 3 .   ? -6.678  -7.216  6.832   1.00 13.81 ? 382 HOH A O   1 
HETATM 1245 O  O   . HOH C 3 .   ? 0.260   -6.471  -21.010 1.00 38.22 ? 383 HOH A O   1 
HETATM 1246 O  O   . HOH C 3 .   ? 1.377   13.314  -7.317  1.00 22.53 ? 384 HOH A O   1 
HETATM 1247 O  O   . HOH C 3 .   ? 4.253   12.318  -4.134  1.00 13.72 ? 385 HOH A O   1 
HETATM 1248 O  O   . HOH C 3 .   ? 9.189   5.860   -7.985  1.00 32.66 ? 386 HOH A O   1 
HETATM 1249 O  O   . HOH C 3 .   ? -3.347  12.663  -1.882  1.00 22.02 ? 387 HOH A O   1 
HETATM 1250 O  O   . HOH C 3 .   ? -7.215  -13.796 -5.565  1.00 28.11 ? 388 HOH A O   1 
HETATM 1251 O  O   . HOH C 3 .   ? -13.075 9.205   5.205   1.00 22.15 ? 389 HOH A O   1 
HETATM 1252 O  O   . HOH C 3 .   ? -1.357  13.862  12.783  1.00 28.32 ? 390 HOH A O   1 
HETATM 1253 O  O   . HOH C 3 .   ? 3.192   9.343   -1.931  1.00 15.39 ? 391 HOH A O   1 
HETATM 1254 O  O   . HOH C 3 .   ? -15.532 9.206   3.142   1.00 28.74 ? 392 HOH A O   1 
HETATM 1255 O  O   . HOH C 3 .   ? 7.102   -10.987 -14.014 1.00 19.25 ? 393 HOH A O   1 
HETATM 1256 O  O   . HOH C 3 .   ? -2.385  13.229  -5.045  1.00 18.83 ? 394 HOH A O   1 
HETATM 1257 O  O   . HOH C 3 .   ? -5.834  9.059   12.286  1.00 18.88 ? 395 HOH A O   1 
HETATM 1258 O  O   . HOH C 3 .   ? 8.567   -5.258  14.206  1.00 21.27 ? 396 HOH A O   1 
HETATM 1259 O  O   . HOH C 3 .   ? 17.903  -4.899  -2.691  1.00 31.44 ? 397 HOH A O   1 
HETATM 1260 O  O   . HOH C 3 .   ? -16.284 4.203   -6.020  1.00 38.00 ? 398 HOH A O   1 
HETATM 1261 O  O   . HOH C 3 .   ? 12.271  2.500   1.170   1.00 22.81 ? 399 HOH A O   1 
HETATM 1262 O  O   . HOH C 3 .   ? -0.281  8.426   18.265  1.00 20.21 ? 400 HOH A O   1 
HETATM 1263 O  O   . HOH C 3 .   ? -12.171 -9.238  -0.714  1.00 29.16 ? 401 HOH A O   1 
HETATM 1264 O  O   . HOH C 3 .   ? 4.387   -14.352 2.976   1.00 25.83 ? 402 HOH A O   1 
HETATM 1265 O  O   . HOH C 3 .   ? -17.427 9.899   -1.712  1.00 33.79 ? 403 HOH A O   1 
HETATM 1266 O  O   . HOH C 3 .   ? -2.855  -6.698  -17.766 1.00 21.91 ? 404 HOH A O   1 
HETATM 1267 O  O   . HOH C 3 .   ? -15.878 -3.385  3.959   1.00 37.32 ? 405 HOH A O   1 
HETATM 1268 O  O   . HOH C 3 .   ? 13.095  -11.216 -3.006  1.00 24.59 ? 406 HOH A O   1 
HETATM 1269 O  O   . HOH C 3 .   ? -14.279 4.057   8.635   1.00 23.65 ? 407 HOH A O   1 
HETATM 1270 O  O   . HOH C 3 .   ? 6.755   0.698   23.095  1.00 17.78 ? 408 HOH A O   1 
HETATM 1271 O  O   . HOH C 3 .   ? -13.299 -5.817  6.624   1.00 30.50 ? 409 HOH A O   1 
HETATM 1272 O  O   . HOH C 3 .   ? -3.037  15.212  11.215  1.00 27.71 ? 410 HOH A O   1 
HETATM 1273 O  O   . HOH C 3 .   ? -9.761  -1.472  15.724  1.00 19.25 ? 411 HOH A O   1 
HETATM 1274 O  O   . HOH C 3 .   ? -10.454 15.995  -1.748  1.00 16.89 ? 412 HOH A O   1 
HETATM 1275 O  O   . HOH C 3 .   ? 9.116   5.072   -10.759 1.00 26.79 ? 413 HOH A O   1 
HETATM 1276 O  O   . HOH C 3 .   ? 11.627  -1.149  22.597  1.00 16.03 ? 414 HOH A O   1 
HETATM 1277 O  O   . HOH C 3 .   ? -12.360 6.638   5.571   1.00 19.50 ? 415 HOH A O   1 
HETATM 1278 O  O   . HOH C 3 .   ? 0.167   -12.203 -16.574 1.00 29.00 ? 416 HOH A O   1 
HETATM 1279 O  O   . HOH C 3 .   ? -8.438  -8.267  4.995   1.00 22.74 ? 417 HOH A O   1 
HETATM 1280 O  O   . HOH C 3 .   ? -7.736  1.314   18.351  1.00 31.18 ? 418 HOH A O   1 
HETATM 1281 O  O   . HOH C 3 .   ? 9.630   -0.831  10.736  1.00 16.36 ? 419 HOH A O   1 
HETATM 1282 O  O   . HOH C 3 .   ? -7.993  12.614  3.251   1.00 33.10 ? 420 HOH A O   1 
HETATM 1283 O  O   . HOH C 3 .   ? 6.700   9.264   -5.450  1.00 25.84 ? 421 HOH A O   1 
HETATM 1284 O  O   . HOH C 3 .   ? -5.928  -8.668  9.203   1.00 15.34 ? 422 HOH A O   1 
HETATM 1285 O  O   . HOH C 3 .   ? 4.912   12.691  10.865  1.00 21.00 ? 423 HOH A O   1 
HETATM 1286 O  O   . HOH C 3 .   ? -13.172 -3.480  9.416   1.00 23.39 ? 424 HOH A O   1 
HETATM 1287 O  O   . HOH C 3 .   ? 15.561  -0.825  -4.279  1.00 22.98 ? 425 HOH A O   1 
HETATM 1288 O  O   . HOH C 3 .   ? 12.544  6.102   -3.311  1.00 18.23 ? 426 HOH A O   1 
HETATM 1289 O  O   . HOH C 3 .   ? 3.051   13.134  18.262  1.00 17.72 ? 427 HOH A O   1 
HETATM 1290 O  O   . HOH C 3 .   ? 7.958   -15.250 0.058   1.00 25.12 ? 428 HOH A O   1 
HETATM 1291 O  O   . HOH C 3 .   ? 1.778   4.557   -19.296 1.00 49.89 ? 429 HOH A O   1 
HETATM 1292 O  O   . HOH C 3 .   ? 14.034  -4.653  -9.618  1.00 36.23 ? 430 HOH A O   1 
HETATM 1293 O  O   . HOH C 3 .   ? 4.937   14.283  8.556   1.00 27.26 ? 431 HOH A O   1 
HETATM 1294 O  O   . HOH C 3 .   ? -5.324  -5.187  12.983  1.00 16.10 ? 432 HOH A O   1 
HETATM 1295 O  O   . HOH C 3 .   ? -5.779  10.578  -2.707  1.00 18.17 ? 433 HOH A O   1 
HETATM 1296 O  O   . HOH C 3 .   ? -9.445  -2.311  -8.340  1.00 17.56 ? 434 HOH A O   1 
HETATM 1297 O  O   . HOH C 3 .   ? -11.368 18.549  7.970   1.00 36.57 ? 435 HOH A O   1 
HETATM 1298 O  O   . HOH C 3 .   ? 3.628   16.651  0.428   1.00 25.20 ? 436 HOH A O   1 
HETATM 1299 O  O   . HOH C 3 .   ? -3.220  -17.078 -11.629 1.00 31.53 ? 437 HOH A O   1 
HETATM 1300 O  O   . HOH C 3 .   ? -12.952 -6.008  -4.608  1.00 20.88 ? 438 HOH A O   1 
HETATM 1301 O  O   . HOH C 3 .   ? -4.709  7.481   17.347  1.00 21.16 ? 439 HOH A O   1 
HETATM 1302 O  O   . HOH C 3 .   ? -2.976  17.617  5.386   1.00 29.25 ? 440 HOH A O   1 
HETATM 1303 O  O   . HOH C 3 .   ? 10.125  -9.907  3.230   1.00 34.95 ? 441 HOH A O   1 
HETATM 1304 O  O   . HOH C 3 .   ? -2.840  9.459   17.858  1.00 21.99 ? 442 HOH A O   1 
HETATM 1305 O  O   . HOH C 3 .   ? -17.335 2.464   -3.145  1.00 43.87 ? 443 HOH A O   1 
HETATM 1306 O  O   . HOH C 3 .   ? -14.340 -2.701  -4.035  1.00 28.11 ? 444 HOH A O   1 
HETATM 1307 O  O   . HOH C 3 .   ? -6.600  4.110   19.918  1.00 24.94 ? 445 HOH A O   1 
HETATM 1308 O  O   . HOH C 3 .   ? -2.437  6.072   20.266  1.00 33.69 ? 446 HOH A O   1 
HETATM 1309 O  O   . HOH C 3 .   ? 4.342   14.171  13.659  1.00 29.21 ? 447 HOH A O   1 
HETATM 1310 O  O   . HOH C 3 .   ? -9.181  1.881   -18.984 1.00 35.82 ? 448 HOH A O   1 
HETATM 1311 O  O   . HOH C 3 .   ? -13.816 -0.874  -6.665  1.00 22.72 ? 449 HOH A O   1 
HETATM 1312 O  O   . HOH C 3 .   ? -0.606  17.562  7.273   1.00 38.89 ? 450 HOH A O   1 
HETATM 1313 O  O   . HOH C 3 .   ? 9.980   -0.177  15.153  1.00 28.80 ? 451 HOH A O   1 
HETATM 1314 O  O   . HOH C 3 .   ? 5.512   10.030  -3.058  1.00 19.37 ? 452 HOH A O   1 
HETATM 1315 O  O   . HOH C 3 .   ? -7.680  12.480  -1.705  1.00 18.48 ? 453 HOH A O   1 
HETATM 1316 O  O   . HOH C 3 .   ? -11.035 13.452  1.248   1.00 33.25 ? 454 HOH A O   1 
HETATM 1317 O  O   . HOH C 3 .   ? 12.525  10.624  -4.839  1.00 44.03 ? 455 HOH A O   1 
HETATM 1318 O  O   . HOH C 3 .   ? 1.391   14.550  12.850  1.00 34.23 ? 456 HOH A O   1 
HETATM 1319 O  O   . HOH C 3 .   ? -6.008  8.923   14.915  1.00 24.91 ? 457 HOH A O   1 
HETATM 1320 O  O   . HOH C 3 .   ? -14.320 9.074   -6.990  1.00 29.07 ? 458 HOH A O   1 
HETATM 1321 O  O   . HOH C 3 .   ? -10.502 13.073  -1.506  1.00 20.75 ? 459 HOH A O   1 
HETATM 1322 O  O   . HOH C 3 .   ? 4.016   -7.976  -21.973 1.00 35.98 ? 460 HOH A O   1 
HETATM 1323 O  O   . HOH C 3 .   ? -15.888 -1.538  7.343   1.00 34.80 ? 461 HOH A O   1 
HETATM 1324 O  O   . HOH C 3 .   ? -10.477 -14.454 -7.948  1.00 30.58 ? 462 HOH A O   1 
HETATM 1325 O  O   . HOH C 3 .   ? -16.425 -0.469  -5.952  1.00 27.43 ? 463 HOH A O   1 
HETATM 1326 O  O   . HOH C 3 .   ? 4.672   -15.432 -13.727 1.00 25.34 ? 464 HOH A O   1 
HETATM 1327 O  O   . HOH C 3 .   ? -11.237 0.326   -12.160 1.00 26.86 ? 465 HOH A O   1 
HETATM 1328 O  O   . HOH C 3 .   ? -16.215 -3.065  9.855   1.00 42.19 ? 466 HOH A O   1 
HETATM 1329 O  O   . HOH C 3 .   ? -5.711  13.654  -3.050  1.00 23.27 ? 467 HOH A O   1 
HETATM 1330 O  O   . HOH C 3 .   ? -13.088 1.281   -8.537  1.00 27.82 ? 468 HOH A O   1 
HETATM 1331 O  O   . HOH C 3 .   ? -12.885 -7.129  -0.285  1.00 40.14 ? 469 HOH A O   1 
HETATM 1332 O  O   . HOH C 3 .   ? 9.977   -16.741 -7.272  1.00 26.14 ? 470 HOH A O   1 
HETATM 1333 O  O   . HOH C 3 .   ? -12.299 12.359  -3.377  1.00 24.28 ? 471 HOH A O   1 
HETATM 1334 O  O   . HOH C 3 .   ? -2.112  -5.752  -20.545 1.00 32.72 ? 472 HOH A O   1 
HETATM 1335 O  O   . HOH C 3 .   ? -8.458  -10.593 -15.239 1.00 46.13 ? 473 HOH A O   1 
HETATM 1336 O  O   . HOH C 3 .   ? 11.924  -4.060  20.000  1.00 31.79 ? 474 HOH A O   1 
HETATM 1337 O  O   . HOH C 3 .   ? -13.206 8.268   -9.529  1.00 32.22 ? 475 HOH A O   1 
HETATM 1338 O  O   . HOH C 3 .   ? -4.704  -20.771 -0.830  1.00 30.52 ? 476 HOH A O   1 
HETATM 1339 O  O   . HOH C 3 .   ? -5.806  5.696   -16.462 1.00 32.84 ? 477 HOH A O   1 
HETATM 1340 O  O   . HOH C 3 .   ? -15.594 -2.092  0.093   1.00 31.30 ? 478 HOH A O   1 
HETATM 1341 O  O   . HOH C 3 .   ? -11.722 -13.096 -3.837  1.00 33.07 ? 479 HOH A O   1 
HETATM 1342 O  O   . HOH C 3 .   ? -13.761 -5.350  -1.935  1.00 25.52 ? 480 HOH A O   1 
HETATM 1343 O  O   . HOH C 3 .   ? 11.423  -2.477  9.677   1.00 24.66 ? 481 HOH A O   1 
HETATM 1344 O  O   . HOH C 3 .   ? -3.773  8.975   -11.705 1.00 34.95 ? 482 HOH A O   1 
HETATM 1345 O  O   . HOH C 3 .   ? -2.410  8.390   -14.034 1.00 37.07 ? 483 HOH A O   1 
HETATM 1346 O  O   . HOH C 3 .   ? -0.253  18.753  -1.486  1.00 24.88 ? 484 HOH A O   1 
HETATM 1347 O  O   . HOH C 3 .   ? -11.344 18.536  1.244   1.00 35.74 ? 485 HOH A O   1 
HETATM 1348 O  O   . HOH C 3 .   ? 1.910   18.984  0.772   1.00 44.56 ? 486 HOH A O   1 
# 
